data_4TW6
# 
_entry.id   4TW6 
# 
_audit_conform.dict_name       mmcif_pdbx.dic 
_audit_conform.dict_version    5.383 
_audit_conform.dict_location   http://mmcif.pdb.org/dictionaries/ascii/mmcif_pdbx.dic 
# 
loop_
_database_2.database_id 
_database_2.database_code 
_database_2.pdbx_database_accession 
_database_2.pdbx_DOI 
PDB   4TW6         pdb_00004tw6 10.2210/pdb4tw6/pdb 
WWPDB D_1000202364 ?            ?                   
# 
_pdbx_database_status.status_code                     REL 
_pdbx_database_status.status_code_sf                  REL 
_pdbx_database_status.status_code_mr                  ? 
_pdbx_database_status.entry_id                        4TW6 
_pdbx_database_status.recvd_initial_deposition_date   2014-06-30 
_pdbx_database_status.SG_entry                        N 
_pdbx_database_status.deposit_site                    RCSB 
_pdbx_database_status.process_site                    PDBE 
_pdbx_database_status.status_code_cs                  ? 
_pdbx_database_status.methods_development_category    ? 
_pdbx_database_status.pdb_format_compatible           Y 
_pdbx_database_status.status_code_nmr_data            ? 
# 
loop_
_audit_author.name 
_audit_author.pdbx_ordinal 
'Gaali, S.'             1  
'Kirschner, A.'         2  
'Cuboni, S.'            3  
'Hartmann, J.'          4  
'Kozany, C.'            5  
'Balsevich, G.'         6  
'Namendorf, C.'         7  
'Fernandez-Vizarra, P.' 8  
'Almeida, O.F.X.'       9  
'Ruehter, G.'           10 
'Uhr, M.'               11 
'Schmidt, M.V.'         12 
'Touma, C.'             13 
'Bracher, A.'           14 
'Hausch, F.'            15 
# 
loop_
_citation.abstract 
_citation.abstract_id_CAS 
_citation.book_id_ISBN 
_citation.book_publisher 
_citation.book_publisher_city 
_citation.book_title 
_citation.coordinate_linkage 
_citation.country 
_citation.database_id_Medline 
_citation.details 
_citation.id 
_citation.journal_abbrev 
_citation.journal_id_ASTM 
_citation.journal_id_CSD 
_citation.journal_id_ISSN 
_citation.journal_full 
_citation.journal_issue 
_citation.journal_volume 
_citation.language 
_citation.page_first 
_citation.page_last 
_citation.title 
_citation.year 
_citation.database_id_CSD 
_citation.pdbx_database_id_DOI 
_citation.pdbx_database_id_PubMed 
_citation.unpublished_flag 
? ? ? ? ? ? ? US ? ? primary Nat.Chem.Biol.                        ?      ?    1552-4469 ? ? 11 ? 33  37  
'Selective inhibitors of the FK506-binding protein 51 by induced fit.'                     2015 ? 10.1038/nchembio.1699     
25436518 ? 
? ? ? ? ? ? ? DK ? ? 1       'Acta Crystallogr D Biol Crystallogr' ABCRE6 0766 0907-4449 ? ? 67 ? 549 559 
'Structural characterization of the PPIase domain of FKBP51, a cochaperone of human Hsp90' 2011 ? 10.1107/s0907444911013862 
21636895 ? 
# 
loop_
_citation_author.citation_id 
_citation_author.name 
_citation_author.ordinal 
_citation_author.identifier_ORCID 
primary 'Gaali, S.'             1  ? 
primary 'Kirschner, A.'         2  ? 
primary 'Cuboni, S.'            3  ? 
primary 'Hartmann, J.'          4  ? 
primary 'Kozany, C.'            5  ? 
primary 'Balsevich, G.'         6  ? 
primary 'Namendorf, C.'         7  ? 
primary 'Fernandez-Vizarra, P.' 8  ? 
primary 'Sippel, C.'            9  ? 
primary 'Zannas, A.S.'          10 ? 
primary 'Draenert, R.'          11 ? 
primary 'Binder, E.B.'          12 ? 
primary 'Almeida, O.F.'         13 ? 
primary 'Ruhter, G.'            14 ? 
primary 'Uhr, M.'               15 ? 
primary 'Schmidt, M.V.'         16 ? 
primary 'Touma, C.'             17 ? 
primary 'Bracher, A.'           18 ? 
primary 'Hausch, F.'            19 ? 
1       'Bracher, A.'           20 ? 
1       'Kozany, C.'            21 ? 
1       'Thost, A.-K.'          22 ? 
1       'Hausch, F.'            23 ? 
# 
_cell.length_a           44.995 
_cell.length_b           48.552 
_cell.length_c           56.666 
_cell.angle_alpha        90.000 
_cell.angle_beta         90.000 
_cell.angle_gamma        90.000 
_cell.entry_id           4TW6 
_cell.Z_PDB              4 
_cell.pdbx_unique_axis   ? 
# 
_symmetry.entry_id                         4TW6 
_symmetry.cell_setting                     ? 
_symmetry.Int_Tables_number                19 
_symmetry.space_group_name_Hall            ? 
_symmetry.space_group_name_H-M             'P 21 21 21' 
_symmetry.pdbx_full_space_group_name_H-M   ? 
# 
loop_
_entity.id 
_entity.type 
_entity.src_method 
_entity.pdbx_description 
_entity.formula_weight 
_entity.pdbx_number_of_molecules 
_entity.pdbx_ec 
_entity.pdbx_mutation 
_entity.pdbx_fragment 
_entity.details 
1 polymer     man 'Peptidyl-prolyl cis-trans isomerase FKBP5' 14026.077 1   5.2.1.8 A19T ? ? 
2 non-polymer syn 
;(3-{(1R)-3-(3,4-dimethoxyphenyl)-1-[({(2S)-1-[(2S)-2-(3,4,5-trimethoxyphenyl)pent-4-enoyl]piperidin-2-yl}carbonyl)oxy]propyl}phenoxy)acetic acid
;
705.791   1   ?       ?    ? ? 
3 non-polymer syn GLYCEROL 92.094    1   ?       ?    ? ? 
4 non-polymer syn 'SODIUM ION' 22.990    1   ?       ?    ? ? 
5 water       nat water 18.015    192 ?       ?    ? ? 
# 
_entity_name_com.entity_id   1 
_entity_name_com.name        
;PPIase FKBP5,51 kDa FK506-binding protein,FKBP-51,54 kDa progesterone receptor-associated immunophilin,Androgen-regulated protein 6,FF1 antigen,FK506-binding protein 5,FKBP-5,FKBP54,p54,HSP90-binding immunophilin,Rotamase
;
# 
_entity_poly.entity_id                      1 
_entity_poly.type                           'polypeptide(L)' 
_entity_poly.nstd_linkage                   no 
_entity_poly.nstd_monomer                   no 
_entity_poly.pdbx_seq_one_letter_code       
;GAPATVTEQGEDITSKKDRGVLKIVKRVGNGEETPMIGDKVYVHYKGKLSNGKKFDSSHDRNEPFVFSLGKGQVIKAWDI
GVATMKKGEICHLLCKPEYAYGSAGSLPKIPSNATLFFEIELLDFKGE
;
_entity_poly.pdbx_seq_one_letter_code_can   
;GAPATVTEQGEDITSKKDRGVLKIVKRVGNGEETPMIGDKVYVHYKGKLSNGKKFDSSHDRNEPFVFSLGKGQVIKAWDI
GVATMKKGEICHLLCKPEYAYGSAGSLPKIPSNATLFFEIELLDFKGE
;
_entity_poly.pdbx_strand_id                 A 
_entity_poly.pdbx_target_identifier         Q13451 
# 
loop_
_entity_poly_seq.entity_id 
_entity_poly_seq.num 
_entity_poly_seq.mon_id 
_entity_poly_seq.hetero 
1 1   GLY n 
1 2   ALA n 
1 3   PRO n 
1 4   ALA n 
1 5   THR n 
1 6   VAL n 
1 7   THR n 
1 8   GLU n 
1 9   GLN n 
1 10  GLY n 
1 11  GLU n 
1 12  ASP n 
1 13  ILE n 
1 14  THR n 
1 15  SER n 
1 16  LYS n 
1 17  LYS n 
1 18  ASP n 
1 19  ARG n 
1 20  GLY n 
1 21  VAL n 
1 22  LEU n 
1 23  LYS n 
1 24  ILE n 
1 25  VAL n 
1 26  LYS n 
1 27  ARG n 
1 28  VAL n 
1 29  GLY n 
1 30  ASN n 
1 31  GLY n 
1 32  GLU n 
1 33  GLU n 
1 34  THR n 
1 35  PRO n 
1 36  MET n 
1 37  ILE n 
1 38  GLY n 
1 39  ASP n 
1 40  LYS n 
1 41  VAL n 
1 42  TYR n 
1 43  VAL n 
1 44  HIS n 
1 45  TYR n 
1 46  LYS n 
1 47  GLY n 
1 48  LYS n 
1 49  LEU n 
1 50  SER n 
1 51  ASN n 
1 52  GLY n 
1 53  LYS n 
1 54  LYS n 
1 55  PHE n 
1 56  ASP n 
1 57  SER n 
1 58  SER n 
1 59  HIS n 
1 60  ASP n 
1 61  ARG n 
1 62  ASN n 
1 63  GLU n 
1 64  PRO n 
1 65  PHE n 
1 66  VAL n 
1 67  PHE n 
1 68  SER n 
1 69  LEU n 
1 70  GLY n 
1 71  LYS n 
1 72  GLY n 
1 73  GLN n 
1 74  VAL n 
1 75  ILE n 
1 76  LYS n 
1 77  ALA n 
1 78  TRP n 
1 79  ASP n 
1 80  ILE n 
1 81  GLY n 
1 82  VAL n 
1 83  ALA n 
1 84  THR n 
1 85  MET n 
1 86  LYS n 
1 87  LYS n 
1 88  GLY n 
1 89  GLU n 
1 90  ILE n 
1 91  CYS n 
1 92  HIS n 
1 93  LEU n 
1 94  LEU n 
1 95  CYS n 
1 96  LYS n 
1 97  PRO n 
1 98  GLU n 
1 99  TYR n 
1 100 ALA n 
1 101 TYR n 
1 102 GLY n 
1 103 SER n 
1 104 ALA n 
1 105 GLY n 
1 106 SER n 
1 107 LEU n 
1 108 PRO n 
1 109 LYS n 
1 110 ILE n 
1 111 PRO n 
1 112 SER n 
1 113 ASN n 
1 114 ALA n 
1 115 THR n 
1 116 LEU n 
1 117 PHE n 
1 118 PHE n 
1 119 GLU n 
1 120 ILE n 
1 121 GLU n 
1 122 LEU n 
1 123 LEU n 
1 124 ASP n 
1 125 PHE n 
1 126 LYS n 
1 127 GLY n 
1 128 GLU n 
# 
_entity_src_gen.entity_id                          1 
_entity_src_gen.pdbx_src_id                        1 
_entity_src_gen.pdbx_alt_source_flag               sample 
_entity_src_gen.pdbx_seq_type                      'Biological sequence' 
_entity_src_gen.pdbx_beg_seq_num                   1 
_entity_src_gen.pdbx_end_seq_num                   128 
_entity_src_gen.gene_src_common_name               Human 
_entity_src_gen.gene_src_genus                     ? 
_entity_src_gen.pdbx_gene_src_gene                 'FKBP5, AIG6, FKBP51' 
_entity_src_gen.gene_src_species                   ? 
_entity_src_gen.gene_src_strain                    ? 
_entity_src_gen.gene_src_tissue                    ? 
_entity_src_gen.gene_src_tissue_fraction           ? 
_entity_src_gen.gene_src_details                   ? 
_entity_src_gen.pdbx_gene_src_fragment             ? 
_entity_src_gen.pdbx_gene_src_scientific_name      'Homo sapiens' 
_entity_src_gen.pdbx_gene_src_ncbi_taxonomy_id     9606 
_entity_src_gen.pdbx_gene_src_variant              CodonPlus-RIL 
_entity_src_gen.pdbx_gene_src_cell_line            ? 
_entity_src_gen.pdbx_gene_src_atcc                 ? 
_entity_src_gen.pdbx_gene_src_organ                ? 
_entity_src_gen.pdbx_gene_src_organelle            ? 
_entity_src_gen.pdbx_gene_src_cell                 ? 
_entity_src_gen.pdbx_gene_src_cellular_location    ? 
_entity_src_gen.host_org_common_name               ? 
_entity_src_gen.pdbx_host_org_scientific_name      'Escherichia coli BL21(DE3)' 
_entity_src_gen.pdbx_host_org_ncbi_taxonomy_id     469008 
_entity_src_gen.host_org_genus                     ? 
_entity_src_gen.pdbx_host_org_gene                 ? 
_entity_src_gen.pdbx_host_org_organ                ? 
_entity_src_gen.host_org_species                   ? 
_entity_src_gen.pdbx_host_org_tissue               ? 
_entity_src_gen.pdbx_host_org_tissue_fraction      ? 
_entity_src_gen.pdbx_host_org_strain               ? 
_entity_src_gen.pdbx_host_org_variant              ? 
_entity_src_gen.pdbx_host_org_cell_line            ? 
_entity_src_gen.pdbx_host_org_atcc                 ? 
_entity_src_gen.pdbx_host_org_culture_collection   ? 
_entity_src_gen.pdbx_host_org_cell                 ? 
_entity_src_gen.pdbx_host_org_organelle            ? 
_entity_src_gen.pdbx_host_org_cellular_location    ? 
_entity_src_gen.pdbx_host_org_vector_type          Plasmid 
_entity_src_gen.pdbx_host_org_vector               ? 
_entity_src_gen.host_org_details                   ? 
_entity_src_gen.expression_system_id               ? 
_entity_src_gen.plasmid_name                       pProEx-HtB 
_entity_src_gen.plasmid_details                    ? 
_entity_src_gen.pdbx_description                   ? 
# 
_struct_ref.id                         1 
_struct_ref.db_name                    UNP 
_struct_ref.db_code                    FKBP5_HUMAN 
_struct_ref.pdbx_db_accession          Q13451 
_struct_ref.entity_id                  1 
_struct_ref.pdbx_seq_one_letter_code   
;ATVAEQGEDITSKKDRGVLKIVKRVGNGEETPMIGDKVYVHYKGKLSNGKKFDSSHDRNEPFVFSLGKGQVIKAWDIGVA
TMKKGEICHLLCKPEYAYGSAGSLPKIPSNATLFFEIELLDFKGE
;
_struct_ref.pdbx_align_begin           16 
_struct_ref.pdbx_db_isoform            ? 
# 
_struct_ref_seq.align_id                      1 
_struct_ref_seq.ref_id                        1 
_struct_ref_seq.pdbx_PDB_id_code              4TW6 
_struct_ref_seq.pdbx_strand_id                A 
_struct_ref_seq.seq_align_beg                 4 
_struct_ref_seq.pdbx_seq_align_beg_ins_code   ? 
_struct_ref_seq.seq_align_end                 128 
_struct_ref_seq.pdbx_seq_align_end_ins_code   ? 
_struct_ref_seq.pdbx_db_accession             Q13451 
_struct_ref_seq.db_align_beg                  16 
_struct_ref_seq.pdbx_db_align_beg_ins_code    ? 
_struct_ref_seq.db_align_end                  140 
_struct_ref_seq.pdbx_db_align_end_ins_code    ? 
_struct_ref_seq.pdbx_auth_seq_align_beg       16 
_struct_ref_seq.pdbx_auth_seq_align_end       140 
# 
loop_
_struct_ref_seq_dif.align_id 
_struct_ref_seq_dif.pdbx_pdb_id_code 
_struct_ref_seq_dif.mon_id 
_struct_ref_seq_dif.pdbx_pdb_strand_id 
_struct_ref_seq_dif.seq_num 
_struct_ref_seq_dif.pdbx_pdb_ins_code 
_struct_ref_seq_dif.pdbx_seq_db_name 
_struct_ref_seq_dif.pdbx_seq_db_accession_code 
_struct_ref_seq_dif.db_mon_id 
_struct_ref_seq_dif.pdbx_seq_db_seq_num 
_struct_ref_seq_dif.details 
_struct_ref_seq_dif.pdbx_auth_seq_num 
_struct_ref_seq_dif.pdbx_ordinal 
1 4TW6 GLY A 1 ? UNP Q13451 ?   ?  'expression tag'      13 1 
1 4TW6 ALA A 2 ? UNP Q13451 ?   ?  'expression tag'      14 2 
1 4TW6 PRO A 3 ? UNP Q13451 ?   ?  'expression tag'      15 3 
1 4TW6 THR A 7 ? UNP Q13451 ALA 19 'engineered mutation' 19 4 
# 
loop_
_chem_comp.id 
_chem_comp.type 
_chem_comp.mon_nstd_flag 
_chem_comp.name 
_chem_comp.pdbx_synonyms 
_chem_comp.formula 
_chem_comp.formula_weight 
37L non-polymer         . 
;(3-{(1R)-3-(3,4-dimethoxyphenyl)-1-[({(2S)-1-[(2S)-2-(3,4,5-trimethoxyphenyl)pent-4-enoyl]piperidin-2-yl}carbonyl)oxy]propyl}phenoxy)acetic acid
;
?                               'C39 H47 N O11'  705.791 
ALA 'L-peptide linking' y ALANINE ?                               'C3 H7 N O2'     89.093  
ARG 'L-peptide linking' y ARGININE ?                               'C6 H15 N4 O2 1' 175.209 
ASN 'L-peptide linking' y ASPARAGINE ?                               'C4 H8 N2 O3'    132.118 
ASP 'L-peptide linking' y 'ASPARTIC ACID' ?                               'C4 H7 N O4'     133.103 
CYS 'L-peptide linking' y CYSTEINE ?                               'C3 H7 N O2 S'   121.158 
GLN 'L-peptide linking' y GLUTAMINE ?                               'C5 H10 N2 O3'   146.144 
GLU 'L-peptide linking' y 'GLUTAMIC ACID' ?                               'C5 H9 N O4'     147.129 
GLY 'peptide linking'   y GLYCINE ?                               'C2 H5 N O2'     75.067  
GOL non-polymer         . GLYCEROL 'GLYCERIN; PROPANE-1,2,3-TRIOL' 'C3 H8 O3'       92.094  
HIS 'L-peptide linking' y HISTIDINE ?                               'C6 H10 N3 O2 1' 156.162 
HOH non-polymer         . WATER ?                               'H2 O'           18.015  
ILE 'L-peptide linking' y ISOLEUCINE ?                               'C6 H13 N O2'    131.173 
LEU 'L-peptide linking' y LEUCINE ?                               'C6 H13 N O2'    131.173 
LYS 'L-peptide linking' y LYSINE ?                               'C6 H15 N2 O2 1' 147.195 
MET 'L-peptide linking' y METHIONINE ?                               'C5 H11 N O2 S'  149.211 
NA  non-polymer         . 'SODIUM ION' ?                               'Na 1'           22.990  
PHE 'L-peptide linking' y PHENYLALANINE ?                               'C9 H11 N O2'    165.189 
PRO 'L-peptide linking' y PROLINE ?                               'C5 H9 N O2'     115.130 
SER 'L-peptide linking' y SERINE ?                               'C3 H7 N O3'     105.093 
THR 'L-peptide linking' y THREONINE ?                               'C4 H9 N O3'     119.119 
TRP 'L-peptide linking' y TRYPTOPHAN ?                               'C11 H12 N2 O2'  204.225 
TYR 'L-peptide linking' y TYROSINE ?                               'C9 H11 N O3'    181.189 
VAL 'L-peptide linking' y VALINE ?                               'C5 H11 N O2'    117.146 
# 
_exptl.absorpt_coefficient_mu     ? 
_exptl.absorpt_correction_T_max   ? 
_exptl.absorpt_correction_T_min   ? 
_exptl.absorpt_correction_type    ? 
_exptl.absorpt_process_details    ? 
_exptl.entry_id                   4TW6 
_exptl.crystals_number            1 
_exptl.details                    ? 
_exptl.method                     'X-RAY DIFFRACTION' 
_exptl.method_details             ? 
# 
_exptl_crystal.colour                      ? 
_exptl_crystal.density_diffrn              ? 
_exptl_crystal.density_Matthews            2.21 
_exptl_crystal.density_method              ? 
_exptl_crystal.density_percent_sol         44.25 
_exptl_crystal.description                 ? 
_exptl_crystal.F_000                       ? 
_exptl_crystal.id                          1 
_exptl_crystal.preparation                 ? 
_exptl_crystal.size_max                    ? 
_exptl_crystal.size_mid                    ? 
_exptl_crystal.size_min                    ? 
_exptl_crystal.size_rad                    ? 
_exptl_crystal.colour_lustre               ? 
_exptl_crystal.colour_modifier             ? 
_exptl_crystal.colour_primary              ? 
_exptl_crystal.density_meas                ? 
_exptl_crystal.density_meas_esd            ? 
_exptl_crystal.density_meas_gt             ? 
_exptl_crystal.density_meas_lt             ? 
_exptl_crystal.density_meas_temp           ? 
_exptl_crystal.density_meas_temp_esd       ? 
_exptl_crystal.density_meas_temp_gt        ? 
_exptl_crystal.density_meas_temp_lt        ? 
_exptl_crystal.pdbx_crystal_image_url      ? 
_exptl_crystal.pdbx_crystal_image_format   ? 
_exptl_crystal.pdbx_mosaicity              ? 
_exptl_crystal.pdbx_mosaicity_esd          ? 
# 
_exptl_crystal_grow.apparatus       ? 
_exptl_crystal_grow.atmosphere      ? 
_exptl_crystal_grow.crystal_id      1 
_exptl_crystal_grow.details         ? 
_exptl_crystal_grow.method          'VAPOR DIFFUSION, HANGING DROP' 
_exptl_crystal_grow.method_ref      ? 
_exptl_crystal_grow.pH              7.5 
_exptl_crystal_grow.pressure        ? 
_exptl_crystal_grow.pressure_esd    ? 
_exptl_crystal_grow.seeding         ? 
_exptl_crystal_grow.seeding_ref     ? 
_exptl_crystal_grow.temp            297 
_exptl_crystal_grow.temp_details    ? 
_exptl_crystal_grow.temp_esd        ? 
_exptl_crystal_grow.time            ? 
_exptl_crystal_grow.pdbx_details    '25 % PEG-3350, 0.2 M NH4-acetate and 0.1 M HEPES-NaOH pH 7.5' 
_exptl_crystal_grow.pdbx_pH_range   ? 
# 
_diffrn.ambient_environment    ? 
_diffrn.ambient_temp           100 
_diffrn.ambient_temp_details   ? 
_diffrn.ambient_temp_esd       ? 
_diffrn.crystal_id             1 
_diffrn.crystal_support        ? 
_diffrn.crystal_treatment      ? 
_diffrn.details                ? 
_diffrn.id                     1 
_diffrn.ambient_pressure       ? 
_diffrn.ambient_pressure_esd   ? 
_diffrn.ambient_pressure_gt    ? 
_diffrn.ambient_pressure_lt    ? 
_diffrn.ambient_temp_gt        ? 
_diffrn.ambient_temp_lt        ? 
# 
_diffrn_detector.details                      ? 
_diffrn_detector.detector                     CCD 
_diffrn_detector.diffrn_id                    1 
_diffrn_detector.type                         'ADSC QUANTUM 315r' 
_diffrn_detector.area_resol_mean              ? 
_diffrn_detector.dtime                        ? 
_diffrn_detector.pdbx_frames_total            ? 
_diffrn_detector.pdbx_collection_time_total   ? 
_diffrn_detector.pdbx_collection_date         2009-07-26 
# 
_diffrn_radiation.collimation                      ? 
_diffrn_radiation.diffrn_id                        1 
_diffrn_radiation.filter_edge                      ? 
_diffrn_radiation.inhomogeneity                    ? 
_diffrn_radiation.monochromator                    ? 
_diffrn_radiation.polarisn_norm                    ? 
_diffrn_radiation.polarisn_ratio                   ? 
_diffrn_radiation.probe                            ? 
_diffrn_radiation.type                             ? 
_diffrn_radiation.xray_symbol                      ? 
_diffrn_radiation.wavelength_id                    1 
_diffrn_radiation.pdbx_monochromatic_or_laue_m_l   M 
_diffrn_radiation.pdbx_wavelength_list             ? 
_diffrn_radiation.pdbx_wavelength                  ? 
_diffrn_radiation.pdbx_diffrn_protocol             'SINGLE WAVELENGTH' 
_diffrn_radiation.pdbx_analyzer                    ? 
_diffrn_radiation.pdbx_scattering_type             x-ray 
# 
_diffrn_radiation_wavelength.id           1 
_diffrn_radiation_wavelength.wavelength   1.000 
_diffrn_radiation_wavelength.wt           1.0 
# 
_diffrn_source.current                     ? 
_diffrn_source.details                     ? 
_diffrn_source.diffrn_id                   1 
_diffrn_source.power                       ? 
_diffrn_source.size                        ? 
_diffrn_source.source                      SYNCHROTRON 
_diffrn_source.target                      ? 
_diffrn_source.type                        'ESRF BEAMLINE ID29' 
_diffrn_source.voltage                     ? 
_diffrn_source.take-off_angle              ? 
_diffrn_source.pdbx_wavelength_list        1.000 
_diffrn_source.pdbx_wavelength             ? 
_diffrn_source.pdbx_synchrotron_beamline   ID29 
_diffrn_source.pdbx_synchrotron_site       ESRF 
# 
_reflns.B_iso_Wilson_estimate            11.745 
_reflns.entry_id                         4TW6 
_reflns.data_reduction_details           ? 
_reflns.data_reduction_method            ? 
_reflns.d_resolution_high                1.399 
_reflns.d_resolution_low                 44.995 
_reflns.details                          ? 
_reflns.limit_h_max                      ? 
_reflns.limit_h_min                      ? 
_reflns.limit_k_max                      ? 
_reflns.limit_k_min                      ? 
_reflns.limit_l_max                      ? 
_reflns.limit_l_min                      ? 
_reflns.number_all                       25180 
_reflns.number_obs                       25180 
_reflns.observed_criterion               ? 
_reflns.observed_criterion_F_max         ? 
_reflns.observed_criterion_F_min         ? 
_reflns.observed_criterion_I_max         ? 
_reflns.observed_criterion_I_min         ? 
_reflns.observed_criterion_sigma_F       ? 
_reflns.observed_criterion_sigma_I       ? 
_reflns.percent_possible_obs             99.800 
_reflns.R_free_details                   ? 
_reflns.Rmerge_F_all                     ? 
_reflns.Rmerge_F_obs                     ? 
_reflns.Friedel_coverage                 ? 
_reflns.number_gt                        ? 
_reflns.threshold_expression             ? 
_reflns.pdbx_redundancy                  7.000 
_reflns.pdbx_Rmerge_I_obs                0.058 
_reflns.pdbx_Rmerge_I_all                ? 
_reflns.pdbx_Rsym_value                  0.058 
_reflns.pdbx_netI_over_av_sigmaI         10.149 
_reflns.pdbx_netI_over_sigmaI            20.500 
_reflns.pdbx_res_netI_over_av_sigmaI_2   ? 
_reflns.pdbx_res_netI_over_sigmaI_2      ? 
_reflns.pdbx_chi_squared                 ? 
_reflns.pdbx_scaling_rejects             ? 
_reflns.pdbx_d_res_high_opt              ? 
_reflns.pdbx_d_res_low_opt               ? 
_reflns.pdbx_d_res_opt_method            ? 
_reflns.phase_calculation_details        ? 
_reflns.pdbx_Rrim_I_all                  0.068 
_reflns.pdbx_Rpim_I_all                  0.025 
_reflns.pdbx_d_opt                       ? 
_reflns.pdbx_number_measured_all         176199 
_reflns.pdbx_diffrn_id                   1 
_reflns.pdbx_ordinal                     1 
_reflns.pdbx_CC_half                     ? 
_reflns.pdbx_R_split                     ? 
# 
loop_
_reflns_shell.d_res_high 
_reflns_shell.d_res_low 
_reflns_shell.meanI_over_sigI_all 
_reflns_shell.meanI_over_sigI_obs 
_reflns_shell.number_measured_all 
_reflns_shell.number_measured_obs 
_reflns_shell.number_possible 
_reflns_shell.number_unique_all 
_reflns_shell.number_unique_obs 
_reflns_shell.percent_possible_all 
_reflns_shell.percent_possible_obs 
_reflns_shell.Rmerge_F_all 
_reflns_shell.Rmerge_F_obs 
_reflns_shell.Rmerge_I_all 
_reflns_shell.Rmerge_I_obs 
_reflns_shell.meanI_over_sigI_gt 
_reflns_shell.meanI_over_uI_all 
_reflns_shell.meanI_over_uI_gt 
_reflns_shell.number_measured_gt 
_reflns_shell.number_unique_gt 
_reflns_shell.percent_possible_gt 
_reflns_shell.Rmerge_F_gt 
_reflns_shell.Rmerge_I_gt 
_reflns_shell.pdbx_redundancy 
_reflns_shell.pdbx_Rsym_value 
_reflns_shell.pdbx_chi_squared 
_reflns_shell.pdbx_netI_over_sigmaI_all 
_reflns_shell.pdbx_netI_over_sigmaI_obs 
_reflns_shell.pdbx_Rrim_I_all 
_reflns_shell.pdbx_Rpim_I_all 
_reflns_shell.pdbx_rejects 
_reflns_shell.pdbx_ordinal 
_reflns_shell.pdbx_diffrn_id 
_reflns_shell.pdbx_CC_half 
_reflns_shell.pdbx_R_split 
1.400 1.470  ? 1.400  24685 ? ? 3589 ? 98.700  ? ? ? ? 0.535 ? ? ? ? ? ? ? ? 6.900 0.535 ? ? 3.500  ? 0.233 0 1  1 ? ? 
1.470 1.560  ? 2.200  24111 ? ? 3421 ? 100.000 ? ? ? ? 0.356 ? ? ? ? ? ? ? ? 7.000 0.356 ? ? 5.300  ? 0.154 0 2  1 ? ? 
1.560 1.670  ? 3.300  22858 ? ? 3235 ? 100.000 ? ? ? ? 0.233 ? ? ? ? ? ? ? ? 7.100 0.233 ? ? 7.900  ? 0.100 0 3  1 ? ? 
1.670 1.810  ? 5.200  21303 ? ? 3006 ? 100.000 ? ? ? ? 0.149 ? ? ? ? ? ? ? ? 7.100 0.149 ? ? 11.800 ? 0.064 0 4  1 ? ? 
1.810 1.980  ? 8.900  19745 ? ? 2781 ? 100.000 ? ? ? ? 0.085 ? ? ? ? ? ? ? ? 7.100 0.085 ? ? 20.000 ? 0.037 0 5  1 ? ? 
1.980 2.210  ? 12.700 17943 ? ? 2541 ? 100.000 ? ? ? ? 0.056 ? ? ? ? ? ? ? ? 7.100 0.056 ? ? 28.600 ? 0.024 0 6  1 ? ? 
2.210 2.550  ? 15.100 15869 ? ? 2258 ? 100.000 ? ? ? ? 0.045 ? ? ? ? ? ? ? ? 7.000 0.045 ? ? 35.500 ? 0.019 0 7  1 ? ? 
2.550 3.130  ? 16.200 13183 ? ? 1927 ? 100.000 ? ? ? ? 0.037 ? ? ? ? ? ? ? ? 6.800 0.037 ? ? 42.900 ? 0.016 0 8  1 ? ? 
3.130 4.420  ? 22.300 10668 ? ? 1522 ? 100.000 ? ? ? ? 0.025 ? ? ? ? ? ? ? ? 7.000 0.025 ? ? 54.600 ? 0.011 0 9  1 ? ? 
4.420 44.995 ? 23.300 5834  ? ? 900  ? 99.800  ? ? ? ? 0.023 ? ? ? ? ? ? ? ? 6.500 0.023 ? ? 54.900 ? 0.010 0 10 1 ? ? 
# 
_refine.aniso_B[1][1]                            0.7700 
_refine.aniso_B[1][2]                            -0.0000 
_refine.aniso_B[1][3]                            -0.0000 
_refine.aniso_B[2][2]                            -0.6600 
_refine.aniso_B[2][3]                            -0.0000 
_refine.aniso_B[3][3]                            -0.1100 
_refine.B_iso_max                                62.540 
_refine.B_iso_mean                               14.1750 
_refine.B_iso_min                                5.370 
_refine.correlation_coeff_Fo_to_Fc               0.9710 
_refine.correlation_coeff_Fo_to_Fc_free          0.9570 
_refine.details                                  
'HYDROGENS HAVE BEEN ADDED IN THE RIDING POSITIONS U VALUES      : REFINED INDIVIDUALLY' 
_refine.diff_density_max                         ? 
_refine.diff_density_max_esd                     ? 
_refine.diff_density_min                         ? 
_refine.diff_density_min_esd                     ? 
_refine.diff_density_rms                         ? 
_refine.diff_density_rms_esd                     ? 
_refine.entry_id                                 4TW6 
_refine.pdbx_refine_id                           'X-RAY DIFFRACTION' 
_refine.ls_abs_structure_details                 ? 
_refine.ls_abs_structure_Flack                   ? 
_refine.ls_abs_structure_Flack_esd               ? 
_refine.ls_abs_structure_Rogers                  ? 
_refine.ls_abs_structure_Rogers_esd              ? 
_refine.ls_d_res_high                            1.4000 
_refine.ls_d_res_low                             20.0000 
_refine.ls_extinction_coef                       ? 
_refine.ls_extinction_coef_esd                   ? 
_refine.ls_extinction_expression                 ? 
_refine.ls_extinction_method                     ? 
_refine.ls_goodness_of_fit_all                   ? 
_refine.ls_goodness_of_fit_all_esd               ? 
_refine.ls_goodness_of_fit_obs                   ? 
_refine.ls_goodness_of_fit_obs_esd               ? 
_refine.ls_hydrogen_treatment                    ? 
_refine.ls_matrix_type                           ? 
_refine.ls_number_constraints                    ? 
_refine.ls_number_parameters                     ? 
_refine.ls_number_reflns_all                     ? 
_refine.ls_number_reflns_obs                     25101 
_refine.ls_number_reflns_R_free                  1266 
_refine.ls_number_reflns_R_work                  23835 
_refine.ls_number_restraints                     ? 
_refine.ls_percent_reflns_obs                    99.9600 
_refine.ls_percent_reflns_R_free                 5.0000 
_refine.ls_R_factor_all                          ? 
_refine.ls_R_factor_obs                          0.1526 
_refine.ls_R_factor_R_free                       0.1863 
_refine.ls_R_factor_R_free_error                 ? 
_refine.ls_R_factor_R_free_error_details         ? 
_refine.ls_R_factor_R_work                       0.1508 
_refine.ls_R_Fsqd_factor_obs                     ? 
_refine.ls_R_I_factor_obs                        ? 
_refine.ls_redundancy_reflns_all                 ? 
_refine.ls_redundancy_reflns_obs                 ? 
_refine.ls_restrained_S_all                      ? 
_refine.ls_restrained_S_obs                      ? 
_refine.ls_shift_over_esd_max                    ? 
_refine.ls_shift_over_esd_mean                   ? 
_refine.ls_structure_factor_coef                 ? 
_refine.ls_weighting_details                     ? 
_refine.ls_weighting_scheme                      ? 
_refine.ls_wR_factor_all                         ? 
_refine.ls_wR_factor_obs                         ? 
_refine.ls_wR_factor_R_free                      0.1849 
_refine.ls_wR_factor_R_work                      0.1483 
_refine.occupancy_max                            ? 
_refine.occupancy_min                            ? 
_refine.solvent_model_details                    MASK 
_refine.solvent_model_param_bsol                 ? 
_refine.solvent_model_param_ksol                 ? 
_refine.ls_R_factor_gt                           ? 
_refine.ls_goodness_of_fit_gt                    ? 
_refine.ls_goodness_of_fit_ref                   ? 
_refine.ls_shift_over_su_max                     ? 
_refine.ls_shift_over_su_max_lt                  ? 
_refine.ls_shift_over_su_mean                    ? 
_refine.ls_shift_over_su_mean_lt                 ? 
_refine.pdbx_ls_sigma_I                          ? 
_refine.pdbx_ls_sigma_F                          0.000 
_refine.pdbx_ls_sigma_Fsqd                       ? 
_refine.pdbx_data_cutoff_high_absF               ? 
_refine.pdbx_data_cutoff_high_rms_absF           ? 
_refine.pdbx_data_cutoff_low_absF                ? 
_refine.pdbx_isotropic_thermal_model             ? 
_refine.pdbx_ls_cross_valid_method               THROUGHOUT 
_refine.pdbx_method_to_determine_struct          'MOLECULAR REPLACEMENT' 
_refine.pdbx_starting_model                      3o5p 
_refine.pdbx_stereochemistry_target_values       'MAXIMUM LIKELIHOOD' 
_refine.pdbx_R_Free_selection_details            RANDOM 
_refine.pdbx_stereochem_target_val_spec_case     ? 
_refine.pdbx_overall_ESU_R                       0.0560 
_refine.pdbx_overall_ESU_R_Free                  0.0610 
_refine.pdbx_solvent_vdw_probe_radii             1.2000 
_refine.pdbx_solvent_ion_probe_radii             0.8000 
_refine.pdbx_solvent_shrinkage_radii             0.8000 
_refine.pdbx_real_space_R                        ? 
_refine.pdbx_density_correlation                 ? 
_refine.pdbx_pd_number_of_powder_patterns        ? 
_refine.pdbx_pd_number_of_points                 ? 
_refine.pdbx_pd_meas_number_of_points            ? 
_refine.pdbx_pd_proc_ls_prof_R_factor            ? 
_refine.pdbx_pd_proc_ls_prof_wR_factor           ? 
_refine.pdbx_pd_Marquardt_correlation_coeff      ? 
_refine.pdbx_pd_Fsqrd_R_factor                   ? 
_refine.pdbx_pd_ls_matrix_band_width             ? 
_refine.pdbx_overall_phase_error                 ? 
_refine.pdbx_overall_SU_R_free_Cruickshank_DPI   ? 
_refine.pdbx_overall_SU_R_free_Blow_DPI          ? 
_refine.pdbx_overall_SU_R_Blow_DPI               ? 
_refine.pdbx_TLS_residual_ADP_flag               ? 
_refine.pdbx_diffrn_id                           1 
_refine.overall_SU_B                             0.7900 
_refine.overall_SU_ML                            0.0330 
_refine.overall_SU_R_Cruickshank_DPI             0.0556 
_refine.overall_SU_R_free                        0.0610 
_refine.overall_FOM_free_R_set                   ? 
_refine.overall_FOM_work_R_set                   0.9144 
# 
_refine_hist.cycle_id                         final 
_refine_hist.pdbx_refine_id                   'X-RAY DIFFRACTION' 
_refine_hist.d_res_high                       1.4000 
_refine_hist.d_res_low                        20.0000 
_refine_hist.pdbx_number_atoms_ligand         58 
_refine_hist.number_atoms_solvent             194 
_refine_hist.number_atoms_total               1234 
_refine_hist.pdbx_number_residues_total       128 
_refine_hist.pdbx_B_iso_mean_ligand           11.80 
_refine_hist.pdbx_B_iso_mean_solvent          27.74 
_refine_hist.pdbx_number_atoms_protein        982 
_refine_hist.pdbx_number_atoms_nucleic_acid   0 
# 
loop_
_refine_ls_restr.pdbx_refine_id 
_refine_ls_restr.criterion 
_refine_ls_restr.dev_ideal 
_refine_ls_restr.dev_ideal_target 
_refine_ls_restr.number 
_refine_ls_restr.rejects 
_refine_ls_restr.type 
_refine_ls_restr.weight 
_refine_ls_restr.pdbx_restraint_function 
'X-RAY DIFFRACTION' ? 0.028  0.020  1089 ? r_bond_refined_d       ? ? 
'X-RAY DIFFRACTION' ? 0.001  0.020  1058 ? r_bond_other_d         ? ? 
'X-RAY DIFFRACTION' ? 2.601  2.041  1467 ? r_angle_refined_deg    ? ? 
'X-RAY DIFFRACTION' ? 0.969  3.006  2400 ? r_angle_other_deg      ? ? 
'X-RAY DIFFRACTION' ? 7.461  5.000  133  ? r_dihedral_angle_1_deg ? ? 
'X-RAY DIFFRACTION' ? 27.466 25.000 40   ? r_dihedral_angle_2_deg ? ? 
'X-RAY DIFFRACTION' ? 13.055 15.000 192  ? r_dihedral_angle_3_deg ? ? 
'X-RAY DIFFRACTION' ? 8.132  15.000 3    ? r_dihedral_angle_4_deg ? ? 
'X-RAY DIFFRACTION' ? 0.141  0.200  153  ? r_chiral_restr         ? ? 
'X-RAY DIFFRACTION' ? 0.014  0.021  1204 ? r_gen_planes_refined   ? ? 
'X-RAY DIFFRACTION' ? 0.001  0.020  214  ? r_gen_planes_other     ? ? 
# 
_refine_ls_shell.pdbx_refine_id                   'X-RAY DIFFRACTION' 
_refine_ls_shell.d_res_high                       1.4000 
_refine_ls_shell.d_res_low                        1.4360 
_refine_ls_shell.number_reflns_all                1815 
_refine_ls_shell.number_reflns_obs                ? 
_refine_ls_shell.number_reflns_R_free             112 
_refine_ls_shell.number_reflns_R_work             1703 
_refine_ls_shell.percent_reflns_obs               99.7300 
_refine_ls_shell.percent_reflns_R_free            ? 
_refine_ls_shell.R_factor_all                     ? 
_refine_ls_shell.R_factor_obs                     ? 
_refine_ls_shell.R_factor_R_free                  0.2660 
_refine_ls_shell.R_factor_R_free_error            ? 
_refine_ls_shell.R_factor_R_work                  0.2160 
_refine_ls_shell.redundancy_reflns_all            ? 
_refine_ls_shell.redundancy_reflns_obs            ? 
_refine_ls_shell.wR_factor_all                    ? 
_refine_ls_shell.wR_factor_obs                    ? 
_refine_ls_shell.wR_factor_R_free                 ? 
_refine_ls_shell.wR_factor_R_work                 ? 
_refine_ls_shell.pdbx_total_number_of_bins_used   20 
_refine_ls_shell.pdbx_phase_error                 ? 
# 
_struct.entry_id                     4TW6 
_struct.title                        'The Fk1 domain of FKBP51 in complex with iFit1' 
_struct.pdbx_model_details           ? 
_struct.pdbx_formula_weight          ? 
_struct.pdbx_formula_weight_method   ? 
_struct.pdbx_model_type_details      ? 
_struct.pdbx_CASP_flag               ? 
# 
_struct_keywords.entry_id        4TW6 
_struct_keywords.text            
'Fk-506 binding domain, Hsp90 cochaperone, immunophiline, peptidyl-prolyl isomerase, ligand selectivity, isomerase' 
_struct_keywords.pdbx_keywords   ISOMERASE 
# 
loop_
_struct_asym.id 
_struct_asym.pdbx_blank_PDB_chainid_flag 
_struct_asym.pdbx_modified 
_struct_asym.entity_id 
_struct_asym.details 
A N N 1 ? 
B N N 2 ? 
C N N 3 ? 
D N N 4 ? 
E N N 5 ? 
# 
_struct_biol.details                      'biological unit is the same as asym.' 
_struct_biol.id                           1 
_struct_biol.pdbx_parent_biol_id          ? 
_struct_biol.pdbx_formula_weight          ? 
_struct_biol.pdbx_formula_weight_method   ? 
_struct_biol.pdbx_aggregation_state       ? 
_struct_biol.pdbx_assembly_method         ? 
# 
loop_
_struct_conf.conf_type_id 
_struct_conf.id 
_struct_conf.pdbx_PDB_helix_id 
_struct_conf.beg_label_comp_id 
_struct_conf.beg_label_asym_id 
_struct_conf.beg_label_seq_id 
_struct_conf.pdbx_beg_PDB_ins_code 
_struct_conf.end_label_comp_id 
_struct_conf.end_label_asym_id 
_struct_conf.end_label_seq_id 
_struct_conf.pdbx_end_PDB_ins_code 
_struct_conf.beg_auth_comp_id 
_struct_conf.beg_auth_asym_id 
_struct_conf.beg_auth_seq_id 
_struct_conf.end_auth_comp_id 
_struct_conf.end_auth_asym_id 
_struct_conf.end_auth_seq_id 
_struct_conf.pdbx_PDB_helix_class 
_struct_conf.details 
_struct_conf.pdbx_PDB_helix_length 
HELX_P HELX_P1 AA1 GLY A 1  ? GLY A 10  ? GLY A 13  GLY A 22  1 ? 10 
HELX_P HELX_P2 AA2 ILE A 75 ? VAL A 82  ? ILE A 87  VAL A 94  1 ? 8  
HELX_P HELX_P3 AA3 ALA A 83 ? MET A 85  ? ALA A 95  MET A 97  5 ? 3  
HELX_P HELX_P4 AA4 PRO A 97 ? ALA A 100 ? PRO A 109 ALA A 112 5 ? 4  
# 
_struct_conf_type.id          HELX_P 
_struct_conf_type.criteria    ? 
_struct_conf_type.reference   ? 
# 
loop_
_struct_conn.id 
_struct_conn.conn_type_id 
_struct_conn.pdbx_leaving_atom_flag 
_struct_conn.pdbx_PDB_id 
_struct_conn.ptnr1_label_asym_id 
_struct_conn.ptnr1_label_comp_id 
_struct_conn.ptnr1_label_seq_id 
_struct_conn.ptnr1_label_atom_id 
_struct_conn.pdbx_ptnr1_label_alt_id 
_struct_conn.pdbx_ptnr1_PDB_ins_code 
_struct_conn.pdbx_ptnr1_standard_comp_id 
_struct_conn.ptnr1_symmetry 
_struct_conn.ptnr2_label_asym_id 
_struct_conn.ptnr2_label_comp_id 
_struct_conn.ptnr2_label_seq_id 
_struct_conn.ptnr2_label_atom_id 
_struct_conn.pdbx_ptnr2_label_alt_id 
_struct_conn.pdbx_ptnr2_PDB_ins_code 
_struct_conn.ptnr1_auth_asym_id 
_struct_conn.ptnr1_auth_comp_id 
_struct_conn.ptnr1_auth_seq_id 
_struct_conn.ptnr2_auth_asym_id 
_struct_conn.ptnr2_auth_comp_id 
_struct_conn.ptnr2_auth_seq_id 
_struct_conn.ptnr2_symmetry 
_struct_conn.pdbx_ptnr3_label_atom_id 
_struct_conn.pdbx_ptnr3_label_seq_id 
_struct_conn.pdbx_ptnr3_label_comp_id 
_struct_conn.pdbx_ptnr3_label_asym_id 
_struct_conn.pdbx_ptnr3_label_alt_id 
_struct_conn.pdbx_ptnr3_PDB_ins_code 
_struct_conn.details 
_struct_conn.pdbx_dist_value 
_struct_conn.pdbx_value_order 
_struct_conn.pdbx_role 
metalc1 metalc ? ? D NA . NA ? ? ? 1_555 E HOH . O ? ? A NA 203 A HOH 333 1_555 ? ? ? ? ? ? ? 2.132 ? ? 
metalc2 metalc ? ? D NA . NA ? ? ? 1_555 E HOH . O ? ? A NA 203 A HOH 394 2_455 ? ? ? ? ? ? ? 1.990 ? ? 
metalc3 metalc ? ? D NA . NA ? ? ? 1_555 E HOH . O ? ? A NA 203 A HOH 402 1_555 ? ? ? ? ? ? ? 2.484 ? ? 
# 
_struct_conn_type.id          metalc 
_struct_conn_type.criteria    ? 
_struct_conn_type.reference   ? 
# 
_struct_mon_prot_cis.pdbx_id                1 
_struct_mon_prot_cis.label_comp_id          LEU 
_struct_mon_prot_cis.label_seq_id           107 
_struct_mon_prot_cis.label_asym_id          A 
_struct_mon_prot_cis.label_alt_id           . 
_struct_mon_prot_cis.pdbx_PDB_ins_code      ? 
_struct_mon_prot_cis.auth_comp_id           LEU 
_struct_mon_prot_cis.auth_seq_id            119 
_struct_mon_prot_cis.auth_asym_id           A 
_struct_mon_prot_cis.pdbx_label_comp_id_2   PRO 
_struct_mon_prot_cis.pdbx_label_seq_id_2    108 
_struct_mon_prot_cis.pdbx_label_asym_id_2   A 
_struct_mon_prot_cis.pdbx_PDB_ins_code_2    ? 
_struct_mon_prot_cis.pdbx_auth_comp_id_2    PRO 
_struct_mon_prot_cis.pdbx_auth_seq_id_2     120 
_struct_mon_prot_cis.pdbx_auth_asym_id_2    A 
_struct_mon_prot_cis.pdbx_PDB_model_num     1 
_struct_mon_prot_cis.pdbx_omega_angle       5.04 
# 
loop_
_struct_sheet.id 
_struct_sheet.type 
_struct_sheet.number_strands 
_struct_sheet.details 
AA1 ? 6 ? 
AA2 ? 6 ? 
# 
loop_
_struct_sheet_order.sheet_id 
_struct_sheet_order.range_id_1 
_struct_sheet_order.range_id_2 
_struct_sheet_order.offset 
_struct_sheet_order.sense 
AA1 1 2 ? anti-parallel 
AA1 2 3 ? anti-parallel 
AA1 3 4 ? anti-parallel 
AA1 4 5 ? anti-parallel 
AA1 5 6 ? anti-parallel 
AA2 1 2 ? anti-parallel 
AA2 2 3 ? anti-parallel 
AA2 3 4 ? anti-parallel 
AA2 4 5 ? anti-parallel 
AA2 5 6 ? anti-parallel 
# 
loop_
_struct_sheet_range.sheet_id 
_struct_sheet_range.id 
_struct_sheet_range.beg_label_comp_id 
_struct_sheet_range.beg_label_asym_id 
_struct_sheet_range.beg_label_seq_id 
_struct_sheet_range.pdbx_beg_PDB_ins_code 
_struct_sheet_range.end_label_comp_id 
_struct_sheet_range.end_label_asym_id 
_struct_sheet_range.end_label_seq_id 
_struct_sheet_range.pdbx_end_PDB_ins_code 
_struct_sheet_range.beg_auth_comp_id 
_struct_sheet_range.beg_auth_asym_id 
_struct_sheet_range.beg_auth_seq_id 
_struct_sheet_range.end_auth_comp_id 
_struct_sheet_range.end_auth_asym_id 
_struct_sheet_range.end_auth_seq_id 
AA1 1 GLU A 11  ? ASP A 12  ? GLU A 23  ASP A 24  
AA1 2 VAL A 21  ? ARG A 27  ? VAL A 33  ARG A 39  
AA1 3 ILE A 90  ? CYS A 95  ? ILE A 102 CYS A 107 
AA1 4 LEU A 116 ? LYS A 126 ? LEU A 128 LYS A 138 
AA1 5 LYS A 40  ? LEU A 49  ? LYS A 52  LEU A 61  
AA1 6 ASP A 56  ? HIS A 59  ? ASP A 68  HIS A 71  
AA2 1 GLU A 11  ? ASP A 12  ? GLU A 23  ASP A 24  
AA2 2 VAL A 21  ? ARG A 27  ? VAL A 33  ARG A 39  
AA2 3 ILE A 90  ? CYS A 95  ? ILE A 102 CYS A 107 
AA2 4 LEU A 116 ? LYS A 126 ? LEU A 128 LYS A 138 
AA2 5 LYS A 40  ? LEU A 49  ? LYS A 52  LEU A 61  
AA2 6 PHE A 65  ? SER A 68  ? PHE A 77  SER A 80  
# 
loop_
_pdbx_struct_sheet_hbond.sheet_id 
_pdbx_struct_sheet_hbond.range_id_1 
_pdbx_struct_sheet_hbond.range_id_2 
_pdbx_struct_sheet_hbond.range_1_label_atom_id 
_pdbx_struct_sheet_hbond.range_1_label_comp_id 
_pdbx_struct_sheet_hbond.range_1_label_asym_id 
_pdbx_struct_sheet_hbond.range_1_label_seq_id 
_pdbx_struct_sheet_hbond.range_1_PDB_ins_code 
_pdbx_struct_sheet_hbond.range_1_auth_atom_id 
_pdbx_struct_sheet_hbond.range_1_auth_comp_id 
_pdbx_struct_sheet_hbond.range_1_auth_asym_id 
_pdbx_struct_sheet_hbond.range_1_auth_seq_id 
_pdbx_struct_sheet_hbond.range_2_label_atom_id 
_pdbx_struct_sheet_hbond.range_2_label_comp_id 
_pdbx_struct_sheet_hbond.range_2_label_asym_id 
_pdbx_struct_sheet_hbond.range_2_label_seq_id 
_pdbx_struct_sheet_hbond.range_2_PDB_ins_code 
_pdbx_struct_sheet_hbond.range_2_auth_atom_id 
_pdbx_struct_sheet_hbond.range_2_auth_comp_id 
_pdbx_struct_sheet_hbond.range_2_auth_asym_id 
_pdbx_struct_sheet_hbond.range_2_auth_seq_id 
AA1 1 2 N GLU A 11  ? N GLU A 23  O LYS A 23  ? O LYS A 35  
AA1 2 3 N LYS A 26  ? N LYS A 38  O ILE A 90  ? O ILE A 102 
AA1 3 4 N CYS A 95  ? N CYS A 107 O LEU A 116 ? O LEU A 128 
AA1 4 5 O GLU A 121 ? O GLU A 133 N HIS A 44  ? N HIS A 56  
AA1 5 6 N GLY A 47  ? N GLY A 59  O ASP A 56  ? O ASP A 68  
AA2 1 2 N GLU A 11  ? N GLU A 23  O LYS A 23  ? O LYS A 35  
AA2 2 3 N LYS A 26  ? N LYS A 38  O ILE A 90  ? O ILE A 102 
AA2 3 4 N CYS A 95  ? N CYS A 107 O LEU A 116 ? O LEU A 128 
AA2 4 5 O GLU A 121 ? O GLU A 133 N HIS A 44  ? N HIS A 56  
AA2 5 6 N VAL A 43  ? N VAL A 55  O PHE A 65  ? O PHE A 77  
# 
loop_
_struct_site.id 
_struct_site.pdbx_evidence_code 
_struct_site.pdbx_auth_asym_id 
_struct_site.pdbx_auth_comp_id 
_struct_site.pdbx_auth_seq_id 
_struct_site.pdbx_auth_ins_code 
_struct_site.pdbx_num_residues 
_struct_site.details 
AC1 Software A 37L 201 ? 24 'binding site for residue 37L A 201' 
AC2 Software A GOL 202 ? 8  'binding site for residue GOL A 202' 
AC3 Software A NA  203 ? 5  'binding site for residue NA A 203'  
# 
loop_
_struct_site_gen.id 
_struct_site_gen.site_id 
_struct_site_gen.pdbx_num_res 
_struct_site_gen.label_comp_id 
_struct_site_gen.label_asym_id 
_struct_site_gen.label_seq_id 
_struct_site_gen.pdbx_auth_ins_code 
_struct_site_gen.auth_comp_id 
_struct_site_gen.auth_asym_id 
_struct_site_gen.auth_seq_id 
_struct_site_gen.label_atom_id 
_struct_site_gen.label_alt_id 
_struct_site_gen.symmetry 
_struct_site_gen.details 
1  AC1 24 GLU A 8   ? GLU A 20  . ? 2_455 ? 
2  AC1 24 ARG A 19  ? ARG A 31  . ? 2_455 ? 
3  AC1 24 TYR A 45  ? TYR A 57  . ? 1_555 ? 
4  AC1 24 LYS A 48  ? LYS A 60  . ? 1_555 ? 
5  AC1 24 ASP A 56  ? ASP A 68  . ? 1_555 ? 
6  AC1 24 SER A 58  ? SER A 70  . ? 1_555 ? 
7  AC1 24 PHE A 65  ? PHE A 77  . ? 1_555 ? 
8  AC1 24 VAL A 66  ? VAL A 78  . ? 1_555 ? 
9  AC1 24 GLY A 72  ? GLY A 84  . ? 1_555 ? 
10 AC1 24 GLN A 73  ? GLN A 85  . ? 1_555 ? 
11 AC1 24 VAL A 74  ? VAL A 86  . ? 1_555 ? 
12 AC1 24 ILE A 75  ? ILE A 87  . ? 1_555 ? 
13 AC1 24 TRP A 78  ? TRP A 90  . ? 1_555 ? 
14 AC1 24 LYS A 96  ? LYS A 108 . ? 2_455 ? 
15 AC1 24 TYR A 101 ? TYR A 113 . ? 1_555 ? 
16 AC1 24 SER A 106 ? SER A 118 . ? 1_555 ? 
17 AC1 24 LYS A 109 ? LYS A 121 . ? 1_555 ? 
18 AC1 24 HOH E .   ? HOH A 321 . ? 1_555 ? 
19 AC1 24 HOH E .   ? HOH A 339 . ? 2_455 ? 
20 AC1 24 HOH E .   ? HOH A 353 . ? 1_555 ? 
21 AC1 24 HOH E .   ? HOH A 354 . ? 1_555 ? 
22 AC1 24 HOH E .   ? HOH A 359 . ? 1_555 ? 
23 AC1 24 HOH E .   ? HOH A 365 . ? 1_555 ? 
24 AC1 24 HOH E .   ? HOH A 380 . ? 1_555 ? 
25 AC2 8  HIS A 44  ? HIS A 56  . ? 1_555 ? 
26 AC2 8  TYR A 45  ? TYR A 57  . ? 1_555 ? 
27 AC2 8  ASP A 60  ? ASP A 72  . ? 1_555 ? 
28 AC2 8  ARG A 61  ? ARG A 73  . ? 1_555 ? 
29 AC2 8  GLU A 119 ? GLU A 131 . ? 1_555 ? 
30 AC2 8  GLU A 121 ? GLU A 133 . ? 1_555 ? 
31 AC2 8  HOH E .   ? HOH A 331 . ? 1_555 ? 
32 AC2 8  HOH E .   ? HOH A 482 . ? 1_555 ? 
33 AC3 5  LYS A 40  ? LYS A 52  . ? 1_555 ? 
34 AC3 5  ASN A 113 ? ASN A 125 . ? 2_455 ? 
35 AC3 5  HOH E .   ? HOH A 333 . ? 1_555 ? 
36 AC3 5  HOH E .   ? HOH A 394 . ? 2_455 ? 
37 AC3 5  HOH E .   ? HOH A 402 . ? 1_555 ? 
# 
_atom_sites.entry_id                    4TW6 
_atom_sites.fract_transf_matrix[1][1]   -0.00453295 
_atom_sites.fract_transf_matrix[1][2]   -0.00272816 
_atom_sites.fract_transf_matrix[1][3]   -0.02158611 
_atom_sites.fract_transf_matrix[2][1]   0.00096303 
_atom_sites.fract_transf_matrix[2][2]   -0.02043529 
_atom_sites.fract_transf_matrix[2][3]   0.00238049 
_atom_sites.fract_transf_matrix[3][1]   -0.01725634 
_atom_sites.fract_transf_matrix[3][2]   -0.00038542 
_atom_sites.fract_transf_matrix[3][3]   0.00367243 
_atom_sites.fract_transf_vector[1]      -0.125361 
_atom_sites.fract_transf_vector[2]      0.034687 
_atom_sites.fract_transf_vector[3]      -0.264678 
# 
loop_
_atom_type.symbol 
C  
N  
NA 
O  
S  
# 
loop_
_atom_site.group_PDB 
_atom_site.id 
_atom_site.type_symbol 
_atom_site.label_atom_id 
_atom_site.label_alt_id 
_atom_site.label_comp_id 
_atom_site.label_asym_id 
_atom_site.label_entity_id 
_atom_site.label_seq_id 
_atom_site.pdbx_PDB_ins_code 
_atom_site.Cartn_x 
_atom_site.Cartn_y 
_atom_site.Cartn_z 
_atom_site.occupancy 
_atom_site.B_iso_or_equiv 
_atom_site.pdbx_formal_charge 
_atom_site.auth_seq_id 
_atom_site.auth_comp_id 
_atom_site.auth_asym_id 
_atom_site.auth_atom_id 
_atom_site.pdbx_PDB_model_num 
ATOM   1    N  N   . GLY A 1 1   ? 14.735  -10.925 -0.244  1.00 18.19 ? 13  GLY A N   1 
ATOM   2    C  CA  . GLY A 1 1   ? 13.300  -11.250 -0.601  1.00 14.99 ? 13  GLY A CA  1 
ATOM   3    C  C   . GLY A 1 1   ? 12.662  -10.026 -1.153  1.00 14.93 ? 13  GLY A C   1 
ATOM   4    O  O   . GLY A 1 1   ? 13.314  -9.047  -1.514  1.00 13.63 ? 13  GLY A O   1 
ATOM   5    N  N   . ALA A 1 2   ? 11.324  -10.023 -1.091  1.00 12.74 ? 14  ALA A N   1 
ATOM   6    C  CA  . ALA A 1 2   ? 10.569  -8.962  -1.750  1.00 12.09 ? 14  ALA A CA  1 
ATOM   7    C  C   . ALA A 1 2   ? 10.796  -7.582  -1.134  1.00 11.69 ? 14  ALA A C   1 
ATOM   8    O  O   . ALA A 1 2   ? 10.995  -6.670  -1.867  1.00 11.42 ? 14  ALA A O   1 
ATOM   9    C  CB  . ALA A 1 2   ? 9.100   -9.366  -1.733  1.00 12.96 ? 14  ALA A CB  1 
ATOM   10   N  N   . PRO A 1 3   ? 10.792  -7.468  0.174   1.00 11.30 ? 15  PRO A N   1 
ATOM   11   C  CA  . PRO A 1 3   ? 11.132  -6.109  0.756   1.00 13.09 ? 15  PRO A CA  1 
ATOM   12   C  C   . PRO A 1 3   ? 12.485  -5.612  0.343   1.00 12.24 ? 15  PRO A C   1 
ATOM   13   O  O   . PRO A 1 3   ? 12.636  -4.426  0.024   1.00 11.15 ? 15  PRO A O   1 
ATOM   14   C  CB  . PRO A 1 3   ? 11.034  -6.338  2.256   1.00 15.20 ? 15  PRO A CB  1 
ATOM   15   C  CG  . PRO A 1 3   ? 10.120  -7.611  2.384   1.00 13.81 ? 15  PRO A CG  1 
ATOM   16   C  CD  . PRO A 1 3   ? 10.442  -8.452  1.244   1.00 14.28 ? 15  PRO A CD  1 
ATOM   17   N  N   . ALA A 1 4   ? 13.466  -6.485  0.273   1.00 12.75 ? 16  ALA A N   1 
ATOM   18   C  CA  . ALA A 1 4   ? 14.817  -6.010  -0.156  1.00 12.05 ? 16  ALA A CA  1 
ATOM   19   C  C   . ALA A 1 4   ? 14.835  -5.578  -1.570  1.00 13.48 ? 16  ALA A C   1 
ATOM   20   O  O   . ALA A 1 4   ? 15.477  -4.578  -1.932  1.00 12.34 ? 16  ALA A O   1 
ATOM   21   C  CB  . ALA A 1 4   ? 15.830  -7.180  0.036   1.00 13.42 ? 16  ALA A CB  1 
ATOM   22   N  N   . THR A 1 5   ? 14.088  -6.232  -2.433  1.00 11.47 ? 17  THR A N   1 
ATOM   23   C  CA  . THR A 1 5   ? 14.011  -5.855  -3.746  1.00 11.03 ? 17  THR A CA  1 
ATOM   24   C  C   . THR A 1 5   ? 13.412  -4.459  -3.891  1.00 10.65 ? 17  THR A C   1 
ATOM   25   O  O   . THR A 1 5   ? 13.839  -3.641  -4.685  1.00 10.52 ? 17  THR A O   1 
ATOM   26   C  CB  . THR A 1 5   ? 13.248  -6.838  -4.637  1.00 12.88 ? 17  THR A CB  1 
ATOM   27   O  OG1 . THR A 1 5   ? 14.044  -8.087  -4.539  1.00 17.38 ? 17  THR A OG1 1 
ATOM   28   C  CG2 . THR A 1 5   ? 13.170  -6.440  -5.983  1.00 14.47 ? 17  THR A CG2 1 
ATOM   29   N  N   . VAL A 1 6   ? 12.351  -4.158  -3.097  1.00 9.81  ? 18  VAL A N   1 
ATOM   30   C  CA  . VAL A 1 6   ? 11.762  -2.817  -3.118  1.00 9.37  ? 18  VAL A CA  1 
ATOM   31   C  C   . VAL A 1 6   ? 12.756  -1.784  -2.571  1.00 8.20  ? 18  VAL A C   1 
ATOM   32   O  O   . VAL A 1 6   ? 12.863  -0.701  -3.167  1.00 8.54  ? 18  VAL A O   1 
ATOM   33   C  CB  . VAL A 1 6   ? 10.485  -2.788  -2.325  1.00 9.97  ? 18  VAL A CB  1 
ATOM   34   C  CG1 . VAL A 1 6   ? 9.917   -1.409  -2.273  1.00 9.14  ? 18  VAL A CG1 1 
ATOM   35   C  CG2 . VAL A 1 6   ? 9.444   -3.710  -2.929  1.00 9.88  ? 18  VAL A CG2 1 
ATOM   36   N  N   . THR A 1 7   ? 13.490  -2.079  -1.525  1.00 8.51  ? 19  THR A N   1 
ATOM   37   C  CA  . THR A 1 7   ? 14.540  -1.166  -1.108  1.00 8.92  ? 19  THR A CA  1 
ATOM   38   C  C   . THR A 1 7   ? 15.505  -0.812  -2.210  1.00 10.39 ? 19  THR A C   1 
ATOM   39   O  O   . THR A 1 7   ? 15.861  0.373   -2.381  1.00 10.60 ? 19  THR A O   1 
ATOM   40   C  CB  . THR A 1 7   ? 15.300  -1.781  0.113   1.00 10.89 ? 19  THR A CB  1 
ATOM   41   O  OG1 . THR A 1 7   ? 14.421  -1.811  1.240   1.00 12.31 ? 19  THR A OG1 1 
ATOM   42   C  CG2 . THR A 1 7   ? 16.533  -1.039  0.358   1.00 12.62 ? 19  THR A CG2 1 
ATOM   43   N  N   . GLU A 1 8   ? 15.994  -1.807  -2.915  1.00 10.51 ? 20  GLU A N   1 
ATOM   44   C  CA  . GLU A 1 8   ? 17.045  -1.580  -3.913  1.00 12.26 ? 20  GLU A CA  1 
ATOM   45   C  C   . GLU A 1 8   ? 16.559  -1.066  -5.208  1.00 14.31 ? 20  GLU A C   1 
ATOM   46   O  O   . GLU A 1 8   ? 17.277  -0.293  -5.862  1.00 15.91 ? 20  GLU A O   1 
ATOM   47   C  CB  . GLU A 1 8   ? 17.680  -2.912  -4.231  1.00 13.63 ? 20  GLU A CB  1 
ATOM   48   C  CG  . GLU A 1 8   ? 18.379  -3.471  -3.030  1.00 14.42 ? 20  GLU A CG  1 
ATOM   49   C  CD  . GLU A 1 8   ? 19.062  -4.836  -3.233  1.00 22.76 ? 20  GLU A CD  1 
ATOM   50   O  OE1 . GLU A 1 8   ? 19.639  -4.954  -4.331  1.00 25.17 ? 20  GLU A OE1 1 
ATOM   51   O  OE2 . GLU A 1 8   ? 19.094  -5.674  -2.251  1.00 20.41 ? 20  GLU A OE2 1 
ATOM   52   N  N   . GLN A 1 9   ? 15.349  -1.439  -5.602  1.00 12.83 ? 21  GLN A N   1 
ATOM   53   C  CA  . GLN A 1 9   ? 14.882  -1.199  -6.948  1.00 13.37 ? 21  GLN A CA  1 
ATOM   54   C  C   . GLN A 1 9   ? 13.557  -0.361  -6.986  1.00 10.51 ? 21  GLN A C   1 
ATOM   55   O  O   . GLN A 1 9   ? 13.085  0.045   -8.046  1.00 13.92 ? 21  GLN A O   1 
ATOM   56   C  CB  . GLN A 1 9   ? 14.588  -2.481  -7.777  1.00 15.80 ? 21  GLN A CB  1 
ATOM   57   C  CG  . GLN A 1 9   ? 15.808  -3.311  -8.058  1.00 20.74 ? 21  GLN A CG  1 
ATOM   58   C  CD  . GLN A 1 9   ? 15.452  -4.666  -8.612  1.00 24.97 ? 21  GLN A CD  1 
ATOM   59   O  OE1 . GLN A 1 9   ? 14.505  -4.831  -9.416  1.00 32.22 ? 21  GLN A OE1 1 
ATOM   60   N  NE2 . GLN A 1 9   ? 16.227  -5.655  -8.194  1.00 28.45 ? 21  GLN A NE2 1 
ATOM   61   N  N   . GLY A 1 10  ? 12.913  -0.182  -5.858  1.00 11.26 ? 22  GLY A N   1 
ATOM   62   C  CA  . GLY A 1 10  ? 11.642  0.496   -5.766  1.00 10.77 ? 22  GLY A CA  1 
ATOM   63   C  C   . GLY A 1 10  ? 11.729  1.932   -6.114  1.00 9.50  ? 22  GLY A C   1 
ATOM   64   O  O   . GLY A 1 10  ? 12.748  2.616   -5.920  1.00 10.96 ? 22  GLY A O   1 
ATOM   65   N  N   . GLU A 1 11  ? 10.627  2.433   -6.685  1.00 8.11  ? 23  GLU A N   1 
ATOM   66   C  CA  . GLU A 1 11  ? 10.462  3.851   -7.006  1.00 9.79  ? 23  GLU A CA  1 
ATOM   67   C  C   . GLU A 1 11  ? 9.894   4.595   -5.838  1.00 8.51  ? 23  GLU A C   1 
ATOM   68   O  O   . GLU A 1 11  ? 8.947   4.166   -5.177  1.00 8.28  ? 23  GLU A O   1 
ATOM   69   C  CB  . GLU A 1 11  ? 9.501   3.949   -8.145  1.00 11.79 ? 23  GLU A CB  1 
ATOM   70   C  CG  . GLU A 1 11  ? 10.040  3.485   -9.494  1.00 18.34 ? 23  GLU A CG  1 
ATOM   71   C  CD  . GLU A 1 11  ? 9.175   3.820   -10.694 1.00 25.11 ? 23  GLU A CD  1 
ATOM   72   O  OE1 . GLU A 1 11  ? 9.823   3.725   -11.803 1.00 35.55 ? 23  GLU A OE1 1 
ATOM   73   O  OE2 . GLU A 1 11  ? 7.970   4.240   -10.528 1.00 27.50 ? 23  GLU A OE2 1 
ATOM   74   N  N   . ASP A 1 12  ? 10.421  5.771   -5.548  1.00 8.78  ? 24  ASP A N   1 
ATOM   75   C  CA  . ASP A 1 12  ? 9.975   6.635   -4.458  1.00 8.26  ? 24  ASP A CA  1 
ATOM   76   C  C   . ASP A 1 12  ? 8.818   7.482   -4.968  1.00 9.11  ? 24  ASP A C   1 
ATOM   77   O  O   . ASP A 1 12  ? 8.990   8.325   -5.829  1.00 10.66 ? 24  ASP A O   1 
ATOM   78   C  CB  . ASP A 1 12  ? 11.106  7.540   -3.994  1.00 8.14  ? 24  ASP A CB  1 
ATOM   79   C  CG  . ASP A 1 12  ? 10.795  8.429   -2.836  1.00 8.99  ? 24  ASP A CG  1 
ATOM   80   O  OD1 . ASP A 1 12  ? 9.630   8.485   -2.418  1.00 9.01  ? 24  ASP A OD1 1 
ATOM   81   O  OD2 . ASP A 1 12  ? 11.721  9.077   -2.257  1.00 9.07  ? 24  ASP A OD2 1 
ATOM   82   N  N   . ILE A 1 13  ? 7.631   7.195   -4.414  1.00 8.63  ? 25  ILE A N   1 
ATOM   83   C  CA  . ILE A 1 13  ? 6.416   7.896   -4.859  1.00 7.85  ? 25  ILE A CA  1 
ATOM   84   C  C   . ILE A 1 13  ? 5.926   8.909   -3.899  1.00 8.91  ? 25  ILE A C   1 
ATOM   85   O  O   . ILE A 1 13  ? 4.784   9.419   -3.962  1.00 9.65  ? 25  ILE A O   1 
ATOM   86   C  CB  . ILE A 1 13  ? 5.357   6.838   -5.273  1.00 8.82  ? 25  ILE A CB  1 
ATOM   87   C  CG1 . ILE A 1 13  ? 4.990   5.920   -4.122  1.00 8.41  ? 25  ILE A CG1 1 
ATOM   88   C  CG2 . ILE A 1 13  ? 5.775   6.130   -6.568  1.00 12.20 ? 25  ILE A CG2 1 
ATOM   89   C  CD1 . ILE A 1 13  ? 3.716   5.124   -4.480  1.00 8.80  ? 25  ILE A CD1 1 
ATOM   90   N  N   . THR A 1 14  ? 6.777   9.288   -2.950  1.00 8.50  ? 26  THR A N   1 
ATOM   91   C  CA  . THR A 1 14  ? 6.478   10.365  -2.016  1.00 8.62  ? 26  THR A CA  1 
ATOM   92   C  C   . THR A 1 14  ? 6.642   11.766  -2.645  1.00 10.58 ? 26  THR A C   1 
ATOM   93   O  O   . THR A 1 14  ? 7.452   11.973  -3.477  1.00 11.65 ? 26  THR A O   1 
ATOM   94   C  CB  . THR A 1 14  ? 7.283   10.307  -0.725  1.00 8.65  ? 26  THR A CB  1 
ATOM   95   O  OG1 . THR A 1 14  ? 8.644   10.561  -0.996  1.00 9.16  ? 26  THR A OG1 1 
ATOM   96   C  CG2 . THR A 1 14  ? 7.057   9.047   0.089   1.00 8.36  ? 26  THR A CG2 1 
ATOM   97   N  N   . SER A 1 15  ? 5.905   12.706  -2.102  1.00 10.85 ? 27  SER A N   1 
ATOM   98   C  CA  . SER A 1 15  ? 5.989   14.122  -2.567  1.00 12.32 ? 27  SER A CA  1 
ATOM   99   C  C   . SER A 1 15  ? 7.342   14.711  -2.194  1.00 12.07 ? 27  SER A C   1 
ATOM   100  O  O   . SER A 1 15  ? 7.941   15.458  -2.915  1.00 15.33 ? 27  SER A O   1 
ATOM   101  C  CB  . SER A 1 15  ? 4.858   14.915  -1.876  1.00 14.69 ? 27  SER A CB  1 
ATOM   102  O  OG  . SER A 1 15  ? 3.604   14.490  -2.490  1.00 20.24 ? 27  SER A OG  1 
ATOM   103  N  N   . LYS A 1 16  ? 7.794   14.377  -0.992  1.00 12.60 ? 28  LYS A N   1 
ATOM   104  C  CA  . LYS A 1 16  ? 9.049   14.891  -0.468  1.00 14.47 ? 28  LYS A CA  1 
ATOM   105  C  C   . LYS A 1 16  ? 10.292  14.170  -0.933  1.00 13.61 ? 28  LYS A C   1 
ATOM   106  O  O   . LYS A 1 16  ? 11.413  14.610  -0.707  1.00 15.19 ? 28  LYS A O   1 
ATOM   107  C  CB  . LYS A 1 16  ? 8.966   14.867  1.022   1.00 19.63 ? 28  LYS A CB  1 
ATOM   108  C  CG  . LYS A 1 16  ? 7.908   15.857  1.561   1.00 24.15 ? 28  LYS A CG  1 
ATOM   109  C  CD  . LYS A 1 16  ? 8.005   16.083  3.070   1.00 33.34 ? 28  LYS A CD  1 
ATOM   110  C  CE  . LYS A 1 16  ? 7.166   15.123  3.906   1.00 38.52 ? 28  LYS A CE  1 
ATOM   111  N  NZ  . LYS A 1 16  ? 7.525   15.123  5.371   1.00 37.85 ? 28  LYS A NZ  1 
ATOM   112  N  N   A LYS A 1 17  ? 10.114  13.044  -1.606  0.70 12.41 ? 29  LYS A N   1 
ATOM   113  N  N   B LYS A 1 17  ? 10.097  13.041  -1.605  0.30 12.66 ? 29  LYS A N   1 
ATOM   114  C  CA  A LYS A 1 17  ? 11.216  12.192  -2.070  0.70 11.22 ? 29  LYS A CA  1 
ATOM   115  C  CA  B LYS A 1 17  ? 11.186  12.179  -2.077  0.30 11.59 ? 29  LYS A CA  1 
ATOM   116  C  C   A LYS A 1 17  ? 12.084  11.778  -0.855  0.70 11.13 ? 29  LYS A C   1 
ATOM   117  C  C   B LYS A 1 17  ? 12.096  11.727  -0.912  0.30 11.06 ? 29  LYS A C   1 
ATOM   118  O  O   A LYS A 1 17  ? 13.315  11.946  -0.820  0.70 11.58 ? 29  LYS A O   1 
ATOM   119  O  O   B LYS A 1 17  ? 13.336  11.781  -1.019  0.30 11.31 ? 29  LYS A O   1 
ATOM   120  C  CB  A LYS A 1 17  ? 12.063  12.751  -3.218  0.70 11.90 ? 29  LYS A CB  1 
ATOM   121  C  CB  B LYS A 1 17  ? 11.979  12.796  -3.234  0.30 12.00 ? 29  LYS A CB  1 
ATOM   122  C  CG  A LYS A 1 17  ? 11.285  12.938  -4.544  0.70 13.20 ? 29  LYS A CG  1 
ATOM   123  C  CG  B LYS A 1 17  ? 11.166  12.871  -4.547  0.30 12.40 ? 29  LYS A CG  1 
ATOM   124  C  CD  A LYS A 1 17  ? 10.805  11.603  -5.045  0.70 13.97 ? 29  LYS A CD  1 
ATOM   125  C  CD  B LYS A 1 17  ? 10.677  11.486  -4.936  0.30 12.60 ? 29  LYS A CD  1 
ATOM   126  C  CE  A LYS A 1 17  ? 10.109  11.661  -6.409  0.70 14.67 ? 29  LYS A CE  1 
ATOM   127  C  CE  B LYS A 1 17  ? 9.390   11.430  -5.766  0.30 12.87 ? 29  LYS A CE  1 
ATOM   128  N  NZ  A LYS A 1 17  ? 8.657   11.801  -6.092  0.70 16.28 ? 29  LYS A NZ  1 
ATOM   129  N  NZ  B LYS A 1 17  ? 9.454   11.094  -7.228  0.30 13.01 ? 29  LYS A NZ  1 
ATOM   130  N  N   . ASP A 1 18  ? 11.471  11.267  0.173   1.00 9.44  ? 30  ASP A N   1 
ATOM   131  C  CA  . ASP A 1 18  ? 12.113  10.850  1.436   1.00 9.87  ? 30  ASP A CA  1 
ATOM   132  C  C   . ASP A 1 18  ? 12.158  9.307   1.561   1.00 9.69  ? 30  ASP A C   1 
ATOM   133  O  O   . ASP A 1 18  ? 12.433  8.787   2.630   1.00 10.28 ? 30  ASP A O   1 
ATOM   134  C  CB  . ASP A 1 18  ? 11.458  11.470  2.677   1.00 9.99  ? 30  ASP A CB  1 
ATOM   135  C  CG  . ASP A 1 18  ? 10.002  11.152  2.804   1.00 10.13 ? 30  ASP A CG  1 
ATOM   136  O  OD1 . ASP A 1 18  ? 9.316   11.777  3.632   1.00 12.79 ? 30  ASP A OD1 1 
ATOM   137  O  OD2 . ASP A 1 18  ? 9.536   10.171  2.124   1.00 10.64 ? 30  ASP A OD2 1 
ATOM   138  N  N   . ARG A 1 19  ? 11.824  8.595   0.478   1.00 7.81  ? 31  ARG A N   1 
ATOM   139  C  CA  . ARG A 1 19  ? 11.794  7.137   0.425   1.00 7.45  ? 31  ARG A CA  1 
ATOM   140  C  C   . ARG A 1 19  ? 10.802  6.543   1.411   1.00 7.54  ? 31  ARG A C   1 
ATOM   141  O  O   . ARG A 1 19  ? 10.915  5.350   1.709   1.00 8.45  ? 31  ARG A O   1 
ATOM   142  C  CB  . ARG A 1 19  ? 13.192  6.513   0.547   1.00 8.26  ? 31  ARG A CB  1 
ATOM   143  C  CG  . ARG A 1 19  ? 14.056  6.855   -0.567  1.00 8.06  ? 31  ARG A CG  1 
ATOM   144  C  CD  . ARG A 1 19  ? 15.543  6.379   -0.421  1.00 8.63  ? 31  ARG A CD  1 
ATOM   145  N  NE  . ARG A 1 19  ? 15.676  4.958   -0.064  1.00 8.44  ? 31  ARG A NE  1 
ATOM   146  C  CZ  . ARG A 1 19  ? 15.631  3.987   -0.968  1.00 8.32  ? 31  ARG A CZ  1 
ATOM   147  N  NH1 . ARG A 1 19  ? 15.432  4.205   -2.256  1.00 10.02 ? 31  ARG A NH1 1 
ATOM   148  N  NH2 . ARG A 1 19  ? 15.810  2.705   -0.607  1.00 9.36  ? 31  ARG A NH2 1 
ATOM   149  N  N   . GLY A 1 20  ? 9.813   7.314   1.842   1.00 7.83  ? 32  GLY A N   1 
ATOM   150  C  CA  . GLY A 1 20  ? 8.888   6.814   2.833   1.00 7.73  ? 32  GLY A CA  1 
ATOM   151  C  C   . GLY A 1 20  ? 7.905   5.808   2.253   1.00 7.50  ? 32  GLY A C   1 
ATOM   152  O  O   . GLY A 1 20  ? 7.322   5.046   3.035   1.00 8.06  ? 32  GLY A O   1 
ATOM   153  N  N   . VAL A 1 21  ? 7.679   5.839   0.939   1.00 7.57  ? 33  VAL A N   1 
ATOM   154  C  CA  . VAL A 1 21  ? 6.769   4.899   0.250   1.00 7.42  ? 33  VAL A CA  1 
ATOM   155  C  C   . VAL A 1 21  ? 7.567   4.529   -1.014  1.00 7.13  ? 33  VAL A C   1 
ATOM   156  O  O   . VAL A 1 21  ? 7.773   5.359   -1.892  1.00 7.04  ? 33  VAL A O   1 
ATOM   157  C  CB  . VAL A 1 21  ? 5.427   5.505   -0.078  1.00 6.24  ? 33  VAL A CB  1 
ATOM   158  C  CG1 . VAL A 1 21  ? 4.551   4.436   -0.661  1.00 7.76  ? 33  VAL A CG1 1 
ATOM   159  C  CG2 . VAL A 1 21  ? 4.807   6.135   1.146   1.00 7.43  ? 33  VAL A CG2 1 
ATOM   160  N  N   . LEU A 1 22  ? 7.925   3.263   -1.114  1.00 6.79  ? 34  LEU A N   1 
ATOM   161  C  CA  . LEU A 1 22  ? 8.639   2.714   -2.210  1.00 7.25  ? 34  LEU A CA  1 
ATOM   162  C  C   . LEU A 1 22  ? 7.820   1.644   -2.898  1.00 6.73  ? 34  LEU A C   1 
ATOM   163  O  O   . LEU A 1 22  ? 7.224   0.843   -2.219  1.00 6.97  ? 34  LEU A O   1 
ATOM   164  C  CB  . LEU A 1 22  ? 10.023  2.146   -1.819  1.00 7.97  ? 34  LEU A CB  1 
ATOM   165  C  CG  . LEU A 1 22  ? 11.063  3.104   -1.245  1.00 9.02  ? 34  LEU A CG  1 
ATOM   166  C  CD1 . LEU A 1 22  ? 12.193  2.301   -0.643  1.00 8.76  ? 34  LEU A CD1 1 
ATOM   167  C  CD2 . LEU A 1 22  ? 11.582  4.002   -2.399  1.00 10.19 ? 34  LEU A CD2 1 
ATOM   168  N  N   . LYS A 1 23  ? 7.781   1.653   -4.201  1.00 6.62  ? 35  LYS A N   1 
ATOM   169  C  CA  . LYS A 1 23  ? 6.896   0.801   -5.003  1.00 6.90  ? 35  LYS A CA  1 
ATOM   170  C  C   . LYS A 1 23  ? 7.593   0.054   -6.068  1.00 7.79  ? 35  LYS A C   1 
ATOM   171  O  O   . LYS A 1 23  ? 8.407   0.638   -6.803  1.00 8.07  ? 35  LYS A O   1 
ATOM   172  C  CB  . LYS A 1 23  ? 5.821   1.703   -5.634  1.00 7.13  ? 35  LYS A CB  1 
ATOM   173  C  CG  . LYS A 1 23  ? 4.752   0.891   -6.416  1.00 6.76  ? 35  LYS A CG  1 
ATOM   174  C  CD  . LYS A 1 23  ? 3.812   1.797   -7.200  1.00 7.64  ? 35  LYS A CD  1 
ATOM   175  C  CE  . LYS A 1 23  ? 2.823   0.931   -7.977  1.00 8.12  ? 35  LYS A CE  1 
ATOM   176  N  NZ  . LYS A 1 23  ? 2.047   1.725   -8.978  1.00 7.24  ? 35  LYS A NZ  1 
ATOM   177  N  N   . ILE A 1 24  ? 7.221   -1.202  -6.280  1.00 7.08  ? 36  ILE A N   1 
ATOM   178  C  CA  . ILE A 1 24  ? 7.517   -1.959  -7.517  1.00 7.52  ? 36  ILE A CA  1 
ATOM   179  C  C   . ILE A 1 24  ? 6.287   -2.516  -8.119  1.00 7.81  ? 36  ILE A C   1 
ATOM   180  O  O   . ILE A 1 24  ? 5.502   -3.182  -7.384  1.00 7.43  ? 36  ILE A O   1 
ATOM   181  C  CB  . ILE A 1 24  ? 8.526   -3.104  -7.293  1.00 9.68  ? 36  ILE A CB  1 
ATOM   182  C  CG1 . ILE A 1 24  ? 9.885   -2.607  -6.768  1.00 11.24 ? 36  ILE A CG1 1 
ATOM   183  C  CG2 . ILE A 1 24  ? 8.770   -3.890  -8.605  1.00 11.20 ? 36  ILE A CG2 1 
ATOM   184  C  CD1 . ILE A 1 24  ? 10.902  -3.665  -6.508  1.00 13.50 ? 36  ILE A CD1 1 
ATOM   185  N  N   . VAL A 1 25  ? 6.034   -2.329  -9.391  1.00 8.91  ? 37  VAL A N   1 
ATOM   186  C  CA  . VAL A 1 25  ? 4.959   -3.013  -10.114 1.00 7.99  ? 37  VAL A CA  1 
ATOM   187  C  C   . VAL A 1 25  ? 5.321   -4.442  -10.351 1.00 9.50  ? 37  VAL A C   1 
ATOM   188  O  O   . VAL A 1 25  ? 6.372   -4.715  -10.992 1.00 10.81 ? 37  VAL A O   1 
ATOM   189  C  CB  . VAL A 1 25  ? 4.609   -2.301  -11.426 1.00 8.63  ? 37  VAL A CB  1 
ATOM   190  C  CG1 . VAL A 1 25  ? 3.583   -3.052  -12.241 1.00 8.72  ? 37  VAL A CG1 1 
ATOM   191  C  CG2 . VAL A 1 25  ? 4.067   -0.889  -11.151 1.00 8.65  ? 37  VAL A CG2 1 
ATOM   192  N  N   . LYS A 1 26  ? 4.566   -5.415  -9.889  1.00 7.96  ? 38  LYS A N   1 
ATOM   193  C  CA  . LYS A 1 26  ? 4.845   -6.839  -10.057 1.00 9.07  ? 38  LYS A CA  1 
ATOM   194  C  C   . LYS A 1 26  ? 3.999   -7.425  -11.117 1.00 11.39 ? 38  LYS A C   1 
ATOM   195  O  O   . LYS A 1 26  ? 4.419   -8.457  -11.697 1.00 14.81 ? 38  LYS A O   1 
ATOM   196  C  CB  . LYS A 1 26  ? 4.607   -7.604  -8.767  1.00 10.62 ? 38  LYS A CB  1 
ATOM   197  C  CG  . LYS A 1 26  ? 5.431   -7.108  -7.578  1.00 12.54 ? 38  LYS A CG  1 
ATOM   198  C  CD  . LYS A 1 26  ? 6.915   -7.016  -7.694  1.00 14.34 ? 38  LYS A CD  1 
ATOM   199  C  CE  . LYS A 1 26  ? 7.511   -8.330  -7.905  1.00 15.08 ? 38  LYS A CE  1 
ATOM   200  N  NZ  . LYS A 1 26  ? 9.010   -8.174  -7.688  1.00 18.87 ? 38  LYS A NZ  1 
ATOM   201  N  N   . ARG A 1 27  ? 2.856   -6.904  -11.418 1.00 9.35  ? 39  ARG A N   1 
ATOM   202  C  CA  . ARG A 1 27  ? 2.040   -7.293  -12.577 1.00 10.13 ? 39  ARG A CA  1 
ATOM   203  C  C   . ARG A 1 27  ? 1.428   -6.025  -13.152 1.00 10.18 ? 39  ARG A C   1 
ATOM   204  O  O   . ARG A 1 27  ? 0.725   -5.317  -12.418 1.00 9.81  ? 39  ARG A O   1 
ATOM   205  C  CB  . ARG A 1 27  ? 0.958   -8.279  -12.237 1.00 11.11 ? 39  ARG A CB  1 
ATOM   206  C  CG  . ARG A 1 27  ? 0.129   -8.748  -13.453 1.00 12.45 ? 39  ARG A CG  1 
ATOM   207  C  CD  . ARG A 1 27  ? -0.983  -9.666  -13.080 1.00 14.19 ? 39  ARG A CD  1 
ATOM   208  N  NE  . ARG A 1 27  ? -2.084  -9.049  -12.476 1.00 13.86 ? 39  ARG A NE  1 
ATOM   209  C  CZ  . ARG A 1 27  ? -3.043  -9.673  -11.877 1.00 12.31 ? 39  ARG A CZ  1 
ATOM   210  N  NH1 . ARG A 1 27  ? -2.993  -11.020 -11.711 1.00 13.15 ? 39  ARG A NH1 1 
ATOM   211  N  NH2 . ARG A 1 27  ? -4.045  -9.054  -11.309 1.00 12.30 ? 39  ARG A NH2 1 
ATOM   212  N  N   . VAL A 1 28  ? 1.640   -5.698  -14.423 1.00 11.27 ? 40  VAL A N   1 
ATOM   213  C  CA  . VAL A 1 28  ? 1.098   -4.547  -15.030 1.00 12.02 ? 40  VAL A CA  1 
ATOM   214  C  C   . VAL A 1 28  ? -0.404  -4.689  -15.214 1.00 11.49 ? 40  VAL A C   1 
ATOM   215  O  O   . VAL A 1 28  ? -0.903  -5.775  -15.585 1.00 13.18 ? 40  VAL A O   1 
ATOM   216  C  CB  . VAL A 1 28  ? 1.807   -4.310  -16.424 1.00 13.90 ? 40  VAL A CB  1 
ATOM   217  C  CG1 . VAL A 1 28  ? 1.287   -3.103  -17.105 1.00 14.68 ? 40  VAL A CG1 1 
ATOM   218  C  CG2 . VAL A 1 28  ? 3.289   -4.132  -16.177 1.00 15.37 ? 40  VAL A CG2 1 
ATOM   219  N  N   . GLY A 1 29  ? -1.151  -3.643  -14.931 1.00 10.56 ? 41  GLY A N   1 
ATOM   220  C  CA  . GLY A 1 29  ? -2.584  -3.583  -15.072 1.00 10.63 ? 41  GLY A CA  1 
ATOM   221  C  C   . GLY A 1 29  ? -3.007  -3.211  -16.499 1.00 11.25 ? 41  GLY A C   1 
ATOM   222  O  O   . GLY A 1 29  ? -2.155  -3.112  -17.399 1.00 13.52 ? 41  GLY A O   1 
ATOM   223  N  N   . ASN A 1 30  ? -4.276  -2.953  -16.571 1.00 11.37 ? 42  ASN A N   1 
ATOM   224  C  CA  . ASN A 1 30  ? -4.901  -2.591  -17.895 1.00 14.31 ? 42  ASN A CA  1 
ATOM   225  C  C   . ASN A 1 30  ? -5.123  -1.143  -18.081 1.00 17.09 ? 42  ASN A C   1 
ATOM   226  O  O   . ASN A 1 30  ? -5.433  -0.394  -17.157 1.00 14.40 ? 42  ASN A O   1 
ATOM   227  C  CB  . ASN A 1 30  ? -6.182  -3.308  -17.922 1.00 18.61 ? 42  ASN A CB  1 
ATOM   228  C  CG  . ASN A 1 30  ? -5.971  -4.792  -17.771 1.00 22.52 ? 42  ASN A CG  1 
ATOM   229  O  OD1 . ASN A 1 30  ? -5.100  -5.406  -18.414 1.00 26.04 ? 42  ASN A OD1 1 
ATOM   230  N  ND2 . ASN A 1 30  ? -6.739  -5.367  -16.899 1.00 28.28 ? 42  ASN A ND2 1 
ATOM   231  N  N   . GLY A 1 31  ? -4.977  -0.675  -19.292 1.00 15.31 ? 43  GLY A N   1 
ATOM   232  C  CA  . GLY A 1 31  ? -5.257  0.699   -19.627 1.00 15.74 ? 43  GLY A CA  1 
ATOM   233  C  C   . GLY A 1 31  ? -4.342  1.655   -18.985 1.00 14.99 ? 43  GLY A C   1 
ATOM   234  O  O   . GLY A 1 31  ? -3.154  1.411   -18.764 1.00 17.13 ? 43  GLY A O   1 
ATOM   235  N  N   . GLU A 1 32  ? -4.882  2.856   -18.832 1.00 13.94 ? 44  GLU A N   1 
ATOM   236  C  CA  . GLU A 1 32  ? -4.048  3.943   -18.340 1.00 13.84 ? 44  GLU A CA  1 
ATOM   237  C  C   . GLU A 1 32  ? -4.613  4.608   -17.033 1.00 12.21 ? 44  GLU A C   1 
ATOM   238  O  O   . GLU A 1 32  ? -3.835  5.161   -16.256 1.00 12.54 ? 44  GLU A O   1 
ATOM   239  C  CB  . GLU A 1 32  ? -3.896  5.066   -19.391 1.00 14.72 ? 44  GLU A CB  1 
ATOM   240  C  CG  . GLU A 1 32  ? -3.273  4.580   -20.717 1.00 19.41 ? 44  GLU A CG  1 
ATOM   241  C  CD  . GLU A 1 32  ? -3.116  5.650   -21.760 1.00 25.37 ? 44  GLU A CD  1 
ATOM   242  O  OE1 . GLU A 1 32  ? -3.200  6.879   -21.476 1.00 23.38 ? 44  GLU A OE1 1 
ATOM   243  O  OE2 . GLU A 1 32  ? -2.911  5.212   -22.907 1.00 33.64 ? 44  GLU A OE2 1 
ATOM   244  N  N   . GLU A 1 33  ? -5.886  4.542   -16.829 1.00 10.60 ? 45  GLU A N   1 
ATOM   245  C  CA  . GLU A 1 33  ? -6.508  5.271   -15.723 1.00 9.32  ? 45  GLU A CA  1 
ATOM   246  C  C   . GLU A 1 33  ? -6.093  4.710   -14.392 1.00 10.05 ? 45  GLU A C   1 
ATOM   247  O  O   . GLU A 1 33  ? -5.944  3.478   -14.136 1.00 9.07  ? 45  GLU A O   1 
ATOM   248  C  CB  . GLU A 1 33  ? -7.980  5.268   -15.808 1.00 10.95 ? 45  GLU A CB  1 
ATOM   249  C  CG  . GLU A 1 33  ? -8.645  3.960   -15.911 1.00 13.94 ? 45  GLU A CG  1 
ATOM   250  C  CD  . GLU A 1 33  ? -10.179 3.933   -15.984 1.00 16.68 ? 45  GLU A CD  1 
ATOM   251  O  OE1 . GLU A 1 33  ? -10.820 5.014   -16.087 1.00 22.02 ? 45  GLU A OE1 1 
ATOM   252  O  OE2 . GLU A 1 33  ? -10.720 2.824   -15.999 1.00 18.86 ? 45  GLU A OE2 1 
ATOM   253  N  N   . THR A 1 34  ? -5.965  5.615   -13.434 1.00 8.72  ? 46  THR A N   1 
ATOM   254  C  CA  . THR A 1 34  ? -5.688  5.331   -11.990 1.00 7.89  ? 46  THR A CA  1 
ATOM   255  C  C   . THR A 1 34  ? -6.644  6.151   -11.135 1.00 8.44  ? 46  THR A C   1 
ATOM   256  O  O   . THR A 1 34  ? -7.157  7.189   -11.594 1.00 8.73  ? 46  THR A O   1 
ATOM   257  C  CB  . THR A 1 34  ? -4.259  5.632   -11.697 1.00 7.41  ? 46  THR A CB  1 
ATOM   258  O  OG1 . THR A 1 34  ? -4.038  7.054   -11.822 1.00 8.88  ? 46  THR A OG1 1 
ATOM   259  C  CG2 . THR A 1 34  ? -3.315  4.944   -12.603 1.00 8.12  ? 46  THR A CG2 1 
ATOM   260  N  N   . PRO A 1 35  ? -6.952  5.755   -9.935  1.00 7.87  ? 47  PRO A N   1 
ATOM   261  C  CA  . PRO A 1 35  ? -8.077  6.356   -9.243  1.00 7.90  ? 47  PRO A CA  1 
ATOM   262  C  C   . PRO A 1 35  ? -7.757  7.757   -8.678  1.00 8.07  ? 47  PRO A C   1 
ATOM   263  O  O   . PRO A 1 35  ? -6.653  8.081   -8.281  1.00 8.23  ? 47  PRO A O   1 
ATOM   264  C  CB  . PRO A 1 35  ? -8.323  5.388   -8.075  1.00 8.09  ? 47  PRO A CB  1 
ATOM   265  C  CG  . PRO A 1 35  ? -7.136  4.509   -8.024  1.00 9.34  ? 47  PRO A CG  1 
ATOM   266  C  CD  . PRO A 1 35  ? -6.430  4.525   -9.328  1.00 8.53  ? 47  PRO A CD  1 
ATOM   267  N  N   . MET A 1 36  ? -8.835  8.554   -8.656  1.00 8.33  ? 48  MET A N   1 
ATOM   268  C  CA  . MET A 1 36  ? -8.809  9.897   -8.140  1.00 7.91  ? 48  MET A CA  1 
ATOM   269  C  C   . MET A 1 36  ? -9.259  9.923   -6.713  1.00 8.51  ? 48  MET A C   1 
ATOM   270  O  O   . MET A 1 36  ? -9.957  9.035   -6.247  1.00 7.74  ? 48  MET A O   1 
ATOM   271  C  CB  . MET A 1 36  ? -9.765  10.787  -8.946  1.00 9.12  ? 48  MET A CB  1 
ATOM   272  C  CG  . MET A 1 36  ? -9.534  10.885  -10.397 1.00 9.28  ? 48  MET A CG  1 
ATOM   273  S  SD  . MET A 1 36  ? -8.006  11.782  -10.706 1.00 10.72 ? 48  MET A SD  1 
ATOM   274  C  CE  . MET A 1 36  ? -7.854  11.705  -12.502 1.00 12.60 ? 48  MET A CE  1 
ATOM   275  N  N   . ILE A 1 37  ? -8.871  10.977  -6.022  1.00 7.82  ? 49  ILE A N   1 
ATOM   276  C  CA  . ILE A 1 37  ? -9.378  11.181  -4.648  1.00 7.90  ? 49  ILE A CA  1 
ATOM   277  C  C   . ILE A 1 37  ? -10.864 11.200  -4.683  1.00 8.32  ? 49  ILE A C   1 
ATOM   278  O  O   . ILE A 1 37  ? -11.479 11.871  -5.490  1.00 8.75  ? 49  ILE A O   1 
ATOM   279  C  CB  . ILE A 1 37  ? -8.840  12.501  -4.079  1.00 8.64  ? 49  ILE A CB  1 
ATOM   280  C  CG1 . ILE A 1 37  ? -7.344  12.453  -3.941  1.00 8.74  ? 49  ILE A CG1 1 
ATOM   281  C  CG2 . ILE A 1 37  ? -9.482  12.790  -2.719  1.00 9.12  ? 49  ILE A CG2 1 
ATOM   282  C  CD1 . ILE A 1 37  ? -6.766  13.864  -3.623  1.00 10.94 ? 49  ILE A CD1 1 
ATOM   283  N  N   . GLY A 1 38  ? -11.444 10.429  -3.764  1.00 7.99  ? 50  GLY A N   1 
ATOM   284  C  CA  . GLY A 1 38  ? -12.875 10.218  -3.619  1.00 7.68  ? 50  GLY A CA  1 
ATOM   285  C  C   . GLY A 1 38  ? -13.406 8.952   -4.300  1.00 8.87  ? 50  GLY A C   1 
ATOM   286  O  O   . GLY A 1 38  ? -14.574 8.496   -4.039  1.00 10.75 ? 50  GLY A O   1 
ATOM   287  N  N   . ASP A 1 39  ? -12.687 8.387   -5.233  1.00 7.89  ? 51  ASP A N   1 
ATOM   288  C  CA  . ASP A 1 39  ? -13.064 7.118   -5.852  1.00 8.73  ? 51  ASP A CA  1 
ATOM   289  C  C   . ASP A 1 39  ? -13.061 5.989   -4.841  1.00 8.83  ? 51  ASP A C   1 
ATOM   290  O  O   . ASP A 1 39  ? -12.284 5.990   -3.891  1.00 9.76  ? 51  ASP A O   1 
ATOM   291  C  CB  . ASP A 1 39  ? -12.150 6.742   -7.024  1.00 8.95  ? 51  ASP A CB  1 
ATOM   292  C  CG  . ASP A 1 39  ? -12.208 7.593   -8.247  1.00 7.79  ? 51  ASP A CG  1 
ATOM   293  O  OD1 . ASP A 1 39  ? -13.140 8.410   -8.325  1.00 9.21  ? 51  ASP A OD1 1 
ATOM   294  O  OD2 . ASP A 1 39  ? -11.386 7.382   -9.104  1.00 9.22  ? 51  ASP A OD2 1 
ATOM   295  N  N   . LYS A 1 40  ? -13.997 5.093   -4.996  1.00 9.56  ? 52  LYS A N   1 
ATOM   296  C  CA  . LYS A 1 40  ? -14.056 3.875   -4.196  1.00 9.64  ? 52  LYS A CA  1 
ATOM   297  C  C   . LYS A 1 40  ? -13.198 2.879   -4.865  1.00 9.27  ? 52  LYS A C   1 
ATOM   298  O  O   . LYS A 1 40  ? -13.321 2.591   -6.041  1.00 10.24 ? 52  LYS A O   1 
ATOM   299  C  CB  . LYS A 1 40  ? -15.552 3.405   -4.102  1.00 13.60 ? 52  LYS A CB  1 
ATOM   300  C  CG  . LYS A 1 40  ? -15.726 2.391   -3.000  1.00 18.24 ? 52  LYS A CG  1 
ATOM   301  C  CD  . LYS A 1 40  ? -17.175 2.177   -2.552  1.00 21.43 ? 52  LYS A CD  1 
ATOM   302  C  CE  . LYS A 1 40  ? -17.753 3.346   -1.781  1.00 29.09 ? 52  LYS A CE  1 
ATOM   303  N  NZ  . LYS A 1 40  ? -19.243 3.131   -1.476  1.00 33.33 ? 52  LYS A NZ  1 
ATOM   304  N  N   . VAL A 1 41  ? -12.326 2.245   -4.132  1.00 8.00  ? 53  VAL A N   1 
ATOM   305  C  CA  . VAL A 1 41  ? -11.347 1.258   -4.605  1.00 8.06  ? 53  VAL A CA  1 
ATOM   306  C  C   . VAL A 1 41  ? -11.624 -0.099  -3.949  1.00 8.38  ? 53  VAL A C   1 
ATOM   307  O  O   . VAL A 1 41  ? -12.074 -0.169  -2.830  1.00 9.13  ? 53  VAL A O   1 
ATOM   308  C  CB  . VAL A 1 41  ? -9.901  1.727   -4.441  1.00 9.51  ? 53  VAL A CB  1 
ATOM   309  C  CG1 . VAL A 1 41  ? -9.650  3.043   -5.140  1.00 10.36 ? 53  VAL A CG1 1 
ATOM   310  C  CG2 . VAL A 1 41  ? -9.509  1.795   -3.021  1.00 11.14 ? 53  VAL A CG2 1 
ATOM   311  N  N   . TYR A 1 42  ? -11.350 -1.109  -4.735  1.00 8.19  ? 54  TYR A N   1 
ATOM   312  C  CA  . TYR A 1 42  ? -11.568 -2.498  -4.305  1.00 8.01  ? 54  TYR A CA  1 
ATOM   313  C  C   . TYR A 1 42  ? -10.213 -3.228  -4.521  1.00 7.52  ? 54  TYR A C   1 
ATOM   314  O  O   . TYR A 1 42  ? -9.677  -3.220  -5.618  1.00 6.79  ? 54  TYR A O   1 
ATOM   315  C  CB  . TYR A 1 42  ? -12.604 -3.167  -5.233  1.00 8.83  ? 54  TYR A CB  1 
ATOM   316  C  CG  . TYR A 1 42  ? -13.934 -2.483  -5.197  1.00 10.78 ? 54  TYR A CG  1 
ATOM   317  C  CD1 . TYR A 1 42  ? -14.966 -2.992  -4.437  1.00 12.57 ? 54  TYR A CD1 1 
ATOM   318  C  CD2 . TYR A 1 42  ? -14.144 -1.290  -5.885  1.00 13.26 ? 54  TYR A CD2 1 
ATOM   319  C  CE1 . TYR A 1 42  ? -16.217 -2.287  -4.351  1.00 13.19 ? 54  TYR A CE1 1 
ATOM   320  C  CE2 . TYR A 1 42  ? -15.393 -0.617  -5.756  1.00 15.50 ? 54  TYR A CE2 1 
ATOM   321  C  CZ  . TYR A 1 42  ? -16.334 -1.160  -4.947  1.00 14.68 ? 54  TYR A CZ  1 
ATOM   322  O  OH  . TYR A 1 42  ? -17.564 -0.504  -4.831  1.00 23.95 ? 54  TYR A OH  1 
ATOM   323  N  N   A VAL A 1 43  ? -9.650  -3.769  -3.430  0.40 7.59  ? 55  VAL A N   1 
ATOM   324  N  N   B VAL A 1 43  ? -9.774  -3.896  -3.456  0.60 7.13  ? 55  VAL A N   1 
ATOM   325  C  CA  A VAL A 1 43  ? -8.356  -4.445  -3.534  0.40 7.94  ? 55  VAL A CA  1 
ATOM   326  C  CA  B VAL A 1 43  ? -8.418  -4.388  -3.364  0.60 7.45  ? 55  VAL A CA  1 
ATOM   327  C  C   A VAL A 1 43  ? -8.412  -5.791  -2.820  0.40 7.51  ? 55  VAL A C   1 
ATOM   328  C  C   B VAL A 1 43  ? -8.439  -5.813  -2.793  0.60 6.92  ? 55  VAL A C   1 
ATOM   329  O  O   A VAL A 1 43  ? -9.201  -6.049  -1.890  0.40 8.06  ? 55  VAL A O   1 
ATOM   330  O  O   B VAL A 1 43  ? -9.212  -6.128  -1.883  0.60 7.56  ? 55  VAL A O   1 
ATOM   331  C  CB  A VAL A 1 43  ? -7.146  -3.606  -2.978  0.40 8.45  ? 55  VAL A CB  1 
ATOM   332  C  CB  B VAL A 1 43  ? -7.630  -3.403  -2.463  0.60 7.57  ? 55  VAL A CB  1 
ATOM   333  C  CG1 A VAL A 1 43  ? -7.136  -2.182  -3.535  0.40 9.27  ? 55  VAL A CG1 1 
ATOM   334  C  CG1 B VAL A 1 43  ? -6.374  -3.987  -1.942  0.60 7.51  ? 55  VAL A CG1 1 
ATOM   335  C  CG2 A VAL A 1 43  ? -7.186  -3.549  -1.461  0.40 8.01  ? 55  VAL A CG2 1 
ATOM   336  C  CG2 B VAL A 1 43  ? -7.330  -2.092  -3.228  0.60 8.44  ? 55  VAL A CG2 1 
ATOM   337  N  N   . HIS A 1 44  ? -7.440  -6.590  -3.235  1.00 7.60  ? 56  HIS A N   1 
ATOM   338  C  CA  . HIS A 1 44  ? -7.005  -7.754  -2.450  1.00 8.63  ? 56  HIS A CA  1 
ATOM   339  C  C   . HIS A 1 44  ? -5.552  -7.456  -2.049  1.00 7.89  ? 56  HIS A C   1 
ATOM   340  O  O   . HIS A 1 44  ? -4.812  -6.800  -2.774  1.00 7.55  ? 56  HIS A O   1 
ATOM   341  C  CB  . HIS A 1 44  ? -7.002  -9.121  -3.212  1.00 9.26  ? 56  HIS A CB  1 
ATOM   342  C  CG  . HIS A 1 44  ? -8.385  -9.699  -3.375  1.00 10.62 ? 56  HIS A CG  1 
ATOM   343  N  ND1 . HIS A 1 44  ? -8.776  -10.309 -4.542  1.00 15.37 ? 56  HIS A ND1 1 
ATOM   344  C  CD2 . HIS A 1 44  ? -9.430  -9.774  -2.500  1.00 13.79 ? 56  HIS A CD2 1 
ATOM   345  C  CE1 . HIS A 1 44  ? -10.035 -10.706 -4.401  1.00 13.46 ? 56  HIS A CE1 1 
ATOM   346  N  NE2 . HIS A 1 44  ? -10.448 -10.405 -3.216  1.00 13.59 ? 56  HIS A NE2 1 
ATOM   347  N  N   . TYR A 1 45  ? -5.149  -7.844  -0.868  1.00 6.91  ? 57  TYR A N   1 
ATOM   348  C  CA  . TYR A 1 45  ? -3.767  -7.580  -0.391  1.00 6.39  ? 57  TYR A CA  1 
ATOM   349  C  C   . TYR A 1 45  ? -3.356  -8.570  0.625   1.00 6.63  ? 57  TYR A C   1 
ATOM   350  O  O   . TYR A 1 45  ? -4.186  -9.244  1.238   1.00 7.54  ? 57  TYR A O   1 
ATOM   351  C  CB  . TYR A 1 45  ? -3.604  -6.152  0.166   1.00 7.04  ? 57  TYR A CB  1 
ATOM   352  C  CG  . TYR A 1 45  ? -4.151  -6.053  1.571   1.00 7.32  ? 57  TYR A CG  1 
ATOM   353  C  CD1 . TYR A 1 45  ? -3.347  -6.127  2.690   1.00 7.87  ? 57  TYR A CD1 1 
ATOM   354  C  CD2 . TYR A 1 45  ? -5.529  -5.842  1.795   1.00 9.09  ? 57  TYR A CD2 1 
ATOM   355  C  CE1 . TYR A 1 45  ? -3.893  -6.141  3.968   1.00 9.05  ? 57  TYR A CE1 1 
ATOM   356  C  CE2 . TYR A 1 45  ? -6.054  -5.848  3.036   1.00 9.67  ? 57  TYR A CE2 1 
ATOM   357  C  CZ  . TYR A 1 45  ? -5.254  -5.950  4.109   1.00 9.63  ? 57  TYR A CZ  1 
ATOM   358  O  OH  . TYR A 1 45  ? -5.756  -5.955  5.417   1.00 12.52 ? 57  TYR A OH  1 
ATOM   359  N  N   . LYS A 1 46  ? -2.071  -8.568  0.911   1.00 6.56  ? 58  LYS A N   1 
ATOM   360  C  CA  . LYS A 1 46  ? -1.537  -9.156  2.145   1.00 7.47  ? 58  LYS A CA  1 
ATOM   361  C  C   . LYS A 1 46  ? -0.376  -8.328  2.564   1.00 7.19  ? 58  LYS A C   1 
ATOM   362  O  O   . LYS A 1 46  ? 0.258   -7.613  1.797   1.00 7.47  ? 58  LYS A O   1 
ATOM   363  C  CB  . LYS A 1 46  ? -1.206  -10.680 1.955   1.00 8.16  ? 58  LYS A CB  1 
ATOM   364  C  CG  . LYS A 1 46  ? -0.158  -11.029 0.946   1.00 8.41  ? 58  LYS A CG  1 
ATOM   365  C  CD  . LYS A 1 46  ? -0.268  -12.521 0.668   1.00 8.58  ? 58  LYS A CD  1 
ATOM   366  C  CE  . LYS A 1 46  ? 0.810   -13.001 -0.224  1.00 8.19  ? 58  LYS A CE  1 
ATOM   367  N  NZ  . LYS A 1 46  ? 0.612   -14.438 -0.495  1.00 8.86  ? 58  LYS A NZ  1 
ATOM   368  N  N   . GLY A 1 47  ? -0.064  -8.311  3.831   1.00 8.52  ? 59  GLY A N   1 
ATOM   369  C  CA  . GLY A 1 47  ? 1.037   -7.533  4.341   1.00 10.36 ? 59  GLY A CA  1 
ATOM   370  C  C   . GLY A 1 47  ? 1.544   -7.991  5.666   1.00 9.08  ? 59  GLY A C   1 
ATOM   371  O  O   . GLY A 1 47  ? 1.075   -8.930  6.266   1.00 9.68  ? 59  GLY A O   1 
ATOM   372  N  N   . LYS A 1 48  ? 2.611   -7.374  6.025   1.00 7.93  ? 60  LYS A N   1 
ATOM   373  C  CA  . LYS A 1 48  ? 3.420   -7.741  7.235   1.00 9.02  ? 60  LYS A CA  1 
ATOM   374  C  C   . LYS A 1 48  ? 4.279   -6.639  7.670   1.00 9.17  ? 60  LYS A C   1 
ATOM   375  O  O   . LYS A 1 48  ? 4.512   -5.671  6.991   1.00 9.23  ? 60  LYS A O   1 
ATOM   376  C  CB  . LYS A 1 48  ? 4.237   -8.991  6.934   1.00 9.39  ? 60  LYS A CB  1 
ATOM   377  C  CG  . LYS A 1 48  ? 5.101   -8.836  5.750   1.00 11.75 ? 60  LYS A CG  1 
ATOM   378  C  CD  . LYS A 1 48  ? 6.105   -9.979  5.769   1.00 17.71 ? 60  LYS A CD  1 
ATOM   379  C  CE  . LYS A 1 48  ? 6.856   -10.059 4.548   1.00 19.66 ? 60  LYS A CE  1 
ATOM   380  N  NZ  . LYS A 1 48  ? 7.918   -11.126 4.664   1.00 26.84 ? 60  LYS A NZ  1 
ATOM   381  N  N   . LEU A 1 49  ? 4.781   -6.754  8.931   1.00 10.96 ? 61  LEU A N   1 
ATOM   382  C  CA  . LEU A 1 49  ? 5.903   -5.934  9.324   1.00 13.20 ? 61  LEU A CA  1 
ATOM   383  C  C   . LEU A 1 49  ? 7.106   -6.304  8.463   1.00 14.61 ? 61  LEU A C   1 
ATOM   384  O  O   . LEU A 1 49  ? 7.237   -7.475  8.027   1.00 16.93 ? 61  LEU A O   1 
ATOM   385  C  CB  . LEU A 1 49  ? 6.280   -6.151  10.784  1.00 14.88 ? 61  LEU A CB  1 
ATOM   386  C  CG  . LEU A 1 49  ? 5.203   -5.904  11.799  1.00 14.71 ? 61  LEU A CG  1 
ATOM   387  C  CD1 . LEU A 1 49  ? 5.826   -6.114  13.205  1.00 17.23 ? 61  LEU A CD1 1 
ATOM   388  C  CD2 . LEU A 1 49  ? 4.522   -4.552  11.713  1.00 15.47 ? 61  LEU A CD2 1 
ATOM   389  N  N   . SER A 1 50  ? 7.973   -5.411  8.094   1.00 16.68 ? 62  SER A N   1 
ATOM   390  C  CA  . SER A 1 50  ? 8.972   -5.732  7.096   1.00 22.32 ? 62  SER A CA  1 
ATOM   391  C  C   . SER A 1 50  ? 9.893   -6.866  7.514   1.00 28.58 ? 62  SER A C   1 
ATOM   392  O  O   . SER A 1 50  ? 10.435  -7.551  6.659   1.00 27.04 ? 62  SER A O   1 
ATOM   393  C  CB  . SER A 1 50  ? 9.749   -4.473  6.707   1.00 26.93 ? 62  SER A CB  1 
ATOM   394  O  OG  . SER A 1 50  ? 10.492  -4.020  7.778   1.00 31.08 ? 62  SER A OG  1 
ATOM   395  N  N   . ASN A 1 51  ? 10.021  -7.043  8.804   1.00 26.61 ? 63  ASN A N   1 
ATOM   396  C  CA  . ASN A 1 51  ? 10.811  -8.162  9.357   1.00 33.33 ? 63  ASN A CA  1 
ATOM   397  C  C   . ASN A 1 51  ? 10.025  -9.503  9.448   1.00 32.99 ? 63  ASN A C   1 
ATOM   398  O  O   . ASN A 1 51  ? 10.478  -10.463 10.124  1.00 36.97 ? 63  ASN A O   1 
ATOM   399  C  CB  . ASN A 1 51  ? 11.278  -7.785  10.752  1.00 32.73 ? 63  ASN A CB  1 
ATOM   400  C  CG  . ASN A 1 51  ? 10.110  -7.664  11.722  1.00 35.08 ? 63  ASN A CG  1 
ATOM   401  O  OD1 . ASN A 1 51  ? 9.112   -8.374  11.607  1.00 36.48 ? 63  ASN A OD1 1 
ATOM   402  N  ND2 . ASN A 1 51  ? 10.213  -6.740  12.658  1.00 38.61 ? 63  ASN A ND2 1 
ATOM   403  N  N   . GLY A 1 52  ? 8.850   -9.603  8.813   1.00 30.89 ? 64  GLY A N   1 
ATOM   404  C  CA  . GLY A 1 52  ? 8.122   -10.879 8.733   1.00 27.63 ? 64  GLY A CA  1 
ATOM   405  C  C   . GLY A 1 52  ? 7.034   -11.088 9.739   1.00 26.43 ? 64  GLY A C   1 
ATOM   406  O  O   . GLY A 1 52  ? 6.103   -11.890 9.487   1.00 35.56 ? 64  GLY A O   1 
ATOM   407  N  N   . LYS A 1 53  ? 7.048   -10.318 10.835  1.00 29.00 ? 65  LYS A N   1 
ATOM   408  C  CA  . LYS A 1 53  ? 6.015   -10.501 11.894  1.00 27.54 ? 65  LYS A CA  1 
ATOM   409  C  C   . LYS A 1 53  ? 4.626   -9.934  11.501  1.00 24.90 ? 65  LYS A C   1 
ATOM   410  O  O   . LYS A 1 53  ? 4.475   -9.087  10.566  1.00 18.50 ? 65  LYS A O   1 
ATOM   411  C  CB  . LYS A 1 53  ? 6.467   -9.906  13.240  1.00 32.53 ? 65  LYS A CB  1 
ATOM   412  N  N   . LYS A 1 54  ? 3.603   -10.329 12.248  1.00 25.78 ? 66  LYS A N   1 
ATOM   413  C  CA  . LYS A 1 54  ? 2.252   -9.762  12.141  1.00 25.02 ? 66  LYS A CA  1 
ATOM   414  C  C   . LYS A 1 54  ? 1.659   -9.847  10.713  1.00 22.81 ? 66  LYS A C   1 
ATOM   415  O  O   . LYS A 1 54  ? 1.053   -8.856  10.192  1.00 24.93 ? 66  LYS A O   1 
ATOM   416  C  CB  . LYS A 1 54  ? 2.154   -8.309  12.674  1.00 26.64 ? 66  LYS A CB  1 
ATOM   417  C  CG  . LYS A 1 54  ? 2.841   -8.107  14.052  1.00 31.21 ? 66  LYS A CG  1 
ATOM   418  C  CD  . LYS A 1 54  ? 1.892   -8.368  15.220  1.00 33.76 ? 66  LYS A CD  1 
ATOM   419  C  CE  . LYS A 1 54  ? 2.531   -8.161  16.628  1.00 36.81 ? 66  LYS A CE  1 
ATOM   420  N  NZ  . LYS A 1 54  ? 3.634   -7.146  16.809  1.00 40.21 ? 66  LYS A NZ  1 
ATOM   421  N  N   . PHE A 1 55  ? 1.735   -11.021 10.095  1.00 18.98 ? 67  PHE A N   1 
ATOM   422  C  CA  . PHE A 1 55  ? 1.074   -11.217 8.745   1.00 17.91 ? 67  PHE A CA  1 
ATOM   423  C  C   . PHE A 1 55  ? -0.497  -11.069 8.597   1.00 17.73 ? 67  PHE A C   1 
ATOM   424  O  O   . PHE A 1 55  ? -1.276  -11.668 9.351   1.00 22.05 ? 67  PHE A O   1 
ATOM   425  C  CB  . PHE A 1 55  ? 1.648   -12.540 8.271   1.00 17.38 ? 67  PHE A CB  1 
ATOM   426  C  CG  . PHE A 1 55  ? 1.708   -12.687 6.741   1.00 14.05 ? 67  PHE A CG  1 
ATOM   427  C  CD1 . PHE A 1 55  ? 0.602   -12.935 6.044   1.00 16.61 ? 67  PHE A CD1 1 
ATOM   428  C  CD2 . PHE A 1 55  ? 2.874   -12.524 6.143   1.00 14.65 ? 67  PHE A CD2 1 
ATOM   429  C  CE1 . PHE A 1 55  ? 0.700   -13.017 4.654   1.00 13.73 ? 67  PHE A CE1 1 
ATOM   430  C  CE2 . PHE A 1 55  ? 2.988   -12.729 4.715   1.00 13.49 ? 67  PHE A CE2 1 
ATOM   431  C  CZ  . PHE A 1 55  ? 1.903   -12.967 4.021   1.00 14.29 ? 67  PHE A CZ  1 
ATOM   432  N  N   . ASP A 1 56  ? -0.974  -10.165 7.735   1.00 12.73 ? 68  ASP A N   1 
ATOM   433  C  CA  . ASP A 1 56  ? -2.327  -9.911  7.532   1.00 13.10 ? 68  ASP A CA  1 
ATOM   434  C  C   . ASP A 1 56  ? -2.780  -10.475 6.204   1.00 14.26 ? 68  ASP A C   1 
ATOM   435  O  O   . ASP A 1 56  ? -2.323  -9.966  5.161   1.00 13.84 ? 68  ASP A O   1 
ATOM   436  C  CB  . ASP A 1 56  ? -2.584  -8.363  7.677   1.00 13.53 ? 68  ASP A CB  1 
ATOM   437  C  CG  . ASP A 1 56  ? -3.943  -7.938  7.256   1.00 14.55 ? 68  ASP A CG  1 
ATOM   438  O  OD1 . ASP A 1 56  ? -4.872  -8.824  7.180   1.00 18.01 ? 68  ASP A OD1 1 
ATOM   439  O  OD2 . ASP A 1 56  ? -4.033  -6.712  7.005   1.00 14.81 ? 68  ASP A OD2 1 
ATOM   440  N  N   . SER A 1 57  ? -3.590  -11.575 6.232   1.00 14.41 ? 69  SER A N   1 
ATOM   441  C  CA  . SER A 1 57  ? -4.236  -12.242 5.077   1.00 15.80 ? 69  SER A CA  1 
ATOM   442  C  C   . SER A 1 57  ? -5.723  -12.092 5.056   1.00 13.20 ? 69  SER A C   1 
ATOM   443  O  O   . SER A 1 57  ? -6.398  -12.745 4.298   1.00 14.68 ? 69  SER A O   1 
ATOM   444  C  CB  . SER A 1 57  ? -3.930  -13.741 5.093   1.00 16.61 ? 69  SER A CB  1 
ATOM   445  O  OG  . SER A 1 57  ? -2.495  -13.927 4.992   1.00 20.01 ? 69  SER A OG  1 
ATOM   446  N  N   . SER A 1 58  ? -6.253  -11.090 5.802   1.00 15.40 ? 70  SER A N   1 
ATOM   447  C  CA  . SER A 1 58  ? -7.672  -10.872 5.950   1.00 15.68 ? 70  SER A CA  1 
ATOM   448  C  C   . SER A 1 58  ? -8.331  -10.609 4.602   1.00 14.91 ? 70  SER A C   1 
ATOM   449  O  O   . SER A 1 58  ? -9.545  -10.855 4.566   1.00 15.00 ? 70  SER A O   1 
ATOM   450  C  CB  . SER A 1 58  ? -7.908  -9.667  6.939   1.00 16.55 ? 70  SER A CB  1 
ATOM   451  O  OG  . SER A 1 58  ? -7.358  -8.469  6.408   1.00 15.94 ? 70  SER A OG  1 
ATOM   452  N  N   . HIS A 1 59  ? -7.645  -10.054 3.610   1.00 13.83 ? 71  HIS A N   1 
ATOM   453  C  CA  . HIS A 1 59  ? -8.240  -9.727  2.362   1.00 12.88 ? 71  HIS A CA  1 
ATOM   454  C  C   . HIS A 1 59  ? -7.381  -10.263 1.248   1.00 13.77 ? 71  HIS A C   1 
ATOM   455  O  O   . HIS A 1 59  ? -7.365  -9.670  0.209   1.00 12.02 ? 71  HIS A O   1 
ATOM   456  C  CB  . HIS A 1 59  ? -8.505  -8.230  2.234   1.00 13.81 ? 71  HIS A CB  1 
ATOM   457  C  CG  . HIS A 1 59  ? -9.449  -7.661  3.298   1.00 16.13 ? 71  HIS A CG  1 
ATOM   458  N  ND1 . HIS A 1 59  ? -9.014  -7.421  4.591   1.00 18.18 ? 71  HIS A ND1 1 
ATOM   459  C  CD2 . HIS A 1 59  ? -10.773 -7.405  3.287   1.00 19.59 ? 71  HIS A CD2 1 
ATOM   460  C  CE1 . HIS A 1 59  ? -10.019 -6.937  5.313   1.00 18.31 ? 71  HIS A CE1 1 
ATOM   461  N  NE2 . HIS A 1 59  ? -11.090 -6.915  4.535   1.00 19.50 ? 71  HIS A NE2 1 
ATOM   462  N  N   . ASP A 1 60  ? -6.760  -11.406 1.529   1.00 15.07 ? 72  ASP A N   1 
ATOM   463  C  CA  . ASP A 1 60  ? -5.954  -12.053 0.484   1.00 15.22 ? 72  ASP A CA  1 
ATOM   464  C  C   . ASP A 1 60  ? -6.898  -12.985 -0.324  1.00 16.22 ? 72  ASP A C   1 
ATOM   465  O  O   . ASP A 1 60  ? -6.920  -14.215 -0.097  1.00 20.25 ? 72  ASP A O   1 
ATOM   466  C  CB  . ASP A 1 60  ? -4.831  -12.855 1.042   1.00 14.08 ? 72  ASP A CB  1 
ATOM   467  C  CG  . ASP A 1 60  ? -4.001  -13.575 -0.069  1.00 14.93 ? 72  ASP A CG  1 
ATOM   468  O  OD1 . ASP A 1 60  ? -4.044  -13.143 -1.143  1.00 19.02 ? 72  ASP A OD1 1 
ATOM   469  O  OD2 . ASP A 1 60  ? -3.339  -14.550 0.177   1.00 20.83 ? 72  ASP A OD2 1 
ATOM   470  N  N   . ARG A 1 61  ? -7.565  -12.434 -1.309  1.00 20.83 ? 73  ARG A N   1 
ATOM   471  C  CA  . ARG A 1 61  ? -8.363  -13.183 -2.312  1.00 21.31 ? 73  ARG A CA  1 
ATOM   472  C  C   . ARG A 1 61  ? -9.810  -13.564 -1.904  1.00 25.19 ? 73  ARG A C   1 
ATOM   473  O  O   . ARG A 1 61  ? -10.565 -14.059 -2.741  1.00 26.25 ? 73  ARG A O   1 
ATOM   474  C  CB  . ARG A 1 61  ? -7.554  -14.347 -2.966  1.00 26.67 ? 73  ARG A CB  1 
ATOM   475  C  CG  . ARG A 1 61  ? -6.237  -13.889 -3.684  1.00 19.12 ? 73  ARG A CG  1 
ATOM   476  C  CD  . ARG A 1 61  ? -5.404  -15.120 -4.210  1.00 21.26 ? 73  ARG A CD  1 
ATOM   477  N  NE  . ARG A 1 61  ? -3.883  -14.962 -4.271  1.00 20.37 ? 73  ARG A NE  1 
ATOM   478  C  CZ  . ARG A 1 61  ? -3.238  -14.466 -5.337  1.00 23.07 ? 73  ARG A CZ  1 
ATOM   479  N  NH1 . ARG A 1 61  ? -1.969  -14.179 -5.274  1.00 20.85 ? 73  ARG A NH1 1 
ATOM   480  N  NH2 . ARG A 1 61  ? -3.826  -14.172 -6.557  1.00 20.82 ? 73  ARG A NH2 1 
ATOM   481  N  N   . ASN A 1 62  ? -10.240 -13.292 -0.677  1.00 25.60 ? 74  ASN A N   1 
ATOM   482  C  CA  . ASN A 1 62  ? -11.590 -13.676 -0.140  1.00 27.34 ? 74  ASN A CA  1 
ATOM   483  C  C   . ASN A 1 62  ? -12.843 -12.731 -0.265  1.00 35.45 ? 74  ASN A C   1 
ATOM   484  O  O   . ASN A 1 62  ? -13.784 -13.075 -0.984  1.00 49.28 ? 74  ASN A O   1 
ATOM   485  C  CB  . ASN A 1 62  ? -11.442 -14.076 1.310   1.00 31.90 ? 74  ASN A CB  1 
ATOM   486  C  CG  . ASN A 1 62  ? -10.531 -13.132 2.097   1.00 35.26 ? 74  ASN A CG  1 
ATOM   487  O  OD1 . ASN A 1 62  ? -9.896  -12.208 1.524   1.00 39.11 ? 74  ASN A OD1 1 
ATOM   488  N  ND2 . ASN A 1 62  ? -10.488 -13.328 3.405   1.00 35.87 ? 74  ASN A ND2 1 
ATOM   489  N  N   . GLU A 1 63  ? -12.944 -11.669 0.528   1.00 28.95 ? 75  GLU A N   1 
ATOM   490  C  CA  . GLU A 1 63  ? -13.828 -10.539 0.257   1.00 25.57 ? 75  GLU A CA  1 
ATOM   491  C  C   . GLU A 1 63  ? -12.892 -9.308  -0.053  1.00 19.37 ? 75  GLU A C   1 
ATOM   492  O  O   . GLU A 1 63  ? -11.872 -9.147  0.535   1.00 18.97 ? 75  GLU A O   1 
ATOM   493  C  CB  . GLU A 1 63  ? -14.666 -10.099 1.475   1.00 31.45 ? 75  GLU A CB  1 
ATOM   494  C  CG  . GLU A 1 63  ? -15.689 -11.081 2.045   1.00 39.26 ? 75  GLU A CG  1 
ATOM   495  C  CD  . GLU A 1 63  ? -16.908 -11.302 1.149   1.00 47.70 ? 75  GLU A CD  1 
ATOM   496  O  OE1 . GLU A 1 63  ? -17.285 -10.392 0.364   1.00 62.54 ? 75  GLU A OE1 1 
ATOM   497  O  OE2 . GLU A 1 63  ? -17.519 -12.401 1.239   1.00 60.71 ? 75  GLU A OE2 1 
ATOM   498  N  N   . PRO A 1 64  ? -13.274 -8.492  -1.029  1.00 18.40 ? 76  PRO A N   1 
ATOM   499  C  CA  . PRO A 1 64  ? -12.433 -7.341  -1.295  1.00 16.85 ? 76  PRO A CA  1 
ATOM   500  C  C   . PRO A 1 64  ? -12.402 -6.339  -0.145  1.00 13.05 ? 76  PRO A C   1 
ATOM   501  O  O   . PRO A 1 64  ? -13.317 -6.168  0.660   1.00 14.77 ? 76  PRO A O   1 
ATOM   502  C  CB  . PRO A 1 64  ? -13.118 -6.674  -2.491  1.00 18.31 ? 76  PRO A CB  1 
ATOM   503  C  CG  . PRO A 1 64  ? -13.822 -7.816  -3.194  1.00 25.62 ? 76  PRO A CG  1 
ATOM   504  C  CD  . PRO A 1 64  ? -14.383 -8.561  -2.011  1.00 23.44 ? 76  PRO A CD  1 
ATOM   505  N  N   . PHE A 1 65  ? -11.249 -5.706  -0.083  1.00 10.36 ? 77  PHE A N   1 
ATOM   506  C  CA  . PHE A 1 65  ? -11.031 -4.610  0.819   1.00 9.64  ? 77  PHE A CA  1 
ATOM   507  C  C   . PHE A 1 65  ? -11.483 -3.345  0.118   1.00 8.91  ? 77  PHE A C   1 
ATOM   508  O  O   . PHE A 1 65  ? -11.059 -3.135  -1.005  1.00 9.87  ? 77  PHE A O   1 
ATOM   509  C  CB  . PHE A 1 65  ? -9.517  -4.602  1.122   1.00 10.38 ? 77  PHE A CB  1 
ATOM   510  C  CG  . PHE A 1 65  ? -9.065  -3.589  2.120   1.00 10.19 ? 77  PHE A CG  1 
ATOM   511  C  CD1 . PHE A 1 65  ? -9.036  -3.912  3.437   1.00 11.17 ? 77  PHE A CD1 1 
ATOM   512  C  CD2 . PHE A 1 65  ? -8.626  -2.402  1.777   1.00 10.57 ? 77  PHE A CD2 1 
ATOM   513  C  CE1 . PHE A 1 65  ? -8.553  -3.064  4.362   1.00 12.47 ? 77  PHE A CE1 1 
ATOM   514  C  CE2 . PHE A 1 65  ? -8.191  -1.484  2.735   1.00 11.69 ? 77  PHE A CE2 1 
ATOM   515  C  CZ  . PHE A 1 65  ? -8.149  -1.840  4.032   1.00 13.04 ? 77  PHE A CZ  1 
ATOM   516  N  N   . VAL A 1 66  ? -12.381 -2.575  0.699   1.00 8.93  ? 78  VAL A N   1 
ATOM   517  C  CA  . VAL A 1 66  ? -12.986 -1.434  0.068   1.00 8.78  ? 78  VAL A CA  1 
ATOM   518  C  C   . VAL A 1 66  ? -12.795 -0.188  0.861   1.00 9.05  ? 78  VAL A C   1 
ATOM   519  O  O   . VAL A 1 66  ? -12.942 -0.152  2.100   1.00 9.98  ? 78  VAL A O   1 
ATOM   520  C  CB  . VAL A 1 66  ? -14.511 -1.663  -0.109  1.00 10.49 ? 78  VAL A CB  1 
ATOM   521  C  CG1 . VAL A 1 66  ? -15.167 -0.517  -0.839  1.00 11.87 ? 78  VAL A CG1 1 
ATOM   522  C  CG2 . VAL A 1 66  ? -14.787 -2.984  -0.854  1.00 12.87 ? 78  VAL A CG2 1 
ATOM   523  N  N   . PHE A 1 67  ? -12.371 0.905   0.195   1.00 9.01  ? 79  PHE A N   1 
ATOM   524  C  CA  . PHE A 1 67  ? -12.272 2.173   0.849   1.00 8.75  ? 79  PHE A CA  1 
ATOM   525  C  C   . PHE A 1 67  ? -12.331 3.297   -0.209  1.00 8.20  ? 79  PHE A C   1 
ATOM   526  O  O   . PHE A 1 67  ? -12.194 3.040   -1.394  1.00 8.83  ? 79  PHE A O   1 
ATOM   527  C  CB  . PHE A 1 67  ? -10.990 2.240   1.667   1.00 10.60 ? 79  PHE A CB  1 
ATOM   528  C  CG  . PHE A 1 67  ? -9.657  2.313   0.888   1.00 9.50  ? 79  PHE A CG  1 
ATOM   529  C  CD1 . PHE A 1 67  ? -9.022  3.519   0.709   1.00 9.04  ? 79  PHE A CD1 1 
ATOM   530  C  CD2 . PHE A 1 67  ? -9.065  1.186   0.376   1.00 12.49 ? 79  PHE A CD2 1 
ATOM   531  C  CE1 . PHE A 1 67  ? -7.832  3.610   0.028   1.00 10.18 ? 79  PHE A CE1 1 
ATOM   532  C  CE2 . PHE A 1 67  ? -7.869  1.273   -0.288  1.00 12.76 ? 79  PHE A CE2 1 
ATOM   533  C  CZ  . PHE A 1 67  ? -7.286  2.471   -0.480  1.00 11.57 ? 79  PHE A CZ  1 
ATOM   534  N  N   . SER A 1 68  ? -12.590 4.483   0.313   1.00 8.99  ? 80  SER A N   1 
ATOM   535  C  CA  . SER A 1 68  ? -12.588 5.691   -0.538  1.00 9.21  ? 80  SER A CA  1 
ATOM   536  C  C   . SER A 1 68  ? -11.208 6.319   -0.484  1.00 7.48  ? 80  SER A C   1 
ATOM   537  O  O   . SER A 1 68  ? -10.698 6.622   0.577   1.00 9.10  ? 80  SER A O   1 
ATOM   538  C  CB  . SER A 1 68  ? -13.616 6.683   -0.092  1.00 9.94  ? 80  SER A CB  1 
ATOM   539  O  OG  . SER A 1 68  ? -14.952 6.123   -0.289  1.00 14.34 ? 80  SER A OG  1 
ATOM   540  N  N   . LEU A 1 69  ? -10.597 6.484   -1.641  1.00 8.21  ? 81  LEU A N   1 
ATOM   541  C  CA  . LEU A 1 69  ? -9.230  6.839   -1.783  1.00 7.87  ? 81  LEU A CA  1 
ATOM   542  C  C   . LEU A 1 69  ? -9.060  8.343   -1.423  1.00 8.62  ? 81  LEU A C   1 
ATOM   543  O  O   . LEU A 1 69  ? -9.824  9.230   -1.760  1.00 8.03  ? 81  LEU A O   1 
ATOM   544  C  CB  . LEU A 1 69  ? -8.804  6.710   -3.225  1.00 10.01 ? 81  LEU A CB  1 
ATOM   545  C  CG  . LEU A 1 69  ? -7.367  6.917   -3.537  1.00 9.86  ? 81  LEU A CG  1 
ATOM   546  C  CD1 . LEU A 1 69  ? -6.462  5.907   -2.856  1.00 9.96  ? 81  LEU A CD1 1 
ATOM   547  C  CD2 . LEU A 1 69  ? -7.184  6.838   -5.045  1.00 10.64 ? 81  LEU A CD2 1 
ATOM   548  N  N   . GLY A 1 70  ? -7.970  8.661   -0.698  1.00 8.69  ? 82  GLY A N   1 
ATOM   549  C  CA  . GLY A 1 70  ? -7.564  9.999   -0.378  1.00 10.78 ? 82  GLY A CA  1 
ATOM   550  C  C   . GLY A 1 70  ? -8.405  10.627  0.604   1.00 13.22 ? 82  GLY A C   1 
ATOM   551  O  O   . GLY A 1 70  ? -8.358  11.898  0.686   1.00 17.57 ? 82  GLY A O   1 
ATOM   552  N  N   . LYS A 1 71  ? -9.112  9.852   1.422   1.00 14.17 ? 83  LYS A N   1 
ATOM   553  C  CA  . LYS A 1 71  ? -9.988  10.370  2.470   1.00 14.55 ? 83  LYS A CA  1 
ATOM   554  C  C   . LYS A 1 71  ? -9.389  9.978   3.848   1.00 14.16 ? 83  LYS A C   1 
ATOM   555  O  O   . LYS A 1 71  ? -10.021 10.201  4.844   1.00 18.37 ? 83  LYS A O   1 
ATOM   556  C  CB  . LYS A 1 71  ? -11.385 9.845   2.314   1.00 15.85 ? 83  LYS A CB  1 
ATOM   557  C  CG  . LYS A 1 71  ? -12.053 10.169  0.946   1.00 20.40 ? 83  LYS A CG  1 
ATOM   558  C  CD  . LYS A 1 71  ? -12.258 11.678  0.745   1.00 27.22 ? 83  LYS A CD  1 
ATOM   559  C  CE  . LYS A 1 71  ? -13.141 11.919  -0.476  1.00 28.54 ? 83  LYS A CE  1 
ATOM   560  N  NZ  . LYS A 1 71  ? -13.159 13.274  -1.108  1.00 35.40 ? 83  LYS A NZ  1 
ATOM   561  N  N   . GLY A 1 72  ? -8.205  9.434   3.952   1.00 13.23 ? 84  GLY A N   1 
ATOM   562  C  CA  . GLY A 1 72  ? -7.649  9.105   5.261   1.00 11.56 ? 84  GLY A CA  1 
ATOM   563  C  C   . GLY A 1 72  ? -8.437  7.900   5.889   1.00 12.14 ? 84  GLY A C   1 
ATOM   564  O  O   . GLY A 1 72  ? -8.529  7.754   7.123   1.00 13.59 ? 84  GLY A O   1 
ATOM   565  N  N   . GLN A 1 73  ? -8.988  7.031   5.067   1.00 9.56  ? 85  GLN A N   1 
ATOM   566  C  CA  . GLN A 1 73  ? -9.569  5.795   5.582   1.00 8.94  ? 85  GLN A CA  1 
ATOM   567  C  C   . GLN A 1 73  ? -8.563  4.680   5.832   1.00 7.57  ? 85  GLN A C   1 
ATOM   568  O  O   . GLN A 1 73  ? -8.841  3.629   6.394   1.00 8.76  ? 85  GLN A O   1 
ATOM   569  C  CB  . GLN A 1 73  ? -10.622 5.278   4.603   1.00 8.80  ? 85  GLN A CB  1 
ATOM   570  C  CG  . GLN A 1 73  ? -11.881 6.207   4.596   1.00 10.95 ? 85  GLN A CG  1 
ATOM   571  C  CD  . GLN A 1 73  ? -12.966 5.761   3.676   1.00 12.11 ? 85  GLN A CD  1 
ATOM   572  O  OE1 . GLN A 1 73  ? -12.970 4.716   3.134   1.00 12.89 ? 85  GLN A OE1 1 
ATOM   573  N  NE2 . GLN A 1 73  ? -13.964 6.657   3.532   1.00 16.47 ? 85  GLN A NE2 1 
ATOM   574  N  N   . VAL A 1 74  ? -7.324  4.893   5.320   1.00 7.63  ? 86  VAL A N   1 
ATOM   575  C  CA  . VAL A 1 74  ? -6.190  4.021   5.436   1.00 8.04  ? 86  VAL A CA  1 
ATOM   576  C  C   . VAL A 1 74  ? -4.968  4.860   5.723   1.00 8.08  ? 86  VAL A C   1 
ATOM   577  O  O   . VAL A 1 74  ? -5.005  6.066   5.618   1.00 8.02  ? 86  VAL A O   1 
ATOM   578  C  CB  . VAL A 1 74  ? -5.976  3.198   4.093   1.00 8.29  ? 86  VAL A CB  1 
ATOM   579  C  CG1 . VAL A 1 74  ? -7.151  2.225   3.834   1.00 8.27  ? 86  VAL A CG1 1 
ATOM   580  C  CG2 . VAL A 1 74  ? -5.805  4.202   2.949   1.00 8.35  ? 86  VAL A CG2 1 
ATOM   581  N  N   . ILE A 1 75  ? -3.876  4.185   6.013   1.00 7.45  ? 87  ILE A N   1 
ATOM   582  C  CA  . ILE A 1 75  ? -2.612  4.885   6.282   1.00 7.26  ? 87  ILE A CA  1 
ATOM   583  C  C   . ILE A 1 75  ? -2.196  5.662   5.057   1.00 6.78  ? 87  ILE A C   1 
ATOM   584  O  O   . ILE A 1 75  ? -2.540  5.355   3.866   1.00 7.43  ? 87  ILE A O   1 
ATOM   585  C  CB  . ILE A 1 75  ? -1.524  3.939   6.654   1.00 7.75  ? 87  ILE A CB  1 
ATOM   586  C  CG1 . ILE A 1 75  ? -1.287  2.765   5.698   1.00 8.38  ? 87  ILE A CG1 1 
ATOM   587  C  CG2 . ILE A 1 75  ? -1.757  3.448   8.096   1.00 8.97  ? 87  ILE A CG2 1 
ATOM   588  C  CD1 . ILE A 1 75  ? 0.003   1.991   6.005   1.00 8.80  ? 87  ILE A CD1 1 
ATOM   589  N  N   . LYS A 1 76  ? -1.366  6.682   5.254   1.00 7.27  ? 88  LYS A N   1 
ATOM   590  C  CA  . LYS A 1 76  ? -0.948  7.577   4.195   1.00 7.41  ? 88  LYS A CA  1 
ATOM   591  C  C   . LYS A 1 76  ? -0.317  6.852   3.064   1.00 6.61  ? 88  LYS A C   1 
ATOM   592  O  O   . LYS A 1 76  ? -0.548  7.149   1.885   1.00 7.46  ? 88  LYS A O   1 
ATOM   593  C  CB  . LYS A 1 76  ? 0.034   8.647   4.705   1.00 10.36 ? 88  LYS A CB  1 
ATOM   594  C  CG  . LYS A 1 76  ? -0.623  9.663   5.622   1.00 13.89 ? 88  LYS A CG  1 
ATOM   595  C  CD  . LYS A 1 76  ? 0.478   10.621  6.153   1.00 20.24 ? 88  LYS A CD  1 
ATOM   596  C  CE  . LYS A 1 76  ? -0.063  11.627  7.226   1.00 27.11 ? 88  LYS A CE  1 
ATOM   597  N  NZ  . LYS A 1 76  ? 0.797   12.847  7.310   1.00 35.45 ? 88  LYS A NZ  1 
ATOM   598  N  N   . ALA A 1 77  ? 0.540   5.844   3.343   1.00 7.31  ? 89  ALA A N   1 
ATOM   599  C  CA  . ALA A 1 77  ? 1.230   5.116   2.286   1.00 6.93  ? 89  ALA A CA  1 
ATOM   600  C  C   . ALA A 1 77  ? 0.267   4.513   1.274   1.00 6.49  ? 89  ALA A C   1 
ATOM   601  O  O   . ALA A 1 77  ? 0.605   4.353   0.092   1.00 6.83  ? 89  ALA A O   1 
ATOM   602  C  CB  . ALA A 1 77  ? 2.041   4.022   2.880   1.00 7.31  ? 89  ALA A CB  1 
ATOM   603  N  N   . TRP A 1 78  ? -0.899  4.075   1.733   1.00 6.37  ? 90  TRP A N   1 
ATOM   604  C  CA  . TRP A 1 78  ? -1.940  3.497   0.853   1.00 6.28  ? 90  TRP A CA  1 
ATOM   605  C  C   . TRP A 1 78  ? -2.674  4.545   0.067   1.00 6.89  ? 90  TRP A C   1 
ATOM   606  O  O   . TRP A 1 78  ? -2.943  4.353   -1.133  1.00 6.98  ? 90  TRP A O   1 
ATOM   607  C  CB  . TRP A 1 78  ? -2.919  2.640   1.602   1.00 5.69  ? 90  TRP A CB  1 
ATOM   608  C  CG  . TRP A 1 78  ? -2.487  1.185   1.736   1.00 6.31  ? 90  TRP A CG  1 
ATOM   609  C  CD1 . TRP A 1 78  ? -1.296  0.720   2.214   1.00 6.64  ? 90  TRP A CD1 1 
ATOM   610  C  CD2 . TRP A 1 78  ? -3.280  0.054   1.430   1.00 6.42  ? 90  TRP A CD2 1 
ATOM   611  N  NE1 . TRP A 1 78  ? -1.268  -0.670  2.189   1.00 6.63  ? 90  TRP A NE1 1 
ATOM   612  C  CE2 . TRP A 1 78  ? -2.505  -1.118  1.721   1.00 6.11  ? 90  TRP A CE2 1 
ATOM   613  C  CE3 . TRP A 1 78  ? -4.567  -0.126  0.931   1.00 7.59  ? 90  TRP A CE3 1 
ATOM   614  C  CZ2 . TRP A 1 78  ? -3.035  -2.418  1.510   1.00 6.97  ? 90  TRP A CZ2 1 
ATOM   615  C  CZ3 . TRP A 1 78  ? -5.024  -1.382  0.755   1.00 7.43  ? 90  TRP A CZ3 1 
ATOM   616  C  CH2 . TRP A 1 78  ? -4.294  -2.521  1.009   1.00 7.07  ? 90  TRP A CH2 1 
ATOM   617  N  N   . ASP A 1 79  ? -3.000  5.700   0.641   1.00 6.70  ? 91  ASP A N   1 
ATOM   618  C  CA  . ASP A 1 79  ? -3.594  6.765   -0.139  1.00 7.26  ? 91  ASP A CA  1 
ATOM   619  C  C   . ASP A 1 79  ? -2.677  7.227   -1.205  1.00 8.01  ? 91  ASP A C   1 
ATOM   620  O  O   . ASP A 1 79  ? -3.118  7.590   -2.322  1.00 8.08  ? 91  ASP A O   1 
ATOM   621  C  CB  . ASP A 1 79  ? -4.049  7.913   0.798   1.00 8.17  ? 91  ASP A CB  1 
ATOM   622  C  CG  . ASP A 1 79  ? -5.486  7.770   1.311   1.00 8.28  ? 91  ASP A CG  1 
ATOM   623  O  OD1 . ASP A 1 79  ? -6.236  6.980   0.842   1.00 9.38  ? 91  ASP A OD1 1 
ATOM   624  O  OD2 . ASP A 1 79  ? -5.763  8.509   2.329   1.00 11.79 ? 91  ASP A OD2 1 
ATOM   625  N  N   . ILE A 1 80  ? -1.381  7.226   -0.963  1.00 7.69  ? 92  ILE A N   1 
ATOM   626  C  CA  . ILE A 1 80  ? -0.351  7.568   -1.973  1.00 8.77  ? 92  ILE A CA  1 
ATOM   627  C  C   . ILE A 1 80  ? -0.175  6.424   -2.963  1.00 7.50  ? 92  ILE A C   1 
ATOM   628  O  O   . ILE A 1 80  ? -0.224  6.654   -4.213  1.00 8.24  ? 92  ILE A O   1 
ATOM   629  C  CB  . ILE A 1 80  ? 0.987   7.834   -1.247  1.00 9.75  ? 92  ILE A CB  1 
ATOM   630  C  CG1 . ILE A 1 80  ? 0.879   9.101   -0.395  1.00 9.28  ? 92  ILE A CG1 1 
ATOM   631  C  CG2 . ILE A 1 80  ? 2.141   7.837   -2.267  1.00 11.18 ? 92  ILE A CG2 1 
ATOM   632  C  CD1 . ILE A 1 80  ? 2.024   9.185   0.649   1.00 9.41  ? 92  ILE A CD1 1 
ATOM   633  N  N   . GLY A 1 81  ? 0.028   5.205   -2.520  1.00 7.20  ? 93  GLY A N   1 
ATOM   634  C  CA  . GLY A 1 81  ? 0.398   4.121   -3.396  1.00 6.70  ? 93  GLY A CA  1 
ATOM   635  C  C   . GLY A 1 81  ? -0.733  3.512   -4.206  1.00 6.43  ? 93  GLY A C   1 
ATOM   636  O  O   . GLY A 1 81  ? -0.588  3.272   -5.403  1.00 6.19  ? 93  GLY A O   1 
ATOM   637  N  N   . VAL A 1 82  ? -1.913  3.339   -3.635  1.00 6.28  ? 94  VAL A N   1 
ATOM   638  C  CA  . VAL A 1 82  ? -3.021  2.744   -4.403  1.00 6.55  ? 94  VAL A CA  1 
ATOM   639  C  C   . VAL A 1 82  ? -3.451  3.728   -5.493  1.00 6.19  ? 94  VAL A C   1 
ATOM   640  O  O   . VAL A 1 82  ? -3.838  3.321   -6.604  1.00 7.14  ? 94  VAL A O   1 
ATOM   641  C  CB  . VAL A 1 82  ? -4.182  2.366   -3.450  1.00 7.38  ? 94  VAL A CB  1 
ATOM   642  C  CG1 . VAL A 1 82  ? -5.369  1.900   -4.313  1.00 7.62  ? 94  VAL A CG1 1 
ATOM   643  C  CG2 . VAL A 1 82  ? -3.704  1.258   -2.524  1.00 8.91  ? 94  VAL A CG2 1 
ATOM   644  N  N   . ALA A 1 83  ? -3.305  5.036   -5.276  1.00 6.44  ? 95  ALA A N   1 
ATOM   645  C  CA  . ALA A 1 83  ? -3.615  6.069   -6.271  1.00 7.37  ? 95  ALA A CA  1 
ATOM   646  C  C   . ALA A 1 83  ? -2.851  5.910   -7.524  1.00 7.10  ? 95  ALA A C   1 
ATOM   647  O  O   . ALA A 1 83  ? -3.302  6.371   -8.581  1.00 8.92  ? 95  ALA A O   1 
ATOM   648  C  CB  . ALA A 1 83  ? -3.378  7.430   -5.701  1.00 7.88  ? 95  ALA A CB  1 
ATOM   649  N  N   . THR A 1 84  ? -1.654  5.307   -7.477  1.00 6.64  ? 96  THR A N   1 
ATOM   650  C  CA  . THR A 1 84  ? -0.837  5.140   -8.654  1.00 7.16  ? 96  THR A CA  1 
ATOM   651  C  C   . THR A 1 84  ? -1.091  3.876   -9.445  1.00 7.98  ? 96  THR A C   1 
ATOM   652  O  O   . THR A 1 84  ? -0.422  3.713   -10.493 1.00 10.17 ? 96  THR A O   1 
ATOM   653  C  CB  . THR A 1 84  ? 0.671   5.161   -8.234  1.00 7.28  ? 96  THR A CB  1 
ATOM   654  O  OG1 . THR A 1 84  ? 0.998   3.900   -7.565  1.00 7.58  ? 96  THR A OG1 1 
ATOM   655  C  CG2 . THR A 1 84  ? 1.113   6.351   -7.429  1.00 7.85  ? 96  THR A CG2 1 
ATOM   656  N  N   . MET A 1 85  ? -2.015  3.069   -9.004  1.00 6.98  ? 97  MET A N   1 
ATOM   657  C  CA  . MET A 1 85  ? -2.256  1.767   -9.602  1.00 7.37  ? 97  MET A CA  1 
ATOM   658  C  C   . MET A 1 85  ? -3.320  1.821   -10.666 1.00 7.64  ? 97  MET A C   1 
ATOM   659  O  O   . MET A 1 85  ? -4.331  2.454   -10.546 1.00 7.14  ? 97  MET A O   1 
ATOM   660  C  CB  . MET A 1 85  ? -2.648  0.764   -8.513  1.00 6.52  ? 97  MET A CB  1 
ATOM   661  C  CG  . MET A 1 85  ? -1.593  0.531   -7.440  1.00 6.35  ? 97  MET A CG  1 
ATOM   662  S  SD  . MET A 1 85  ? -2.070  -0.678  -6.201  1.00 6.76  ? 97  MET A SD  1 
ATOM   663  C  CE  . MET A 1 85  ? -1.941  -2.151  -7.200  1.00 7.44  ? 97  MET A CE  1 
ATOM   664  N  N   . LYS A 1 86  ? -3.071  0.956   -11.682 1.00 8.26  ? 98  LYS A N   1 
ATOM   665  C  CA  . LYS A 1 86  ? -4.077  0.626   -12.727 1.00 8.19  ? 98  LYS A CA  1 
ATOM   666  C  C   . LYS A 1 86  ? -4.917  -0.490  -12.338 1.00 7.15  ? 98  LYS A C   1 
ATOM   667  O  O   . LYS A 1 86  ? -4.563  -1.362  -11.501 1.00 7.48  ? 98  LYS A O   1 
ATOM   668  C  CB  . LYS A 1 86  ? -3.423  0.335   -14.068 1.00 9.01  ? 98  LYS A CB  1 
ATOM   669  C  CG  . LYS A 1 86  ? -2.656  1.495   -14.570 1.00 10.47 ? 98  LYS A CG  1 
ATOM   670  C  CD  . LYS A 1 86  ? -1.842  1.137   -15.794 1.00 14.62 ? 98  LYS A CD  1 
ATOM   671  C  CE  . LYS A 1 86  ? -1.002  2.274   -16.310 1.00 15.80 ? 98  LYS A CE  1 
ATOM   672  N  NZ  . LYS A 1 86  ? 0.255   2.481   -15.509 1.00 20.89 ? 98  LYS A NZ  1 
ATOM   673  N  N   . LYS A 1 87  ? -6.148  -0.642  -12.857 1.00 8.49  ? 99  LYS A N   1 
ATOM   674  C  CA  . LYS A 1 87  ? -6.959  -1.816  -12.604 1.00 8.90  ? 99  LYS A CA  1 
ATOM   675  C  C   . LYS A 1 87  ? -6.199  -3.060  -13.075 1.00 9.20  ? 99  LYS A C   1 
ATOM   676  O  O   . LYS A 1 87  ? -5.707  -3.077  -14.206 1.00 10.51 ? 99  LYS A O   1 
ATOM   677  C  CB  . LYS A 1 87  ? -8.324  -1.661  -13.354 1.00 11.09 ? 99  LYS A CB  1 
ATOM   678  C  CG  . LYS A 1 87  ? -9.206  -0.496  -12.963 1.00 12.67 ? 99  LYS A CG  1 
ATOM   679  C  CD  . LYS A 1 87  ? -10.640 -0.605  -13.469 1.00 16.15 ? 99  LYS A CD  1 
ATOM   680  C  CE  . LYS A 1 87  ? -11.393 0.705   -13.272 1.00 15.86 ? 99  LYS A CE  1 
ATOM   681  N  NZ  . LYS A 1 87  ? -12.802 0.457   -13.651 1.00 19.30 ? 99  LYS A NZ  1 
ATOM   682  N  N   . GLY A 1 88  ? -6.215  -4.067  -12.215 1.00 7.53  ? 100 GLY A N   1 
ATOM   683  C  CA  . GLY A 1 88  ? -5.518  -5.334  -12.473 1.00 8.93  ? 100 GLY A CA  1 
ATOM   684  C  C   . GLY A 1 88  ? -4.061  -5.358  -12.095 1.00 7.89  ? 100 GLY A C   1 
ATOM   685  O  O   . GLY A 1 88  ? -3.424  -6.397  -12.159 1.00 9.09  ? 100 GLY A O   1 
ATOM   686  N  N   . GLU A 1 89  ? -3.503  -4.205  -11.692 1.00 7.77  ? 101 GLU A N   1 
ATOM   687  C  CA  . GLU A 1 89  ? -2.101  -4.118  -11.286 1.00 7.09  ? 101 GLU A CA  1 
ATOM   688  C  C   . GLU A 1 89  ? -1.870  -4.804  -9.920  1.00 6.64  ? 101 GLU A C   1 
ATOM   689  O  O   . GLU A 1 89  ? -2.745  -4.781  -9.032  1.00 6.96  ? 101 GLU A O   1 
ATOM   690  C  CB  . GLU A 1 89  ? -1.668  -2.654  -11.180 1.00 7.57  ? 101 GLU A CB  1 
ATOM   691  C  CG  . GLU A 1 89  ? -0.259  -2.432  -10.776 1.00 7.34  ? 101 GLU A CG  1 
ATOM   692  C  CD  . GLU A 1 89  ? 0.057   -0.949  -10.689 1.00 8.20  ? 101 GLU A CD  1 
ATOM   693  O  OE1 . GLU A 1 89  ? -0.324  -0.208  -11.650 1.00 8.20  ? 101 GLU A OE1 1 
ATOM   694  O  OE2 . GLU A 1 89  ? 0.744   -0.552  -9.718  1.00 8.00  ? 101 GLU A OE2 1 
ATOM   695  N  N   . ILE A 1 90  ? -0.725  -5.454  -9.801  1.00 6.87  ? 102 ILE A N   1 
ATOM   696  C  CA  . ILE A 1 90  ? -0.270  -5.892  -8.478  1.00 7.28  ? 102 ILE A CA  1 
ATOM   697  C  C   . ILE A 1 90  ? 1.052   -5.190  -8.260  1.00 6.98  ? 102 ILE A C   1 
ATOM   698  O  O   . ILE A 1 90  ? 1.944   -5.123  -9.098  1.00 7.74  ? 102 ILE A O   1 
ATOM   699  C  CB  . ILE A 1 90  ? -0.055  -7.457  -8.404  1.00 7.72  ? 102 ILE A CB  1 
ATOM   700  C  CG1 . ILE A 1 90  ? -1.324  -8.132  -8.835  1.00 8.34  ? 102 ILE A CG1 1 
ATOM   701  C  CG2 . ILE A 1 90  ? 0.453   -7.786  -6.987  1.00 7.97  ? 102 ILE A CG2 1 
ATOM   702  C  CD1 . ILE A 1 90  ? -1.188  -9.617  -8.905  1.00 10.01 ? 102 ILE A CD1 1 
ATOM   703  N  N   . CYS A 1 91  ? 1.206   -4.596  -7.073  1.00 6.53  ? 103 CYS A N   1 
ATOM   704  C  CA  . CYS A 1 91  ? 2.433   -3.951  -6.654  1.00 6.77  ? 103 CYS A CA  1 
ATOM   705  C  C   . CYS A 1 91  ? 2.933   -4.439  -5.302  1.00 6.01  ? 103 CYS A C   1 
ATOM   706  O  O   . CYS A 1 91  ? 2.182   -5.033  -4.512  1.00 6.68  ? 103 CYS A O   1 
ATOM   707  C  CB  . CYS A 1 91  ? 2.342   -2.426  -6.690  1.00 6.91  ? 103 CYS A CB  1 
ATOM   708  S  SG  . CYS A 1 91  ? 1.581   -1.647  -5.253  1.00 7.50  ? 103 CYS A SG  1 
ATOM   709  N  N   . HIS A 1 92  ? 4.182   -4.154  -5.039  1.00 6.15  ? 104 HIS A N   1 
ATOM   710  C  CA  . HIS A 1 92  ? 4.814   -4.280  -3.697  1.00 6.47  ? 104 HIS A CA  1 
ATOM   711  C  C   . HIS A 1 92  ? 5.085   -2.898  -3.191  1.00 5.83  ? 104 HIS A C   1 
ATOM   712  O  O   . HIS A 1 92  ? 5.573   -2.016  -3.976  1.00 6.44  ? 104 HIS A O   1 
ATOM   713  C  CB  . HIS A 1 92  ? 6.092   -5.060  -3.797  1.00 6.69  ? 104 HIS A CB  1 
ATOM   714  C  CG  . HIS A 1 92  ? 5.865   -6.511  -3.980  1.00 6.83  ? 104 HIS A CG  1 
ATOM   715  N  ND1 . HIS A 1 92  ? 6.910   -7.415  -4.165  1.00 8.10  ? 104 HIS A ND1 1 
ATOM   716  C  CD2 . HIS A 1 92  ? 4.729   -7.229  -3.915  1.00 7.34  ? 104 HIS A CD2 1 
ATOM   717  C  CE1 . HIS A 1 92  ? 6.379   -8.621  -4.233  1.00 7.65  ? 104 HIS A CE1 1 
ATOM   718  N  NE2 . HIS A 1 92  ? 5.067   -8.541  -4.071  1.00 8.32  ? 104 HIS A NE2 1 
ATOM   719  N  N   . LEU A 1 93  ? 4.744   -2.631  -1.928  1.00 6.19  ? 105 LEU A N   1 
ATOM   720  C  CA  . LEU A 1 93  ? 4.816   -1.320  -1.390  1.00 7.05  ? 105 LEU A CA  1 
ATOM   721  C  C   . LEU A 1 93  ? 5.515   -1.410  -0.022  1.00 7.85  ? 105 LEU A C   1 
ATOM   722  O  O   . LEU A 1 93  ? 5.040   -2.182  0.885   1.00 8.05  ? 105 LEU A O   1 
ATOM   723  C  CB  . LEU A 1 93  ? 3.409   -0.770  -1.205  1.00 8.74  ? 105 LEU A CB  1 
ATOM   724  C  CG  . LEU A 1 93  ? 3.195   0.659   -1.132  1.00 9.70  ? 105 LEU A CG  1 
ATOM   725  C  CD1 . LEU A 1 93  ? 3.466   1.333   -2.497  1.00 10.69 ? 105 LEU A CD1 1 
ATOM   726  C  CD2 . LEU A 1 93  ? 1.796   0.974   -0.698  1.00 9.61  ? 105 LEU A CD2 1 
ATOM   727  N  N   . LEU A 1 94  ? 6.621   -0.689  0.176   1.00 6.75  ? 106 LEU A N   1 
ATOM   728  C  CA  . LEU A 1 94  ? 7.371   -0.645  1.446   1.00 7.47  ? 106 LEU A CA  1 
ATOM   729  C  C   . LEU A 1 94  ? 7.081   0.674   2.050   1.00 7.30  ? 106 LEU A C   1 
ATOM   730  O  O   . LEU A 1 94  ? 7.302   1.719   1.411   1.00 7.84  ? 106 LEU A O   1 
ATOM   731  C  CB  . LEU A 1 94  ? 8.876   -0.900  1.170   1.00 8.25  ? 106 LEU A CB  1 
ATOM   732  C  CG  . LEU A 1 94  ? 9.697   -1.073  2.448   1.00 9.35  ? 106 LEU A CG  1 
ATOM   733  C  CD1 . LEU A 1 94  ? 9.431   -2.357  3.183   1.00 9.02  ? 106 LEU A CD1 1 
ATOM   734  C  CD2 . LEU A 1 94  ? 11.205  -1.062  1.944   1.00 9.82  ? 106 LEU A CD2 1 
ATOM   735  N  N   . CYS A 1 95  ? 6.657   0.685   3.329   1.00 7.60  ? 107 CYS A N   1 
ATOM   736  C  CA  . CYS A 1 95  ? 6.066   1.848   3.972   1.00 7.62  ? 107 CYS A CA  1 
ATOM   737  C  C   . CYS A 1 95  ? 6.777   2.154   5.277   1.00 8.10  ? 107 CYS A C   1 
ATOM   738  O  O   . CYS A 1 95  ? 6.689   1.418   6.220   1.00 8.52  ? 107 CYS A O   1 
ATOM   739  C  CB  . CYS A 1 95  ? 4.572   1.599   4.282   1.00 7.29  ? 107 CYS A CB  1 
ATOM   740  S  SG  . CYS A 1 95  ? 3.656   1.006   2.819   1.00 8.71  ? 107 CYS A SG  1 
ATOM   741  N  N   A LYS A 1 96  ? 7.490   3.294   5.297   0.60 8.89  ? 108 LYS A N   1 
ATOM   742  N  N   B LYS A 1 96  ? 7.476   3.291   5.306   0.40 8.80  ? 108 LYS A N   1 
ATOM   743  C  CA  A LYS A 1 96  ? 8.159   3.729   6.525   0.60 10.10 ? 108 LYS A CA  1 
ATOM   744  C  CA  B LYS A 1 96  ? 8.141   3.703   6.530   0.40 9.66  ? 108 LYS A CA  1 
ATOM   745  C  C   A LYS A 1 96  ? 7.179   4.291   7.530   0.60 10.43 ? 108 LYS A C   1 
ATOM   746  C  C   B LYS A 1 96  ? 7.165   4.260   7.536   0.40 10.11 ? 108 LYS A C   1 
ATOM   747  O  O   A LYS A 1 96  ? 6.057   4.656   7.183   0.60 9.39  ? 108 LYS A O   1 
ATOM   748  O  O   B LYS A 1 96  ? 6.042   4.594   7.200   0.40 9.54  ? 108 LYS A O   1 
ATOM   749  C  CB  A LYS A 1 96  ? 9.144   4.858   6.244   0.60 11.79 ? 108 LYS A CB  1 
ATOM   750  C  CB  B LYS A 1 96  ? 9.140   4.791   6.227   0.40 10.58 ? 108 LYS A CB  1 
ATOM   751  C  CG  A LYS A 1 96  ? 10.345  4.477   5.440   0.60 13.19 ? 108 LYS A CG  1 
ATOM   752  C  CG  B LYS A 1 96  ? 10.306  4.317   5.425   0.40 11.14 ? 108 LYS A CG  1 
ATOM   753  C  CD  A LYS A 1 96  ? 11.351  5.681   5.285   0.60 15.42 ? 108 LYS A CD  1 
ATOM   754  C  CD  B LYS A 1 96  ? 11.464  5.304   5.603   0.40 12.23 ? 108 LYS A CD  1 
ATOM   755  C  CE  A LYS A 1 96  ? 12.643  5.478   4.480   0.60 18.31 ? 108 LYS A CE  1 
ATOM   756  C  CE  B LYS A 1 96  ? 12.415  5.411   4.450   0.40 12.82 ? 108 LYS A CE  1 
ATOM   757  N  NZ  A LYS A 1 96  ? 13.385  4.229   4.865   0.60 16.50 ? 108 LYS A NZ  1 
ATOM   758  N  NZ  B LYS A 1 96  ? 12.468  6.847   4.274   0.40 10.60 ? 108 LYS A NZ  1 
ATOM   759  N  N   . PRO A 1 97  ? 7.577   4.349   8.786   1.00 9.93  ? 109 PRO A N   1 
ATOM   760  C  CA  . PRO A 1 97  ? 6.573   4.708   9.765   1.00 9.25  ? 109 PRO A CA  1 
ATOM   761  C  C   . PRO A 1 97  ? 5.917   6.043   9.606   1.00 10.20 ? 109 PRO A C   1 
ATOM   762  O  O   . PRO A 1 97  ? 4.726   6.196   9.963   1.00 11.42 ? 109 PRO A O   1 
ATOM   763  C  CB  . PRO A 1 97  ? 7.333   4.667   11.103  1.00 11.60 ? 109 PRO A CB  1 
ATOM   764  C  CG  . PRO A 1 97  ? 8.687   4.429   10.791  1.00 12.03 ? 109 PRO A CG  1 
ATOM   765  C  CD  . PRO A 1 97  ? 8.836   3.884   9.364   1.00 10.06 ? 109 PRO A CD  1 
ATOM   766  N  N   . GLU A 1 98  ? 6.570   6.999   9.072   1.00 9.84  ? 110 GLU A N   1 
ATOM   767  C  CA  . GLU A 1 98  ? 5.928   8.306   8.903   1.00 11.65 ? 110 GLU A CA  1 
ATOM   768  C  C   . GLU A 1 98  ? 4.765   8.349   7.942   1.00 11.40 ? 110 GLU A C   1 
ATOM   769  O  O   . GLU A 1 98  ? 3.920   9.250   7.940   1.00 13.45 ? 110 GLU A O   1 
ATOM   770  C  CB  . GLU A 1 98  ? 7.027   9.289   8.403   1.00 15.89 ? 110 GLU A CB  1 
ATOM   771  C  CG  . GLU A 1 98  ? 8.098   9.461   9.515   1.00 24.01 ? 110 GLU A CG  1 
ATOM   772  C  CD  . GLU A 1 98  ? 9.162   8.299   9.610   1.00 24.93 ? 110 GLU A CD  1 
ATOM   773  O  OE1 . GLU A 1 98  ? 9.423   7.332   8.710   1.00 15.84 ? 110 GLU A OE1 1 
ATOM   774  O  OE2 . GLU A 1 98  ? 9.836   8.392   10.734  1.00 32.41 ? 110 GLU A OE2 1 
ATOM   775  N  N   . TYR A 1 99  ? 4.661   7.258   7.163   1.00 9.26  ? 111 TYR A N   1 
ATOM   776  C  CA  . TYR A 1 99  ? 3.514   7.063   6.227   1.00 9.37  ? 111 TYR A CA  1 
ATOM   777  C  C   . TYR A 1 99  ? 2.668   5.929   6.690   1.00 8.85  ? 111 TYR A C   1 
ATOM   778  O  O   . TYR A 1 99  ? 1.810   5.401   5.910   1.00 9.51  ? 111 TYR A O   1 
ATOM   779  C  CB  . TYR A 1 99  ? 4.085   6.880   4.815   1.00 8.44  ? 111 TYR A CB  1 
ATOM   780  C  CG  . TYR A 1 99  ? 4.799   8.095   4.305   1.00 9.51  ? 111 TYR A CG  1 
ATOM   781  C  CD1 . TYR A 1 99  ? 4.129   9.067   3.625   1.00 9.66  ? 111 TYR A CD1 1 
ATOM   782  C  CD2 . TYR A 1 99  ? 6.129   8.322   4.568   1.00 10.53 ? 111 TYR A CD2 1 
ATOM   783  C  CE1 . TYR A 1 99  ? 4.717   10.221  3.217   1.00 10.69 ? 111 TYR A CE1 1 
ATOM   784  C  CE2 . TYR A 1 99  ? 6.740   9.473   4.197   1.00 10.60 ? 111 TYR A CE2 1 
ATOM   785  C  CZ  . TYR A 1 99  ? 6.093   10.428  3.525   1.00 11.12 ? 111 TYR A CZ  1 
ATOM   786  O  OH  . TYR A 1 99  ? 6.738   11.607  3.159   1.00 12.70 ? 111 TYR A OH  1 
ATOM   787  N  N   . ALA A 1 100 ? 2.764   5.446   7.893   1.00 8.73  ? 112 ALA A N   1 
ATOM   788  C  CA  . ALA A 1 100 ? 2.067   4.321   8.411   1.00 9.55  ? 112 ALA A CA  1 
ATOM   789  C  C   . ALA A 1 100 ? 1.613   4.738   9.850   1.00 9.39  ? 112 ALA A C   1 
ATOM   790  O  O   . ALA A 1 100 ? 0.736   5.621   9.965   1.00 10.22 ? 112 ALA A O   1 
ATOM   791  C  CB  . ALA A 1 100 ? 2.912   3.090   8.335   1.00 10.53 ? 112 ALA A CB  1 
ATOM   792  N  N   . TYR A 1 101 ? 2.120   4.098   10.898  1.00 9.68  ? 113 TYR A N   1 
ATOM   793  C  CA  . TYR A 1 101 ? 1.667   4.339   12.323  1.00 10.12 ? 113 TYR A CA  1 
ATOM   794  C  C   . TYR A 1 101 ? 2.618   5.184   13.113  1.00 11.03 ? 113 TYR A C   1 
ATOM   795  O  O   . TYR A 1 101 ? 2.329   5.343   14.352  1.00 12.20 ? 113 TYR A O   1 
ATOM   796  C  CB  . TYR A 1 101 ? 1.303   3.010   12.965  1.00 9.63  ? 113 TYR A CB  1 
ATOM   797  C  CG  . TYR A 1 101 ? 0.247   2.252   12.189  1.00 10.27 ? 113 TYR A CG  1 
ATOM   798  C  CD1 . TYR A 1 101 ? -1.109  2.504   12.391  1.00 11.19 ? 113 TYR A CD1 1 
ATOM   799  C  CD2 . TYR A 1 101 ? 0.575   1.343   11.223  1.00 10.15 ? 113 TYR A CD2 1 
ATOM   800  C  CE1 . TYR A 1 101 ? -2.067  1.823   11.673  1.00 10.92 ? 113 TYR A CE1 1 
ATOM   801  C  CE2 . TYR A 1 101 ? -0.405  0.659   10.532  1.00 9.29  ? 113 TYR A CE2 1 
ATOM   802  C  CZ  . TYR A 1 101 ? -1.729  0.951   10.703  1.00 10.14 ? 113 TYR A CZ  1 
ATOM   803  O  OH  . TYR A 1 101 ? -2.712  0.299   9.998   1.00 10.45 ? 113 TYR A OH  1 
ATOM   804  N  N   . GLY A 1 102 ? 3.702   5.618   12.568  1.00 11.36 ? 114 GLY A N   1 
ATOM   805  C  CA  . GLY A 1 102 ? 4.598   6.555   13.263  1.00 11.82 ? 114 GLY A CA  1 
ATOM   806  C  C   . GLY A 1 102 ? 5.198   6.016   14.478  1.00 12.47 ? 114 GLY A C   1 
ATOM   807  O  O   . GLY A 1 102 ? 5.381   4.861   14.730  1.00 11.43 ? 114 GLY A O   1 
ATOM   808  N  N   . SER A 1 103 ? 5.618   6.967   15.334  1.00 15.85 ? 115 SER A N   1 
ATOM   809  C  CA  . SER A 1 103 ? 6.170   6.573   16.615  1.00 15.09 ? 115 SER A CA  1 
ATOM   810  C  C   . SER A 1 103 ? 5.135   6.029   17.602  1.00 13.75 ? 115 SER A C   1 
ATOM   811  O  O   . SER A 1 103 ? 5.456   5.203   18.414  1.00 15.07 ? 115 SER A O   1 
ATOM   812  C  CB  . SER A 1 103 ? 6.938   7.746   17.284  1.00 16.38 ? 115 SER A CB  1 
ATOM   813  O  OG  . SER A 1 103 ? 6.060   8.780   17.508  1.00 20.33 ? 115 SER A OG  1 
ATOM   814  N  N   . ALA A 1 104 ? 3.896   6.377   17.381  1.00 14.18 ? 116 ALA A N   1 
ATOM   815  C  CA  . ALA A 1 104 ? 2.800   5.830   18.176  1.00 15.86 ? 116 ALA A CA  1 
ATOM   816  C  C   . ALA A 1 104 ? 2.566   4.378   18.013  1.00 15.21 ? 116 ALA A C   1 
ATOM   817  O  O   . ALA A 1 104 ? 2.274   3.621   18.931  1.00 17.34 ? 116 ALA A O   1 
ATOM   818  C  CB  . ALA A 1 104 ? 1.476   6.526   17.932  1.00 15.24 ? 116 ALA A CB  1 
ATOM   819  N  N   . GLY A 1 105 ? 2.793   3.868   16.797  1.00 13.58 ? 117 GLY A N   1 
ATOM   820  C  CA  . GLY A 1 105 ? 2.368   2.543   16.505  1.00 12.71 ? 117 GLY A CA  1 
ATOM   821  C  C   . GLY A 1 105 ? 0.847   2.304   16.569  1.00 12.38 ? 117 GLY A C   1 
ATOM   822  O  O   . GLY A 1 105 ? 0.086   3.301   16.522  1.00 14.56 ? 117 GLY A O   1 
ATOM   823  N  N   . SER A 1 106 ? 0.443   1.067   16.624  1.00 13.42 ? 118 SER A N   1 
ATOM   824  C  CA  . SER A 1 106 ? -0.947  0.727   16.902  1.00 14.84 ? 118 SER A CA  1 
ATOM   825  C  C   . SER A 1 106 ? -0.909  -0.515  17.730  1.00 16.70 ? 118 SER A C   1 
ATOM   826  O  O   . SER A 1 106 ? -1.055  -1.597  17.239  1.00 16.53 ? 118 SER A O   1 
ATOM   827  C  CB  . SER A 1 106 ? -1.703  0.505   15.621  1.00 15.53 ? 118 SER A CB  1 
ATOM   828  O  OG  . SER A 1 106 ? -3.108  0.383   15.918  1.00 18.41 ? 118 SER A OG  1 
ATOM   829  N  N   . LEU A 1 107 ? -0.576  -0.325  19.024  1.00 20.17 ? 119 LEU A N   1 
ATOM   830  C  CA  . LEU A 1 107 ? -0.217  -1.401  19.902  1.00 24.04 ? 119 LEU A CA  1 
ATOM   831  C  C   . LEU A 1 107 ? -1.440  -2.167  20.364  1.00 24.37 ? 119 LEU A C   1 
ATOM   832  O  O   . LEU A 1 107 ? -2.509  -1.580  20.496  1.00 27.78 ? 119 LEU A O   1 
ATOM   833  C  CB  . LEU A 1 107 ? 0.520   -0.921  21.163  1.00 26.13 ? 119 LEU A CB  1 
ATOM   834  C  CG  . LEU A 1 107 ? 1.849   -0.214  20.965  1.00 27.91 ? 119 LEU A CG  1 
ATOM   835  C  CD1 . LEU A 1 107 ? 2.314   0.532   22.222  1.00 28.95 ? 119 LEU A CD1 1 
ATOM   836  C  CD2 . LEU A 1 107 ? 2.900   -1.205  20.481  1.00 25.92 ? 119 LEU A CD2 1 
ATOM   837  N  N   . PRO A 1 108 ? -1.262  -3.470  20.569  1.00 25.34 ? 120 PRO A N   1 
ATOM   838  C  CA  . PRO A 1 108 ? -0.014  -4.234  20.502  1.00 27.31 ? 120 PRO A CA  1 
ATOM   839  C  C   . PRO A 1 108 ? 0.386   -4.753  19.099  1.00 26.45 ? 120 PRO A C   1 
ATOM   840  O  O   . PRO A 1 108 ? 1.536   -5.125  18.950  1.00 27.66 ? 120 PRO A O   1 
ATOM   841  C  CB  . PRO A 1 108 ? -0.303  -5.400  21.455  1.00 31.03 ? 120 PRO A CB  1 
ATOM   842  C  CG  . PRO A 1 108 ? -1.728  -5.697  21.134  1.00 29.72 ? 120 PRO A CG  1 
ATOM   843  C  CD  . PRO A 1 108 ? -2.353  -4.318  21.126  1.00 28.12 ? 120 PRO A CD  1 
ATOM   844  N  N   . LYS A 1 109 ? -0.535  -4.723  18.131  1.00 24.74 ? 121 LYS A N   1 
ATOM   845  C  CA  . LYS A 1 109 ? -0.324  -5.234  16.773  1.00 27.47 ? 121 LYS A CA  1 
ATOM   846  C  C   . LYS A 1 109 ? 0.885   -4.601  16.034  1.00 20.64 ? 121 LYS A C   1 
ATOM   847  O  O   . LYS A 1 109 ? 1.768   -5.307  15.543  1.00 20.10 ? 121 LYS A O   1 
ATOM   848  C  CB  . LYS A 1 109 ? -1.596  -5.037  15.949  1.00 26.20 ? 121 LYS A CB  1 
ATOM   849  C  CG  . LYS A 1 109 ? -1.421  -5.606  14.534  1.00 28.46 ? 121 LYS A CG  1 
ATOM   850  C  CD  . LYS A 1 109 ? -2.370  -5.092  13.458  1.00 32.92 ? 121 LYS A CD  1 
ATOM   851  C  CE  . LYS A 1 109 ? -3.674  -5.822  13.519  1.00 32.95 ? 121 LYS A CE  1 
ATOM   852  N  NZ  . LYS A 1 109 ? -3.520  -7.201  13.014  1.00 32.77 ? 121 LYS A NZ  1 
ATOM   853  N  N   . ILE A 1 110 ? 0.914   -3.273  15.954  1.00 16.32 ? 122 ILE A N   1 
ATOM   854  C  CA  . ILE A 1 110 ? 1.973   -2.604  15.235  1.00 14.30 ? 122 ILE A CA  1 
ATOM   855  C  C   . ILE A 1 110 ? 2.894   -1.902  16.271  1.00 12.32 ? 122 ILE A C   1 
ATOM   856  O  O   . ILE A 1 110 ? 2.403   -0.961  16.939  1.00 14.09 ? 122 ILE A O   1 
ATOM   857  C  CB  . ILE A 1 110 ? 1.401   -1.644  14.171  1.00 14.35 ? 122 ILE A CB  1 
ATOM   858  C  CG1 . ILE A 1 110 ? 0.362   -2.355  13.265  1.00 17.00 ? 122 ILE A CG1 1 
ATOM   859  C  CG2 . ILE A 1 110 ? 2.532   -1.063  13.424  1.00 12.36 ? 122 ILE A CG2 1 
ATOM   860  C  CD1 . ILE A 1 110 ? 1.021   -3.355  12.348  1.00 17.29 ? 122 ILE A CD1 1 
ATOM   861  N  N   . PRO A 1 111 ? 4.180   -2.238  16.274  1.00 13.47 ? 123 PRO A N   1 
ATOM   862  C  CA  . PRO A 1 111 ? 5.104   -1.543  17.215  1.00 12.53 ? 123 PRO A CA  1 
ATOM   863  C  C   . PRO A 1 111 ? 5.351   -0.129  16.823  1.00 14.03 ? 123 PRO A C   1 
ATOM   864  O  O   . PRO A 1 111 ? 5.045   0.281   15.678  1.00 12.18 ? 123 PRO A O   1 
ATOM   865  C  CB  . PRO A 1 111 ? 6.402   -2.308  17.099  1.00 17.13 ? 123 PRO A CB  1 
ATOM   866  C  CG  . PRO A 1 111 ? 6.105   -3.542  16.421  1.00 18.88 ? 123 PRO A CG  1 
ATOM   867  C  CD  . PRO A 1 111 ? 4.846   -3.363  15.624  1.00 14.33 ? 123 PRO A CD  1 
ATOM   868  N  N   . SER A 1 112 ? 5.907   0.684   17.713  1.00 13.06 ? 124 SER A N   1 
ATOM   869  C  CA  . SER A 1 112 ? 6.403   1.983   17.483  1.00 12.45 ? 124 SER A CA  1 
ATOM   870  C  C   . SER A 1 112 ? 7.423   1.947   16.326  1.00 11.12 ? 124 SER A C   1 
ATOM   871  O  O   . SER A 1 112 ? 8.288   1.071   16.288  1.00 13.21 ? 124 SER A O   1 
ATOM   872  C  CB  . SER A 1 112 ? 7.149   2.598   18.731  1.00 13.13 ? 124 SER A CB  1 
ATOM   873  O  OG  . SER A 1 112 ? 7.693   3.835   18.495  1.00 15.77 ? 124 SER A OG  1 
ATOM   874  N  N   . ASN A 1 113 ? 7.347   2.910   15.415  1.00 10.80 ? 125 ASN A N   1 
ATOM   875  C  CA  . ASN A 1 113 ? 8.344   3.062   14.377  1.00 11.11 ? 125 ASN A CA  1 
ATOM   876  C  C   . ASN A 1 113 ? 8.535   1.865   13.469  1.00 11.61 ? 125 ASN A C   1 
ATOM   877  O  O   . ASN A 1 113 ? 9.674   1.511   13.066  1.00 12.64 ? 125 ASN A O   1 
ATOM   878  C  CB  . ASN A 1 113 ? 9.660   3.659   14.898  1.00 14.15 ? 125 ASN A CB  1 
ATOM   879  C  CG  . ASN A 1 113 ? 9.486   5.071   15.338  1.00 16.11 ? 125 ASN A CG  1 
ATOM   880  O  OD1 . ASN A 1 113 ? 8.792   5.874   14.714  1.00 20.30 ? 125 ASN A OD1 1 
ATOM   881  N  ND2 . ASN A 1 113 ? 10.220  5.412   16.452  1.00 20.66 ? 125 ASN A ND2 1 
ATOM   882  N  N   . ALA A 1 114 ? 7.417   1.207   13.086  1.00 10.69 ? 126 ALA A N   1 
ATOM   883  C  CA  . ALA A 1 114 ? 7.470   -0.013  12.260  1.00 9.84  ? 126 ALA A CA  1 
ATOM   884  C  C   . ALA A 1 114 ? 7.394   0.335   10.763  1.00 9.62  ? 126 ALA A C   1 
ATOM   885  O  O   . ALA A 1 114 ? 6.648   1.202   10.327  1.00 9.44  ? 126 ALA A O   1 
ATOM   886  C  CB  . ALA A 1 114 ? 6.321   -0.907  12.568  1.00 10.25 ? 126 ALA A CB  1 
ATOM   887  N  N   . THR A 1 115 ? 8.235   -0.350  9.975   1.00 9.25  ? 127 THR A N   1 
ATOM   888  C  CA  . THR A 1 115 ? 8.150   -0.365  8.501   1.00 9.52  ? 127 THR A CA  1 
ATOM   889  C  C   . THR A 1 115 ? 7.259   -1.551  8.145   1.00 8.99  ? 127 THR A C   1 
ATOM   890  O  O   . THR A 1 115 ? 7.359   -2.662  8.656   1.00 8.89  ? 127 THR A O   1 
ATOM   891  C  CB  . THR A 1 115 ? 9.527   -0.520  7.928   1.00 9.32  ? 127 THR A CB  1 
ATOM   892  O  OG1 . THR A 1 115 ? 10.232  0.699   8.230   1.00 11.71 ? 127 THR A OG1 1 
ATOM   893  C  CG2 . THR A 1 115 ? 9.471   -0.621  6.422   1.00 9.62  ? 127 THR A CG2 1 
ATOM   894  N  N   . LEU A 1 116 ? 6.355   -1.314  7.210   1.00 7.96  ? 128 LEU A N   1 
ATOM   895  C  CA  . LEU A 1 116 ? 5.364   -2.271  6.717   1.00 7.85  ? 128 LEU A CA  1 
ATOM   896  C  C   . LEU A 1 116 ? 5.624   -2.624  5.250   1.00 6.64  ? 128 LEU A C   1 
ATOM   897  O  O   . LEU A 1 116 ? 6.045   -1.784  4.459   1.00 8.14  ? 128 LEU A O   1 
ATOM   898  C  CB  . LEU A 1 116 ? 3.936   -1.731  6.830   1.00 8.46  ? 128 LEU A CB  1 
ATOM   899  C  CG  . LEU A 1 116 ? 3.600   -1.189  8.202   1.00 9.69  ? 128 LEU A CG  1 
ATOM   900  C  CD1 . LEU A 1 116 ? 2.180   -0.638  8.179   1.00 10.30 ? 128 LEU A CD1 1 
ATOM   901  C  CD2 . LEU A 1 116 ? 3.828   -2.172  9.263   1.00 11.35 ? 128 LEU A CD2 1 
ATOM   902  N  N   . PHE A 1 117 ? 5.287   -3.818  4.910   1.00 6.20  ? 129 PHE A N   1 
ATOM   903  C  CA  . PHE A 1 117 ? 5.345   -4.298  3.490   1.00 6.53  ? 129 PHE A CA  1 
ATOM   904  C  C   . PHE A 1 117 ? 4.008   -4.883  3.051   1.00 7.03  ? 129 PHE A C   1 
ATOM   905  O  O   . PHE A 1 117 ? 3.416   -5.689  3.799   1.00 8.31  ? 129 PHE A O   1 
ATOM   906  C  CB  . PHE A 1 117 ? 6.438   -5.408  3.376   1.00 7.55  ? 129 PHE A CB  1 
ATOM   907  C  CG  . PHE A 1 117 ? 6.583   -5.972  1.995   1.00 8.23  ? 129 PHE A CG  1 
ATOM   908  C  CD1 . PHE A 1 117 ? 7.351   -5.387  1.069   1.00 9.48  ? 129 PHE A CD1 1 
ATOM   909  C  CD2 . PHE A 1 117 ? 5.845   -7.095  1.663   1.00 9.01  ? 129 PHE A CD2 1 
ATOM   910  C  CE1 . PHE A 1 117 ? 7.405   -5.964  -0.253  1.00 11.80 ? 129 PHE A CE1 1 
ATOM   911  C  CE2 . PHE A 1 117 ? 5.841   -7.598  0.332   1.00 9.50  ? 129 PHE A CE2 1 
ATOM   912  C  CZ  . PHE A 1 117 ? 6.660   -7.033  -0.540  1.00 11.07 ? 129 PHE A CZ  1 
ATOM   913  N  N   . PHE A 1 118 ? 3.568   -4.522  1.849   1.00 6.37  ? 130 PHE A N   1 
ATOM   914  C  CA  . PHE A 1 118 ? 2.323   -5.011  1.291   1.00 6.14  ? 130 PHE A CA  1 
ATOM   915  C  C   . PHE A 1 118 ? 2.486   -5.488  -0.111  1.00 6.44  ? 130 PHE A C   1 
ATOM   916  O  O   . PHE A 1 118 ? 3.248   -4.888  -0.914  1.00 6.16  ? 130 PHE A O   1 
ATOM   917  C  CB  . PHE A 1 118 ? 1.246   -3.938  1.269   1.00 5.78  ? 130 PHE A CB  1 
ATOM   918  C  CG  . PHE A 1 118 ? 0.910   -3.367  2.628   1.00 6.12  ? 130 PHE A CG  1 
ATOM   919  C  CD1 . PHE A 1 118 ? -0.131  -3.934  3.344   1.00 7.37  ? 130 PHE A CD1 1 
ATOM   920  C  CD2 . PHE A 1 118 ? 1.514   -2.261  3.128   1.00 6.86  ? 130 PHE A CD2 1 
ATOM   921  C  CE1 . PHE A 1 118 ? -0.448  -3.424  4.627   1.00 7.16  ? 130 PHE A CE1 1 
ATOM   922  C  CE2 . PHE A 1 118 ? 1.182   -1.691  4.380   1.00 7.31  ? 130 PHE A CE2 1 
ATOM   923  C  CZ  . PHE A 1 118 ? 0.181   -2.285  5.112   1.00 7.29  ? 130 PHE A CZ  1 
ATOM   924  N  N   . GLU A 1 119 ? 1.744   -6.512  -0.473  1.00 5.62  ? 131 GLU A N   1 
ATOM   925  C  CA  . GLU A 1 119 ? 1.482   -6.936  -1.833  1.00 5.37  ? 131 GLU A CA  1 
ATOM   926  C  C   . GLU A 1 119 ? 0.041   -6.621  -2.094  1.00 6.31  ? 131 GLU A C   1 
ATOM   927  O  O   . GLU A 1 119 ? -0.853  -7.087  -1.365  1.00 7.32  ? 131 GLU A O   1 
ATOM   928  C  CB  . GLU A 1 119 ? 1.751   -8.382  -2.060  1.00 6.12  ? 131 GLU A CB  1 
ATOM   929  C  CG  . GLU A 1 119 ? 1.505   -8.920  -3.483  1.00 6.10  ? 131 GLU A CG  1 
ATOM   930  C  CD  . GLU A 1 119 ? 2.003   -10.315 -3.612  1.00 7.35  ? 131 GLU A CD  1 
ATOM   931  O  OE1 . GLU A 1 119 ? 3.189   -10.564 -3.775  1.00 6.86  ? 131 GLU A OE1 1 
ATOM   932  O  OE2 . GLU A 1 119 ? 1.120   -11.237 -3.626  1.00 9.85  ? 131 GLU A OE2 1 
ATOM   933  N  N   . ILE A 1 120 ? -0.224  -5.724  -3.063  1.00 6.43  ? 132 ILE A N   1 
ATOM   934  C  CA  . ILE A 1 120 ? -1.536  -5.166  -3.253  1.00 6.08  ? 132 ILE A CA  1 
ATOM   935  C  C   . ILE A 1 120 ? -2.014  -5.381  -4.699  1.00 6.26  ? 132 ILE A C   1 
ATOM   936  O  O   . ILE A 1 120 ? -1.268  -5.037  -5.624  1.00 6.44  ? 132 ILE A O   1 
ATOM   937  C  CB  . ILE A 1 120 ? -1.554  -3.619  -3.017  1.00 6.59  ? 132 ILE A CB  1 
ATOM   938  C  CG1 . ILE A 1 120 ? -1.005  -3.280  -1.648  1.00 7.19  ? 132 ILE A CG1 1 
ATOM   939  C  CG2 . ILE A 1 120 ? -2.942  -3.046  -3.189  1.00 8.23  ? 132 ILE A CG2 1 
ATOM   940  C  CD1 . ILE A 1 120 ? -0.800  -1.803  -1.394  1.00 8.31  ? 132 ILE A CD1 1 
ATOM   941  N  N   . GLU A 1 121 ? -3.244  -5.839  -4.929  1.00 6.44  ? 133 GLU A N   1 
ATOM   942  C  CA  . GLU A 1 121 ? -3.862  -6.000  -6.230  1.00 6.91  ? 133 GLU A CA  1 
ATOM   943  C  C   . GLU A 1 121 ? -5.041  -5.078  -6.276  1.00 6.76  ? 133 GLU A C   1 
ATOM   944  O  O   . GLU A 1 121 ? -5.958  -5.156  -5.459  1.00 7.80  ? 133 GLU A O   1 
ATOM   945  C  CB  . GLU A 1 121 ? -4.325  -7.449  -6.388  1.00 7.79  ? 133 GLU A CB  1 
ATOM   946  C  CG  . GLU A 1 121 ? -5.026  -7.673  -7.728  1.00 8.44  ? 133 GLU A CG  1 
ATOM   947  C  CD  . GLU A 1 121 ? -5.330  -9.100  -8.025  1.00 9.39  ? 133 GLU A CD  1 
ATOM   948  O  OE1 . GLU A 1 121 ? -4.965  -9.996  -7.312  1.00 12.91 ? 133 GLU A OE1 1 
ATOM   949  O  OE2 . GLU A 1 121 ? -6.025  -9.256  -9.097  1.00 11.29 ? 133 GLU A OE2 1 
ATOM   950  N  N   . LEU A 1 122 ? -5.033  -4.148  -7.249  1.00 6.92  ? 134 LEU A N   1 
ATOM   951  C  CA  . LEU A 1 122 ? -6.183  -3.313  -7.434  1.00 7.13  ? 134 LEU A CA  1 
ATOM   952  C  C   . LEU A 1 122 ? -7.188  -4.009  -8.327  1.00 7.23  ? 134 LEU A C   1 
ATOM   953  O  O   . LEU A 1 122 ? -6.925  -4.284  -9.521  1.00 9.11  ? 134 LEU A O   1 
ATOM   954  C  CB  . LEU A 1 122 ? -5.781  -1.943  -8.059  1.00 7.88  ? 134 LEU A CB  1 
ATOM   955  C  CG  . LEU A 1 122 ? -6.910  -0.937  -8.219  1.00 8.47  ? 134 LEU A CG  1 
ATOM   956  C  CD1 . LEU A 1 122 ? -7.635  -0.647  -6.985  1.00 7.77  ? 134 LEU A CD1 1 
ATOM   957  C  CD2 . LEU A 1 122 ? -6.331  0.306   -8.912  1.00 9.22  ? 134 LEU A CD2 1 
ATOM   958  N  N   . LEU A 1 123 ? -8.343  -4.350  -7.807  1.00 7.65  ? 135 LEU A N   1 
ATOM   959  C  CA  . LEU A 1 123 ? -9.407  -5.061  -8.545  1.00 9.16  ? 135 LEU A CA  1 
ATOM   960  C  C   . LEU A 1 123 ? -10.221 -4.171  -9.396  1.00 10.01 ? 135 LEU A C   1 
ATOM   961  O  O   . LEU A 1 123 ? -10.491 -4.505  -10.572 1.00 11.80 ? 135 LEU A O   1 
ATOM   962  C  CB  . LEU A 1 123 ? -10.369 -5.760  -7.614  1.00 10.23 ? 135 LEU A CB  1 
ATOM   963  C  CG  . LEU A 1 123 ? -9.660  -6.719  -6.590  1.00 10.88 ? 135 LEU A CG  1 
ATOM   964  C  CD1 . LEU A 1 123 ? -10.606 -7.232  -5.516  1.00 12.36 ? 135 LEU A CD1 1 
ATOM   965  C  CD2 . LEU A 1 123 ? -9.020  -7.904  -7.263  1.00 13.00 ? 135 LEU A CD2 1 
ATOM   966  N  N   . ASP A 1 124 ? -10.577 -2.997  -8.924  1.00 8.61  ? 136 ASP A N   1 
ATOM   967  C  CA  . ASP A 1 124 ? -11.484 -2.109  -9.598  1.00 9.15  ? 136 ASP A CA  1 
ATOM   968  C  C   . ASP A 1 124 ? -11.487 -0.768  -8.862  1.00 8.51  ? 136 ASP A C   1 
ATOM   969  O  O   . ASP A 1 124 ? -11.070 -0.722  -7.698  1.00 8.56  ? 136 ASP A O   1 
ATOM   970  C  CB  . ASP A 1 124 ? -12.907 -2.730  -9.743  1.00 10.65 ? 136 ASP A CB  1 
ATOM   971  C  CG  . ASP A 1 124 ? -13.739 -2.134  -10.829 1.00 12.01 ? 136 ASP A CG  1 
ATOM   972  O  OD1 . ASP A 1 124 ? -13.374 -1.277  -11.530 1.00 12.32 ? 136 ASP A OD1 1 
ATOM   973  O  OD2 . ASP A 1 124 ? -14.974 -2.536  -10.709 1.00 20.05 ? 136 ASP A OD2 1 
ATOM   974  N  N   . PHE A 1 125 ? -12.063 0.259   -9.453  1.00 9.05  ? 137 PHE A N   1 
ATOM   975  C  CA  . PHE A 1 125 ? -12.370 1.475   -8.817  1.00 8.87  ? 137 PHE A CA  1 
ATOM   976  C  C   . PHE A 1 125 ? -13.547 2.161   -9.518  1.00 9.15  ? 137 PHE A C   1 
ATOM   977  O  O   . PHE A 1 125 ? -13.674 1.947   -10.752 1.00 10.54 ? 137 PHE A O   1 
ATOM   978  C  CB  . PHE A 1 125 ? -11.151 2.380   -8.675  1.00 8.74  ? 137 PHE A CB  1 
ATOM   979  C  CG  . PHE A 1 125 ? -10.575 2.906   -9.927  1.00 9.97  ? 137 PHE A CG  1 
ATOM   980  C  CD1 . PHE A 1 125 ? -11.029 4.149   -10.456 1.00 10.76 ? 137 PHE A CD1 1 
ATOM   981  C  CD2 . PHE A 1 125 ? -9.532  2.266   -10.508 1.00 12.41 ? 137 PHE A CD2 1 
ATOM   982  C  CE1 . PHE A 1 125 ? -10.487 4.664   -11.625 1.00 12.44 ? 137 PHE A CE1 1 
ATOM   983  C  CE2 . PHE A 1 125 ? -8.939  2.836   -11.672 1.00 13.52 ? 137 PHE A CE2 1 
ATOM   984  C  CZ  . PHE A 1 125 ? -9.458  4.010   -12.210 1.00 12.09 ? 137 PHE A CZ  1 
ATOM   985  N  N   . LYS A 1 126 ? -14.229 2.957   -8.781  1.00 10.65 ? 138 LYS A N   1 
ATOM   986  C  CA  . LYS A 1 126 ? -15.450 3.635   -9.318  1.00 13.54 ? 138 LYS A CA  1 
ATOM   987  C  C   . LYS A 1 126 ? -15.548 4.969   -8.701  1.00 13.04 ? 138 LYS A C   1 
ATOM   988  O  O   . LYS A 1 126 ? -15.187 5.246   -7.570  1.00 12.57 ? 138 LYS A O   1 
ATOM   989  C  CB  . LYS A 1 126 ? -16.690 2.886   -9.126  1.00 19.25 ? 138 LYS A CB  1 
ATOM   990  C  CG  . LYS A 1 126 ? -16.921 2.213   -7.949  1.00 24.24 ? 138 LYS A CG  1 
ATOM   991  C  CD  . LYS A 1 126 ? -17.318 0.849   -8.525  1.00 29.25 ? 138 LYS A CD  1 
ATOM   992  C  CE  . LYS A 1 126 ? -18.447 0.207   -7.734  1.00 39.02 ? 138 LYS A CE  1 
ATOM   993  N  NZ  . LYS A 1 126 ? -18.581 -1.255  -8.110  1.00 41.16 ? 138 LYS A NZ  1 
ATOM   994  N  N   . GLY A 1 127 ? -16.099 5.872   -9.506  1.00 14.13 ? 139 GLY A N   1 
ATOM   995  C  CA  . GLY A 1 127 ? -16.419 7.228   -9.047  1.00 14.60 ? 139 GLY A CA  1 
ATOM   996  C  C   . GLY A 1 127 ? -17.332 7.335   -7.832  1.00 17.14 ? 139 GLY A C   1 
ATOM   997  O  O   . GLY A 1 127 ? -18.221 6.450   -7.685  1.00 18.50 ? 139 GLY A O   1 
ATOM   998  N  N   . GLU A 1 128 ? -17.206 8.395   -7.011  1.00 17.55 ? 140 GLU A N   1 
ATOM   999  C  CA  . GLU A 1 128 ? -18.164 8.677   -5.937  1.00 23.84 ? 140 GLU A CA  1 
ATOM   1000 C  C   . GLU A 1 128 ? -19.526 9.067   -6.471  1.00 26.12 ? 140 GLU A C   1 
ATOM   1001 O  O   . GLU A 1 128 ? -19.685 9.339   -7.686  1.00 23.66 ? 140 GLU A O   1 
ATOM   1002 C  CB  . GLU A 1 128 ? -17.681 9.807   -5.015  1.00 23.95 ? 140 GLU A CB  1 
ATOM   1003 C  CG  . GLU A 1 128 ? -17.797 11.227  -5.607  1.00 23.73 ? 140 GLU A CG  1 
ATOM   1004 C  CD  . GLU A 1 128 ? -17.211 12.282  -4.653  1.00 35.40 ? 140 GLU A CD  1 
ATOM   1005 O  OE1 . GLU A 1 128 ? -17.051 13.491  -5.090  1.00 27.50 ? 140 GLU A OE1 1 
ATOM   1006 O  OE2 . GLU A 1 128 ? -16.812 11.928  -3.468  1.00 38.50 ? 140 GLU A OE2 1 
ATOM   1007 O  OXT . GLU A 1 128 ? -20.426 9.137   -5.620  1.00 29.60 ? 140 GLU A OXT 1 
HETATM 1008 C  CAD . 37L B 2 .   ? -7.253  -6.302  8.894   1.00 10.71 ? 201 37L A CAD 1 
HETATM 1009 O  OBE . 37L B 2 .   ? -7.265  -5.390  10.024  1.00 11.10 ? 201 37L A OBE 1 
HETATM 1010 C  CBS . 37L B 2 .   ? -6.162  -4.638  10.206  1.00 9.72  ? 201 37L A CBS 1 
HETATM 1011 C  CAS . 37L B 2 .   ? -5.037  -4.649  9.353   1.00 8.94  ? 201 37L A CAS 1 
HETATM 1012 C  CBU . 37L B 2 .   ? -6.118  -3.773  11.242  1.00 9.80  ? 201 37L A CBU 1 
HETATM 1013 O  OBG . 37L B 2 .   ? -7.242  -3.700  12.115  1.00 11.00 ? 201 37L A OBG 1 
HETATM 1014 C  CAF . 37L B 2 .   ? -7.043  -4.562  13.207  1.00 13.48 ? 201 37L A CAF 1 
HETATM 1015 C  CBT . 37L B 2 .   ? -5.069  -2.968  11.473  1.00 10.34 ? 201 37L A CBT 1 
HETATM 1016 O  OBF . 37L B 2 .   ? -5.110  -2.092  12.570  1.00 10.63 ? 201 37L A OBF 1 
HETATM 1017 C  CAE . 37L B 2 .   ? -3.984  -1.303  12.787  1.00 10.56 ? 201 37L A CAE 1 
HETATM 1018 C  CAT . 37L B 2 .   ? -3.956  -2.960  10.608  1.00 9.59  ? 201 37L A CAT 1 
HETATM 1019 C  CBP . 37L B 2 .   ? -3.990  -3.816  9.514   1.00 8.31  ? 201 37L A CBP 1 
HETATM 1020 C  CBW . 37L B 2 .   ? -2.826  -3.855  8.515   1.00 7.99  ? 201 37L A CBW 1 
HETATM 1021 C  CAW . 37L B 2 .   ? -1.548  -4.344  9.240   1.00 9.63  ? 201 37L A CAW 1 
HETATM 1022 C  CAK . 37L B 2 .   ? -0.427  -4.435  8.319   1.00 14.05 ? 201 37L A CAK 1 
HETATM 1023 C  CAA . 37L B 2 .   ? 0.379   -5.487  8.148   1.00 19.02 ? 201 37L A CAA 1 
HETATM 1024 C  CBL . 37L B 2 .   ? -2.591  -2.418  7.975   1.00 7.17  ? 201 37L A CBL 1 
HETATM 1025 O  OAI . 37L B 2 .   ? -1.781  -1.664  8.466   1.00 8.11  ? 201 37L A OAI 1 
HETATM 1026 N  N   . 37L B 2 .   ? -3.395  -2.002  6.980   1.00 7.04  ? 201 37L A N   1 
HETATM 1027 C  CBB . 37L B 2 .   ? -4.532  -2.745  6.488   1.00 7.40  ? 201 37L A CBB 1 
HETATM 1028 C  CAV . 37L B 2 .   ? -4.710  -2.609  4.962   1.00 7.09  ? 201 37L A CAV 1 
HETATM 1029 C  CAU . 37L B 2 .   ? -4.659  -1.167  4.520   1.00 7.26  ? 201 37L A CAU 1 
HETATM 1030 C  CB  . 37L B 2 .   ? -3.423  -0.496  5.038   1.00 7.62  ? 201 37L A CB  1 
HETATM 1031 C  CA  . 37L B 2 .   ? -3.283  -0.603  6.555   1.00 6.90  ? 201 37L A CA  1 
HETATM 1032 C  C   . 37L B 2 .   ? -4.372  0.312   7.160   1.00 7.71  ? 201 37L A C   1 
HETATM 1033 O  O   . 37L B 2 .   ? -4.536  1.418   6.733   1.00 7.73  ? 201 37L A O   1 
HETATM 1034 O  OBI . 37L B 2 .   ? -5.006  -0.210  8.161   1.00 7.84  ? 201 37L A OBI 1 
HETATM 1035 C  CBV . 37L B 2 .   ? -6.195  0.541   8.698   1.00 8.70  ? 201 37L A CBV 1 
HETATM 1036 C  CBA . 37L B 2 .   ? -6.024  0.708   10.145  1.00 9.87  ? 201 37L A CBA 1 
HETATM 1037 C  CAY . 37L B 2 .   ? -7.036  1.831   10.765  1.00 10.27 ? 201 37L A CAY 1 
HETATM 1038 C  CBM . 37L B 2 .   ? -6.670  3.185   10.467  1.00 10.48 ? 201 37L A CBM 1 
HETATM 1039 C  CAQ . 37L B 2 .   ? -5.664  3.714   11.323  1.00 14.43 ? 201 37L A CAQ 1 
HETATM 1040 C  CAO . 37L B 2 .   ? -7.106  3.932   9.408   1.00 9.69  ? 201 37L A CAO 1 
HETATM 1041 C  CAP . 37L B 2 .   ? -6.657  5.190   9.065   1.00 12.60 ? 201 37L A CAP 1 
HETATM 1042 C  CBQ . 37L B 2 .   ? -5.646  5.730   9.857   1.00 13.78 ? 201 37L A CBQ 1 
HETATM 1043 O  OBC . 37L B 2 .   ? -5.147  7.029   9.507   1.00 16.32 ? 201 37L A OBC 1 
HETATM 1044 C  CAB . 37L B 2 .   ? -5.711  7.830   8.548   1.00 16.03 ? 201 37L A CAB 1 
HETATM 1045 C  CBR . 37L B 2 .   ? -5.218  4.977   10.963  1.00 16.63 ? 201 37L A CBR 1 
HETATM 1046 O  OBD . 37L B 2 .   ? -4.314  5.617   11.911  1.00 24.00 ? 201 37L A OBD 1 
HETATM 1047 C  CAC . 37L B 2 .   ? -4.235  4.900   13.114  1.00 19.70 ? 201 37L A CAC 1 
HETATM 1048 C  CBO . 37L B 2 .   ? -7.437  -0.175  8.193   1.00 7.68  ? 201 37L A CBO 1 
HETATM 1049 C  CAR . 37L B 2 .   ? -8.290  0.419   7.314   1.00 7.50  ? 201 37L A CAR 1 
HETATM 1050 C  CAN . 37L B 2 .   ? -7.612  -1.492  8.569   1.00 7.92  ? 201 37L A CAN 1 
HETATM 1051 C  CAL . 37L B 2 .   ? -8.671  -2.178  8.088   1.00 7.04  ? 201 37L A CAL 1 
HETATM 1052 C  CAM . 37L B 2 .   ? -9.514  -1.582  7.183   1.00 7.41  ? 201 37L A CAM 1 
HETATM 1053 C  CBN . 37L B 2 .   ? -9.336  -0.241  6.822   1.00 8.64  ? 201 37L A CBN 1 
HETATM 1054 O  OBH . 37L B 2 .   ? -10.113 0.409   5.895   1.00 10.97 ? 201 37L A OBH 1 
HETATM 1055 C  CAX . 37L B 2 .   ? -11.117 -0.345  5.258   1.00 11.89 ? 201 37L A CAX 1 
HETATM 1056 C  CBJ . 37L B 2 .   ? -12.215 -0.532  6.159   1.00 11.89 ? 201 37L A CBJ 1 
HETATM 1057 O  OAJ . 37L B 2 .   ? -12.897 -1.515  5.711   1.00 14.72 ? 201 37L A OAJ 1 
HETATM 1058 O  OAG . 37L B 2 .   ? -12.416 0.103   7.233   1.00 11.52 ? 201 37L A OAG 1 
HETATM 1059 C  C1  . GOL C 3 .   ? -2.020  -10.132 -2.964  1.00 15.59 ? 202 GOL A C1  1 
HETATM 1060 O  O1  . GOL C 3 .   ? -1.304  -11.325 -2.784  1.00 13.44 ? 202 GOL A O1  1 
HETATM 1061 C  C2  . GOL C 3 .   ? -3.406  -10.179 -3.390  1.00 17.01 ? 202 GOL A C2  1 
HETATM 1062 O  O2  . GOL C 3 .   ? -4.132  -10.718 -2.306  1.00 24.15 ? 202 GOL A O2  1 
HETATM 1063 C  C3  . GOL C 3 .   ? -3.744  -11.058 -4.521  1.00 17.54 ? 202 GOL A C3  1 
HETATM 1064 O  O3  . GOL C 3 .   ? -2.973  -10.640 -5.720  1.00 17.38 ? 202 GOL A O3  1 
HETATM 1065 NA NA  . NA  D 4 .   ? -19.178 -0.093  -0.756  1.00 32.81 ? 203 NA  A NA  1 
HETATM 1066 O  O   . HOH E 5 .   ? 2.968   13.786  -4.296  1.00 27.53 ? 301 HOH A O   1 
HETATM 1067 O  O   . HOH E 5 .   ? -14.490 13.290  -2.678  1.00 43.50 ? 302 HOH A O   1 
HETATM 1068 O  O   . HOH E 5 .   ? 10.461  -8.694  -6.091  1.00 34.26 ? 303 HOH A O   1 
HETATM 1069 O  O   . HOH E 5 .   ? 7.027   6.238   -9.973  1.00 29.50 ? 304 HOH A O   1 
HETATM 1070 O  O   . HOH E 5 .   ? 20.635  -3.687  -6.117  1.00 41.46 ? 305 HOH A O   1 
HETATM 1071 O  O   . HOH E 5 .   ? -20.502 7.921   -3.419  1.00 33.59 ? 306 HOH A O   1 
HETATM 1072 O  O   . HOH E 5 .   ? -2.109  -15.672 6.774   1.00 22.61 ? 307 HOH A O   1 
HETATM 1073 O  O   . HOH E 5 .   ? -6.267  -16.308 1.216   1.00 24.99 ? 308 HOH A O   1 
HETATM 1074 O  O   . HOH E 5 .   ? -13.191 -5.527  5.015   1.00 32.83 ? 309 HOH A O   1 
HETATM 1075 O  O   . HOH E 5 .   ? -15.999 4.613   1.502   1.00 31.32 ? 310 HOH A O   1 
HETATM 1076 O  O   . HOH E 5 .   ? 18.624  -5.038  0.196   1.00 24.73 ? 311 HOH A O   1 
HETATM 1077 O  O   . HOH E 5 .   ? -2.221  -15.036 2.441   1.00 14.93 ? 312 HOH A O   1 
HETATM 1078 O  O   . HOH E 5 .   ? 3.514   -12.043 14.178  1.00 38.89 ? 313 HOH A O   1 
HETATM 1079 O  O   . HOH E 5 .   ? -2.534  8.837   -23.023 1.00 31.54 ? 314 HOH A O   1 
HETATM 1080 O  O   . HOH E 5 .   ? 2.920   4.398   21.324  1.00 24.05 ? 315 HOH A O   1 
HETATM 1081 O  O   . HOH E 5 .   ? -7.486  14.326  0.341   1.00 33.19 ? 316 HOH A O   1 
HETATM 1082 O  O   . HOH E 5 .   ? -11.827 8.373   -11.498 1.00 18.76 ? 317 HOH A O   1 
HETATM 1083 O  O   . HOH E 5 .   ? 14.719  4.299   7.135   1.00 25.90 ? 318 HOH A O   1 
HETATM 1084 O  O   . HOH E 5 .   ? 16.661  -8.421  -4.485  1.00 40.52 ? 319 HOH A O   1 
HETATM 1085 O  O   . HOH E 5 .   ? 12.140  9.147   5.567   1.00 20.15 ? 320 HOH A O   1 
HETATM 1086 O  O   . HOH E 5 .   ? -4.509  2.152   14.499  1.00 20.14 ? 321 HOH A O   1 
HETATM 1087 O  O   . HOH E 5 .   ? 14.316  0.565   2.454   1.00 18.44 ? 322 HOH A O   1 
HETATM 1088 O  O   . HOH E 5 .   ? 14.148  9.085   -3.399  1.00 10.80 ? 323 HOH A O   1 
HETATM 1089 O  O   . HOH E 5 .   ? 16.487  -10.158 -2.137  1.00 37.20 ? 324 HOH A O   1 
HETATM 1090 O  O   . HOH E 5 .   ? -15.019 10.049  -7.313  1.00 17.66 ? 325 HOH A O   1 
HETATM 1091 O  O   . HOH E 5 .   ? -15.975 -6.397  0.223   1.00 35.44 ? 326 HOH A O   1 
HETATM 1092 O  O   . HOH E 5 .   ? 11.091  1.279   10.733  1.00 14.31 ? 327 HOH A O   1 
HETATM 1093 O  O   . HOH E 5 .   ? 9.191   -11.559 2.311   1.00 26.89 ? 328 HOH A O   1 
HETATM 1094 O  O   . HOH E 5 .   ? -7.335  -7.758  -10.940 1.00 22.27 ? 329 HOH A O   1 
HETATM 1095 O  O   . HOH E 5 .   ? -11.220 9.832   7.266   1.00 29.78 ? 330 HOH A O   1 
HETATM 1096 O  O   . HOH E 5 .   ? -1.729  -14.062 -2.262  1.00 13.19 ? 331 HOH A O   1 
HETATM 1097 O  O   . HOH E 5 .   ? 15.829  -13.251 0.679   1.00 29.67 ? 332 HOH A O   1 
HETATM 1098 O  O   . HOH E 5 .   ? -19.111 -1.068  -2.651  1.00 32.45 ? 333 HOH A O   1 
HETATM 1099 O  O   . HOH E 5 .   ? -7.505  3.582   -19.122 1.00 21.18 ? 334 HOH A O   1 
HETATM 1100 O  O   . HOH E 5 .   ? -14.015 12.518  -6.296  1.00 21.58 ? 335 HOH A O   1 
HETATM 1101 O  O   . HOH E 5 .   ? -13.892 9.731   -10.604 1.00 12.75 ? 336 HOH A O   1 
HETATM 1102 O  O   . HOH E 5 .   ? -4.432  3.057   -23.713 1.00 29.35 ? 337 HOH A O   1 
HETATM 1103 O  O   . HOH E 5 .   ? 9.588   -6.966  -4.655  1.00 16.94 ? 338 HOH A O   1 
HETATM 1104 O  O   . HOH E 5 .   ? 15.100  8.595   3.318   1.00 16.47 ? 339 HOH A O   1 
HETATM 1105 O  O   . HOH E 5 .   ? -10.398 7.687   -15.522 1.00 26.93 ? 340 HOH A O   1 
HETATM 1106 O  O   . HOH E 5 .   ? 0.506   5.750   -12.117 1.00 15.14 ? 341 HOH A O   1 
HETATM 1107 O  O   . HOH E 5 .   ? 8.490   7.918   -8.540  1.00 26.36 ? 342 HOH A O   1 
HETATM 1108 O  O   . HOH E 5 .   ? -14.201 8.970   5.091   1.00 35.11 ? 343 HOH A O   1 
HETATM 1109 O  O   . HOH E 5 .   ? 12.495  0.856   6.582   1.00 25.35 ? 344 HOH A O   1 
HETATM 1110 O  O   . HOH E 5 .   ? 0.605   5.117   -14.616 1.00 25.53 ? 345 HOH A O   1 
HETATM 1111 O  O   . HOH E 5 .   ? 9.714   -1.032  15.093  1.00 27.99 ? 346 HOH A O   1 
HETATM 1112 O  O   . HOH E 5 .   ? 13.685  5.262   -6.062  1.00 16.28 ? 347 HOH A O   1 
HETATM 1113 O  O   . HOH E 5 .   ? -2.570  -14.165 9.246   1.00 38.11 ? 348 HOH A O   1 
HETATM 1114 O  O   . HOH E 5 .   ? 10.616  -6.834  -9.572  1.00 26.77 ? 349 HOH A O   1 
HETATM 1115 O  O   . HOH E 5 .   ? 1.708   -13.943 -4.135  1.00 12.18 ? 350 HOH A O   1 
HETATM 1116 O  O   . HOH E 5 .   ? 11.930  6.083   9.027   1.00 31.32 ? 351 HOH A O   1 
HETATM 1117 O  O   . HOH E 5 .   ? 8.507   18.216  -2.751  1.00 28.37 ? 352 HOH A O   1 
HETATM 1118 O  O   . HOH E 5 .   ? -7.382  -1.192  13.977  1.00 14.77 ? 353 HOH A O   1 
HETATM 1119 O  O   . HOH E 5 .   ? -11.171 2.629   7.635   1.00 10.18 ? 354 HOH A O   1 
HETATM 1120 O  O   . HOH E 5 .   ? 12.104  1.889   3.914   1.00 18.59 ? 355 HOH A O   1 
HETATM 1121 O  O   . HOH E 5 .   ? 15.126  2.210   -4.433  1.00 11.65 ? 356 HOH A O   1 
HETATM 1122 O  O   . HOH E 5 .   ? 15.807  12.556  -2.190  1.00 24.37 ? 357 HOH A O   1 
HETATM 1123 O  O   . HOH E 5 .   ? 2.815   11.363  -3.294  1.00 19.06 ? 358 HOH A O   1 
HETATM 1124 O  O   . HOH E 5 .   ? -9.856  -5.040  11.153  1.00 15.68 ? 359 HOH A O   1 
HETATM 1125 O  O   . HOH E 5 .   ? 8.465   14.921  -5.662  1.00 19.22 ? 360 HOH A O   1 
HETATM 1126 O  O   . HOH E 5 .   ? -11.093 -7.244  -11.076 1.00 37.70 ? 361 HOH A O   1 
HETATM 1127 O  O   . HOH E 5 .   ? 3.726   11.820  -0.491  1.00 22.41 ? 362 HOH A O   1 
HETATM 1128 O  O   . HOH E 5 .   ? -4.752  -12.513 8.665   1.00 24.48 ? 363 HOH A O   1 
HETATM 1129 O  O   . HOH E 5 .   ? -11.495 15.416  -0.207  1.00 33.99 ? 364 HOH A O   1 
HETATM 1130 O  O   . HOH E 5 .   ? -13.325 -3.231  3.465   1.00 14.39 ? 365 HOH A O   1 
HETATM 1131 O  O   . HOH E 5 .   ? 7.358   4.490   -13.311 1.00 50.11 ? 366 HOH A O   1 
HETATM 1132 O  O   . HOH E 5 .   ? -9.477  8.092   -13.002 1.00 13.73 ? 367 HOH A O   1 
HETATM 1133 O  O   . HOH E 5 .   ? 14.193  -3.900  3.183   1.00 28.37 ? 368 HOH A O   1 
HETATM 1134 O  O   . HOH E 5 .   ? -3.872  -2.101  -21.546 1.00 23.05 ? 369 HOH A O   1 
HETATM 1135 O  O   . HOH E 5 .   ? 14.889  6.491   -3.938  1.00 9.64  ? 370 HOH A O   1 
HETATM 1136 O  O   . HOH E 5 .   ? 10.006  -2.279  11.200  1.00 23.33 ? 371 HOH A O   1 
HETATM 1137 O  O   . HOH E 5 .   ? -5.083  9.542   -3.164  1.00 13.50 ? 372 HOH A O   1 
HETATM 1138 O  O   . HOH E 5 .   ? -2.410  -13.768 -9.059  1.00 21.52 ? 373 HOH A O   1 
HETATM 1139 O  O   . HOH E 5 .   ? -0.906  -12.936 -12.352 1.00 28.77 ? 374 HOH A O   1 
HETATM 1140 O  O   . HOH E 5 .   ? -4.455  -12.049 -9.397  1.00 20.97 ? 375 HOH A O   1 
HETATM 1141 O  O   . HOH E 5 .   ? 6.552   -0.597  20.279  1.00 19.33 ? 376 HOH A O   1 
HETATM 1142 O  O   A HOH E 5 .   ? 4.248   -13.994 10.406  0.50 22.61 ? 377 HOH A O   1 
HETATM 1143 O  O   B HOH E 5 .   ? 3.941   -12.304 11.275  0.50 20.10 ? 377 HOH A O   1 
HETATM 1144 O  O   . HOH E 5 .   ? 21.710  -6.975  -2.674  1.00 33.31 ? 378 HOH A O   1 
HETATM 1145 O  O   . HOH E 5 .   ? 1.587   4.578   -17.153 1.00 36.90 ? 379 HOH A O   1 
HETATM 1146 O  O   . HOH E 5 .   ? -3.010  8.274   11.564  1.00 37.74 ? 380 HOH A O   1 
HETATM 1147 O  O   . HOH E 5 .   ? -2.372  6.147   -25.703 1.00 50.39 ? 381 HOH A O   1 
HETATM 1148 O  O   . HOH E 5 .   ? 12.210  6.932   -7.760  1.00 21.31 ? 382 HOH A O   1 
HETATM 1149 O  O   . HOH E 5 .   ? 14.147  2.499   -9.601  1.00 35.77 ? 383 HOH A O   1 
HETATM 1150 O  O   . HOH E 5 .   ? -6.678  -10.501 -12.259 1.00 35.93 ? 384 HOH A O   1 
HETATM 1151 O  O   . HOH E 5 .   ? -2.393  8.568   9.376   1.00 27.07 ? 385 HOH A O   1 
HETATM 1152 O  O   . HOH E 5 .   ? 12.433  3.267   17.387  1.00 34.23 ? 386 HOH A O   1 
HETATM 1153 O  O   . HOH E 5 .   ? 8.908   -7.081  -10.734 1.00 38.26 ? 387 HOH A O   1 
HETATM 1154 O  O   . HOH E 5 .   ? -5.340  13.094  0.006   1.00 22.40 ? 388 HOH A O   1 
HETATM 1155 O  O   . HOH E 5 .   ? -3.381  -4.774  -21.191 1.00 22.85 ? 389 HOH A O   1 
HETATM 1156 O  O   . HOH E 5 .   ? -4.308  -10.057 -14.779 1.00 48.04 ? 390 HOH A O   1 
HETATM 1157 O  O   . HOH E 5 .   ? -3.116  4.192   15.917  1.00 30.84 ? 391 HOH A O   1 
HETATM 1158 O  O   . HOH E 5 .   ? -5.748  -12.958 -11.103 1.00 34.00 ? 392 HOH A O   1 
HETATM 1159 O  O   . HOH E 5 .   ? 7.528   4.495   21.921  1.00 33.51 ? 393 HOH A O   1 
HETATM 1160 O  O   . HOH E 5 .   ? 12.264  6.396   12.295  1.00 39.30 ? 394 HOH A O   1 
HETATM 1161 O  O   . HOH E 5 .   ? 13.201  9.341   9.845   1.00 39.25 ? 395 HOH A O   1 
HETATM 1162 O  O   . HOH E 5 .   ? 12.686  -3.015  5.088   1.00 36.38 ? 396 HOH A O   1 
HETATM 1163 O  O   . HOH E 5 .   ? -15.427 4.975   6.379   1.00 26.74 ? 397 HOH A O   1 
HETATM 1164 O  O   . HOH E 5 .   ? 15.508  12.958  1.891   1.00 36.72 ? 398 HOH A O   1 
HETATM 1165 O  O   . HOH E 5 .   ? 17.281  3.401   -5.802  1.00 17.31 ? 399 HOH A O   1 
HETATM 1166 O  O   . HOH E 5 .   ? 13.503  7.810   7.699   1.00 21.23 ? 400 HOH A O   1 
HETATM 1167 O  O   . HOH E 5 .   ? -18.865 5.775   1.136   1.00 36.44 ? 401 HOH A O   1 
HETATM 1168 O  O   . HOH E 5 .   ? -18.399 0.734   1.453   1.00 23.84 ? 402 HOH A O   1 
HETATM 1169 O  O   . HOH E 5 .   ? -16.057 2.183   2.141   1.00 28.46 ? 403 HOH A O   1 
HETATM 1170 O  O   . HOH E 5 .   ? -10.839 -5.373  8.474   1.00 20.75 ? 404 HOH A O   1 
HETATM 1171 O  O   . HOH E 5 .   ? 0.133   -13.043 -8.394  1.00 20.09 ? 405 HOH A O   1 
HETATM 1172 O  O   . HOH E 5 .   ? -4.392  -14.448 -13.098 1.00 29.05 ? 406 HOH A O   1 
HETATM 1173 O  O   . HOH E 5 .   ? -2.198  -14.902 -11.885 1.00 31.43 ? 407 HOH A O   1 
HETATM 1174 O  O   . HOH E 5 .   ? -0.334  4.547   -18.845 1.00 37.62 ? 408 HOH A O   1 
HETATM 1175 O  O   . HOH E 5 .   ? 4.040   5.466   -9.705  1.00 25.94 ? 409 HOH A O   1 
HETATM 1176 O  O   . HOH E 5 .   ? -13.824 5.590   -13.173 1.00 50.32 ? 410 HOH A O   1 
HETATM 1177 O  O   A HOH E 5 .   ? -3.325  10.598  8.009   0.50 20.40 ? 411 HOH A O   1 
HETATM 1178 O  O   B HOH E 5 .   ? -4.042  10.840  6.213   0.50 20.61 ? 411 HOH A O   1 
HETATM 1179 O  O   . HOH E 5 .   ? 10.642  16.466  -6.210  1.00 34.07 ? 412 HOH A O   1 
HETATM 1180 O  O   . HOH E 5 .   ? 4.413   15.203  1.926   1.00 39.43 ? 413 HOH A O   1 
HETATM 1181 O  O   . HOH E 5 .   ? 14.193  10.316  -5.817  1.00 20.41 ? 414 HOH A O   1 
HETATM 1182 O  O   . HOH E 5 .   ? 12.969  11.557  6.357   1.00 30.89 ? 415 HOH A O   1 
HETATM 1183 O  O   . HOH E 5 .   ? 15.498  12.951  -4.866  1.00 33.53 ? 416 HOH A O   1 
HETATM 1184 O  O   . HOH E 5 .   ? -14.067 -5.874  -7.703  1.00 30.90 ? 417 HOH A O   1 
HETATM 1185 O  O   . HOH E 5 .   ? -7.367  -4.676  16.872  1.00 27.01 ? 418 HOH A O   1 
HETATM 1186 O  O   . HOH E 5 .   ? 4.116   2.042   11.159  1.00 10.70 ? 419 HOH A O   1 
HETATM 1187 O  O   . HOH E 5 .   ? -0.535  7.179   7.980   1.00 10.92 ? 420 HOH A O   1 
HETATM 1188 O  O   . HOH E 5 .   ? -6.677  1.059   -15.160 1.00 9.67  ? 421 HOH A O   1 
HETATM 1189 O  O   . HOH E 5 .   ? 0.267   -1.269  -14.128 1.00 11.84 ? 422 HOH A O   1 
HETATM 1190 O  O   . HOH E 5 .   ? -8.605  6.977   2.273   1.00 9.99  ? 423 HOH A O   1 
HETATM 1191 O  O   . HOH E 5 .   ? 9.980   2.667   2.211   1.00 14.20 ? 424 HOH A O   1 
HETATM 1192 O  O   . HOH E 5 .   ? 5.989   13.184  1.080   1.00 16.15 ? 425 HOH A O   1 
HETATM 1193 O  O   . HOH E 5 .   ? 4.067   2.815   -10.601 1.00 12.91 ? 426 HOH A O   1 
HETATM 1194 O  O   . HOH E 5 .   ? 0.561   2.139   -12.487 1.00 14.66 ? 427 HOH A O   1 
HETATM 1195 O  O   . HOH E 5 .   ? 4.671   2.290   13.891  1.00 11.30 ? 428 HOH A O   1 
HETATM 1196 O  O   . HOH E 5 .   ? 13.815  -9.063  1.925   1.00 16.29 ? 429 HOH A O   1 
HETATM 1197 O  O   . HOH E 5 .   ? -5.066  -9.280  3.734   1.00 14.93 ? 430 HOH A O   1 
HETATM 1198 O  O   . HOH E 5 .   ? 7.797   -0.350  -10.732 1.00 17.57 ? 431 HOH A O   1 
HETATM 1199 O  O   . HOH E 5 .   ? 6.606   1.943   -9.491  1.00 19.84 ? 432 HOH A O   1 
HETATM 1200 O  O   . HOH E 5 .   ? -9.176  0.766   -16.394 1.00 18.25 ? 433 HOH A O   1 
HETATM 1201 O  O   . HOH E 5 .   ? -4.187  8.528   4.791   1.00 17.26 ? 434 HOH A O   1 
HETATM 1202 O  O   . HOH E 5 .   ? -6.448  -2.308  16.216  1.00 24.66 ? 435 HOH A O   1 
HETATM 1203 O  O   . HOH E 5 .   ? -0.233  2.531   19.797  1.00 24.57 ? 436 HOH A O   1 
HETATM 1204 O  O   . HOH E 5 .   ? -0.699  5.458   14.887  1.00 22.17 ? 437 HOH A O   1 
HETATM 1205 O  O   . HOH E 5 .   ? -1.369  -0.885  -18.839 1.00 19.98 ? 438 HOH A O   1 
HETATM 1206 O  O   . HOH E 5 .   ? 9.605   8.574   6.213   1.00 22.47 ? 439 HOH A O   1 
HETATM 1207 O  O   . HOH E 5 .   ? 2.409   -0.061  -15.249 1.00 30.14 ? 440 HOH A O   1 
HETATM 1208 O  O   . HOH E 5 .   ? 5.539   -1.141  -14.893 1.00 29.75 ? 441 HOH A O   1 
HETATM 1209 O  O   . HOH E 5 .   ? 3.233   -7.835  -15.785 1.00 21.84 ? 442 HOH A O   1 
HETATM 1210 O  O   . HOH E 5 .   ? 3.107   2.364   -13.273 1.00 22.84 ? 443 HOH A O   1 
HETATM 1211 O  O   . HOH E 5 .   ? 0.201   -7.839  -17.022 1.00 29.63 ? 444 HOH A O   1 
HETATM 1212 O  O   . HOH E 5 .   ? -3.834  -2.611  16.111  1.00 28.44 ? 445 HOH A O   1 
HETATM 1213 O  O   . HOH E 5 .   ? 10.765  -0.226  -9.862  1.00 28.53 ? 446 HOH A O   1 
HETATM 1214 O  O   . HOH E 5 .   ? 2.794   8.633   15.701  1.00 23.07 ? 447 HOH A O   1 
HETATM 1215 O  O   . HOH E 5 .   ? -9.887  -1.846  -17.005 1.00 30.23 ? 448 HOH A O   1 
HETATM 1216 O  O   . HOH E 5 .   ? 11.765  -10.719 3.364   1.00 23.40 ? 449 HOH A O   1 
HETATM 1217 O  O   . HOH E 5 .   ? 5.854   -3.193  20.579  1.00 30.50 ? 450 HOH A O   1 
HETATM 1218 O  O   . HOH E 5 .   ? -18.721 4.711   -5.693  1.00 30.76 ? 451 HOH A O   1 
HETATM 1219 O  O   . HOH E 5 .   ? -1.134  -4.702  -19.497 1.00 23.53 ? 452 HOH A O   1 
HETATM 1220 O  O   . HOH E 5 .   ? -13.911 3.018   -13.322 1.00 37.83 ? 453 HOH A O   1 
HETATM 1221 O  O   . HOH E 5 .   ? 8.389   -3.473  -12.437 1.00 31.95 ? 454 HOH A O   1 
HETATM 1222 O  O   . HOH E 5 .   ? -16.030 10.080  -1.935  1.00 30.92 ? 455 HOH A O   1 
HETATM 1223 O  O   . HOH E 5 .   ? 9.102   -0.591  20.594  1.00 36.99 ? 456 HOH A O   1 
HETATM 1224 O  O   . HOH E 5 .   ? -16.076 6.879   -2.543  1.00 28.76 ? 457 HOH A O   1 
HETATM 1225 O  O   . HOH E 5 .   ? -7.098  -14.081 7.749   1.00 32.77 ? 458 HOH A O   1 
HETATM 1226 O  O   . HOH E 5 .   ? 8.659   -3.166  13.661  1.00 37.71 ? 459 HOH A O   1 
HETATM 1227 O  O   . HOH E 5 .   ? -12.918 -0.928  -16.271 1.00 32.43 ? 460 HOH A O   1 
HETATM 1228 O  O   . HOH E 5 .   ? -15.937 -4.373  -8.898  1.00 31.84 ? 461 HOH A O   1 
HETATM 1229 O  O   . HOH E 5 .   ? -3.430  -7.429  -15.403 1.00 32.76 ? 462 HOH A O   1 
HETATM 1230 O  O   . HOH E 5 .   ? 1.932   8.318   11.431  1.00 34.15 ? 463 HOH A O   1 
HETATM 1231 O  O   . HOH E 5 .   ? -18.674 6.577   -2.762  1.00 29.68 ? 464 HOH A O   1 
HETATM 1232 O  O   . HOH E 5 .   ? -16.777 5.335   -12.269 1.00 42.23 ? 465 HOH A O   1 
HETATM 1233 O  O   . HOH E 5 .   ? 5.411   9.808   14.278  1.00 28.50 ? 466 HOH A O   1 
HETATM 1234 O  O   . HOH E 5 .   ? 14.768  -2.205  -11.704 1.00 44.85 ? 467 HOH A O   1 
HETATM 1235 O  O   . HOH E 5 .   ? -5.233  -9.657  9.981   1.00 34.46 ? 468 HOH A O   1 
HETATM 1236 O  O   . HOH E 5 .   ? 11.945  -2.915  -10.860 1.00 43.45 ? 469 HOH A O   1 
HETATM 1237 O  O   . HOH E 5 .   ? 10.176  -10.141 5.563   1.00 33.46 ? 470 HOH A O   1 
HETATM 1238 O  O   . HOH E 5 .   ? 17.639  -6.178  -5.458  1.00 49.22 ? 471 HOH A O   1 
HETATM 1239 O  O   . HOH E 5 .   ? -11.319 -3.903  -13.336 1.00 32.84 ? 472 HOH A O   1 
HETATM 1240 O  O   . HOH E 5 .   ? 11.942  15.894  3.063   1.00 34.99 ? 473 HOH A O   1 
HETATM 1241 O  O   . HOH E 5 .   ? 8.879   11.304  6.675   1.00 35.39 ? 474 HOH A O   1 
HETATM 1242 O  O   . HOH E 5 .   ? -13.086 -3.400  -14.256 1.00 40.43 ? 475 HOH A O   1 
HETATM 1243 O  O   . HOH E 5 .   ? -2.670  -8.912  15.674  1.00 35.52 ? 476 HOH A O   1 
HETATM 1244 O  O   . HOH E 5 .   ? -6.006  -8.094  12.028  1.00 48.27 ? 477 HOH A O   1 
HETATM 1245 O  O   . HOH E 5 .   ? -15.712 1.298   -12.413 1.00 39.15 ? 478 HOH A O   1 
HETATM 1246 O  O   . HOH E 5 .   ? -7.776  -14.950 4.307   1.00 52.10 ? 479 HOH A O   1 
HETATM 1247 O  O   . HOH E 5 .   ? 7.069   0.220   -13.353 1.00 31.23 ? 480 HOH A O   1 
HETATM 1248 O  O   . HOH E 5 .   ? 6.975   12.737  7.036   1.00 36.09 ? 481 HOH A O   1 
HETATM 1249 O  O   . HOH E 5 .   ? -0.568  -11.575 -6.006  1.00 18.49 ? 482 HOH A O   1 
HETATM 1250 O  O   . HOH E 5 .   ? -11.964 -10.380 3.232   1.00 27.73 ? 483 HOH A O   1 
HETATM 1251 O  O   . HOH E 5 .   ? 7.988   7.650   12.939  1.00 38.02 ? 484 HOH A O   1 
HETATM 1252 O  O   . HOH E 5 .   ? 2.860   13.276  4.865   1.00 41.12 ? 485 HOH A O   1 
HETATM 1253 O  O   . HOH E 5 .   ? -3.316  -3.756  18.216  1.00 33.82 ? 486 HOH A O   1 
HETATM 1254 O  O   . HOH E 5 .   ? 13.153  14.423  1.307   1.00 35.54 ? 487 HOH A O   1 
HETATM 1255 O  O   . HOH E 5 .   ? 10.179  14.209  4.580   1.00 31.38 ? 488 HOH A O   1 
HETATM 1256 O  O   . HOH E 5 .   ? 10.450  8.497   17.299  1.00 40.26 ? 489 HOH A O   1 
HETATM 1257 O  O   . HOH E 5 .   ? 10.136  -4.626  10.204  1.00 35.93 ? 490 HOH A O   1 
HETATM 1258 O  O   . HOH E 5 .   ? 5.068   13.247  5.618   1.00 43.19 ? 491 HOH A O   1 
HETATM 1259 O  O   . HOH E 5 .   ? -3.724  9.924   3.323   1.00 30.70 ? 492 HOH A O   1 
# 
loop_
_pdbx_poly_seq_scheme.asym_id 
_pdbx_poly_seq_scheme.entity_id 
_pdbx_poly_seq_scheme.seq_id 
_pdbx_poly_seq_scheme.mon_id 
_pdbx_poly_seq_scheme.ndb_seq_num 
_pdbx_poly_seq_scheme.pdb_seq_num 
_pdbx_poly_seq_scheme.auth_seq_num 
_pdbx_poly_seq_scheme.pdb_mon_id 
_pdbx_poly_seq_scheme.auth_mon_id 
_pdbx_poly_seq_scheme.pdb_strand_id 
_pdbx_poly_seq_scheme.pdb_ins_code 
_pdbx_poly_seq_scheme.hetero 
A 1 1   GLY 1   13  13  GLY GLY A . n 
A 1 2   ALA 2   14  14  ALA ALA A . n 
A 1 3   PRO 3   15  15  PRO PRO A . n 
A 1 4   ALA 4   16  16  ALA ALA A . n 
A 1 5   THR 5   17  17  THR THR A . n 
A 1 6   VAL 6   18  18  VAL VAL A . n 
A 1 7   THR 7   19  19  THR THR A . n 
A 1 8   GLU 8   20  20  GLU GLU A . n 
A 1 9   GLN 9   21  21  GLN GLN A . n 
A 1 10  GLY 10  22  22  GLY GLY A . n 
A 1 11  GLU 11  23  23  GLU GLU A . n 
A 1 12  ASP 12  24  24  ASP ASP A . n 
A 1 13  ILE 13  25  25  ILE ILE A . n 
A 1 14  THR 14  26  26  THR THR A . n 
A 1 15  SER 15  27  27  SER SER A . n 
A 1 16  LYS 16  28  28  LYS LYS A . n 
A 1 17  LYS 17  29  29  LYS LYS A . n 
A 1 18  ASP 18  30  30  ASP ASP A . n 
A 1 19  ARG 19  31  31  ARG ARG A . n 
A 1 20  GLY 20  32  32  GLY GLY A . n 
A 1 21  VAL 21  33  33  VAL VAL A . n 
A 1 22  LEU 22  34  34  LEU LEU A . n 
A 1 23  LYS 23  35  35  LYS LYS A . n 
A 1 24  ILE 24  36  36  ILE ILE A . n 
A 1 25  VAL 25  37  37  VAL VAL A . n 
A 1 26  LYS 26  38  38  LYS LYS A . n 
A 1 27  ARG 27  39  39  ARG ARG A . n 
A 1 28  VAL 28  40  40  VAL VAL A . n 
A 1 29  GLY 29  41  41  GLY GLY A . n 
A 1 30  ASN 30  42  42  ASN ASN A . n 
A 1 31  GLY 31  43  43  GLY GLY A . n 
A 1 32  GLU 32  44  44  GLU GLU A . n 
A 1 33  GLU 33  45  45  GLU GLU A . n 
A 1 34  THR 34  46  46  THR THR A . n 
A 1 35  PRO 35  47  47  PRO PRO A . n 
A 1 36  MET 36  48  48  MET MET A . n 
A 1 37  ILE 37  49  49  ILE ILE A . n 
A 1 38  GLY 38  50  50  GLY GLY A . n 
A 1 39  ASP 39  51  51  ASP ASP A . n 
A 1 40  LYS 40  52  52  LYS LYS A . n 
A 1 41  VAL 41  53  53  VAL VAL A . n 
A 1 42  TYR 42  54  54  TYR TYR A . n 
A 1 43  VAL 43  55  55  VAL VAL A . n 
A 1 44  HIS 44  56  56  HIS HIS A . n 
A 1 45  TYR 45  57  57  TYR TYR A . n 
A 1 46  LYS 46  58  58  LYS LYS A . n 
A 1 47  GLY 47  59  59  GLY GLY A . n 
A 1 48  LYS 48  60  60  LYS LYS A . n 
A 1 49  LEU 49  61  61  LEU LEU A . n 
A 1 50  SER 50  62  62  SER SER A . n 
A 1 51  ASN 51  63  63  ASN ASN A . n 
A 1 52  GLY 52  64  64  GLY GLY A . n 
A 1 53  LYS 53  65  65  LYS LYS A . n 
A 1 54  LYS 54  66  66  LYS LYS A . n 
A 1 55  PHE 55  67  67  PHE PHE A . n 
A 1 56  ASP 56  68  68  ASP ASP A . n 
A 1 57  SER 57  69  69  SER SER A . n 
A 1 58  SER 58  70  70  SER SER A . n 
A 1 59  HIS 59  71  71  HIS HIS A . n 
A 1 60  ASP 60  72  72  ASP ASP A . n 
A 1 61  ARG 61  73  73  ARG ARG A . n 
A 1 62  ASN 62  74  74  ASN ASN A . n 
A 1 63  GLU 63  75  75  GLU GLU A . n 
A 1 64  PRO 64  76  76  PRO PRO A . n 
A 1 65  PHE 65  77  77  PHE PHE A . n 
A 1 66  VAL 66  78  78  VAL VAL A . n 
A 1 67  PHE 67  79  79  PHE PHE A . n 
A 1 68  SER 68  80  80  SER SER A . n 
A 1 69  LEU 69  81  81  LEU LEU A . n 
A 1 70  GLY 70  82  82  GLY GLY A . n 
A 1 71  LYS 71  83  83  LYS LYS A . n 
A 1 72  GLY 72  84  84  GLY GLY A . n 
A 1 73  GLN 73  85  85  GLN GLN A . n 
A 1 74  VAL 74  86  86  VAL VAL A . n 
A 1 75  ILE 75  87  87  ILE ILE A . n 
A 1 76  LYS 76  88  88  LYS LYS A . n 
A 1 77  ALA 77  89  89  ALA ALA A . n 
A 1 78  TRP 78  90  90  TRP TRP A . n 
A 1 79  ASP 79  91  91  ASP ASP A . n 
A 1 80  ILE 80  92  92  ILE ILE A . n 
A 1 81  GLY 81  93  93  GLY GLY A . n 
A 1 82  VAL 82  94  94  VAL VAL A . n 
A 1 83  ALA 83  95  95  ALA ALA A . n 
A 1 84  THR 84  96  96  THR THR A . n 
A 1 85  MET 85  97  97  MET MET A . n 
A 1 86  LYS 86  98  98  LYS LYS A . n 
A 1 87  LYS 87  99  99  LYS LYS A . n 
A 1 88  GLY 88  100 100 GLY GLY A . n 
A 1 89  GLU 89  101 101 GLU GLU A . n 
A 1 90  ILE 90  102 102 ILE ILE A . n 
A 1 91  CYS 91  103 103 CYS CYS A . n 
A 1 92  HIS 92  104 104 HIS HIS A . n 
A 1 93  LEU 93  105 105 LEU LEU A . n 
A 1 94  LEU 94  106 106 LEU LEU A . n 
A 1 95  CYS 95  107 107 CYS CYS A . n 
A 1 96  LYS 96  108 108 LYS LYS A . n 
A 1 97  PRO 97  109 109 PRO PRO A . n 
A 1 98  GLU 98  110 110 GLU GLU A . n 
A 1 99  TYR 99  111 111 TYR TYR A . n 
A 1 100 ALA 100 112 112 ALA ALA A . n 
A 1 101 TYR 101 113 113 TYR TYR A . n 
A 1 102 GLY 102 114 114 GLY GLY A . n 
A 1 103 SER 103 115 115 SER SER A . n 
A 1 104 ALA 104 116 116 ALA ALA A . n 
A 1 105 GLY 105 117 117 GLY GLY A . n 
A 1 106 SER 106 118 118 SER SER A . n 
A 1 107 LEU 107 119 119 LEU LEU A . n 
A 1 108 PRO 108 120 120 PRO PRO A . n 
A 1 109 LYS 109 121 121 LYS LYS A . n 
A 1 110 ILE 110 122 122 ILE ILE A . n 
A 1 111 PRO 111 123 123 PRO PRO A . n 
A 1 112 SER 112 124 124 SER SER A . n 
A 1 113 ASN 113 125 125 ASN ASN A . n 
A 1 114 ALA 114 126 126 ALA ALA A . n 
A 1 115 THR 115 127 127 THR THR A . n 
A 1 116 LEU 116 128 128 LEU LEU A . n 
A 1 117 PHE 117 129 129 PHE PHE A . n 
A 1 118 PHE 118 130 130 PHE PHE A . n 
A 1 119 GLU 119 131 131 GLU GLU A . n 
A 1 120 ILE 120 132 132 ILE ILE A . n 
A 1 121 GLU 121 133 133 GLU GLU A . n 
A 1 122 LEU 122 134 134 LEU LEU A . n 
A 1 123 LEU 123 135 135 LEU LEU A . n 
A 1 124 ASP 124 136 136 ASP ASP A . n 
A 1 125 PHE 125 137 137 PHE PHE A . n 
A 1 126 LYS 126 138 138 LYS LYS A . n 
A 1 127 GLY 127 139 139 GLY GLY A . n 
A 1 128 GLU 128 140 140 GLU GLU A . n 
# 
loop_
_pdbx_nonpoly_scheme.asym_id 
_pdbx_nonpoly_scheme.entity_id 
_pdbx_nonpoly_scheme.mon_id 
_pdbx_nonpoly_scheme.ndb_seq_num 
_pdbx_nonpoly_scheme.pdb_seq_num 
_pdbx_nonpoly_scheme.auth_seq_num 
_pdbx_nonpoly_scheme.pdb_mon_id 
_pdbx_nonpoly_scheme.auth_mon_id 
_pdbx_nonpoly_scheme.pdb_strand_id 
_pdbx_nonpoly_scheme.pdb_ins_code 
B 2 37L 1   201 1   37L DRG A . 
C 3 GOL 1   202 1   GOL GOL A . 
D 4 NA  1   203 1   NA  NA  A . 
E 5 HOH 1   301 75  HOH HOH A . 
E 5 HOH 2   302 168 HOH HOH A . 
E 5 HOH 3   303 113 HOH HOH A . 
E 5 HOH 4   304 96  HOH HOH A . 
E 5 HOH 5   305 164 HOH HOH A . 
E 5 HOH 6   306 156 HOH HOH A . 
E 5 HOH 7   307 72  HOH HOH A . 
E 5 HOH 8   308 111 HOH HOH A . 
E 5 HOH 9   309 97  HOH HOH A . 
E 5 HOH 10  310 99  HOH HOH A . 
E 5 HOH 11  311 67  HOH HOH A . 
E 5 HOH 12  312 24  HOH HOH A . 
E 5 HOH 13  313 176 HOH HOH A . 
E 5 HOH 14  314 108 HOH HOH A . 
E 5 HOH 15  315 68  HOH HOH A . 
E 5 HOH 16  316 121 HOH HOH A . 
E 5 HOH 17  317 35  HOH HOH A . 
E 5 HOH 18  318 77  HOH HOH A . 
E 5 HOH 19  319 145 HOH HOH A . 
E 5 HOH 20  320 71  HOH HOH A . 
E 5 HOH 21  321 54  HOH HOH A . 
E 5 HOH 22  322 50  HOH HOH A . 
E 5 HOH 23  323 127 HOH HOH A . 
E 5 HOH 24  324 171 HOH HOH A . 
E 5 HOH 25  325 51  HOH HOH A . 
E 5 HOH 26  326 194 HOH HOH A . 
E 5 HOH 27  327 14  HOH HOH A . 
E 5 HOH 28  328 34  HOH HOH A . 
E 5 HOH 29  329 28  HOH HOH A . 
E 5 HOH 30  330 116 HOH HOH A . 
E 5 HOH 31  331 22  HOH HOH A . 
E 5 HOH 32  332 109 HOH HOH A . 
E 5 HOH 33  333 114 HOH HOH A . 
E 5 HOH 34  334 56  HOH HOH A . 
E 5 HOH 35  335 132 HOH HOH A . 
E 5 HOH 36  336 10  HOH HOH A . 
E 5 HOH 37  337 148 HOH HOH A . 
E 5 HOH 38  338 5   HOH HOH A . 
E 5 HOH 39  339 32  HOH HOH A . 
E 5 HOH 40  340 78  HOH HOH A . 
E 5 HOH 41  341 20  HOH HOH A . 
E 5 HOH 42  342 95  HOH HOH A . 
E 5 HOH 43  343 158 HOH HOH A . 
E 5 HOH 44  344 190 HOH HOH A . 
E 5 HOH 45  345 183 HOH HOH A . 
E 5 HOH 46  346 83  HOH HOH A . 
E 5 HOH 47  347 128 HOH HOH A . 
E 5 HOH 48  348 201 HOH HOH A . 
E 5 HOH 49  349 41  HOH HOH A . 
E 5 HOH 50  350 11  HOH HOH A . 
E 5 HOH 51  351 193 HOH HOH A . 
E 5 HOH 52  352 138 HOH HOH A . 
E 5 HOH 53  353 23  HOH HOH A . 
E 5 HOH 54  354 2   HOH HOH A . 
E 5 HOH 55  355 46  HOH HOH A . 
E 5 HOH 56  356 126 HOH HOH A . 
E 5 HOH 57  357 89  HOH HOH A . 
E 5 HOH 58  358 55  HOH HOH A . 
E 5 HOH 59  359 36  HOH HOH A . 
E 5 HOH 60  360 26  HOH HOH A . 
E 5 HOH 61  361 198 HOH HOH A . 
E 5 HOH 62  362 52  HOH HOH A . 
E 5 HOH 63  363 76  HOH HOH A . 
E 5 HOH 64  364 150 HOH HOH A . 
E 5 HOH 65  365 29  HOH HOH A . 
E 5 HOH 66  366 175 HOH HOH A . 
E 5 HOH 67  367 8   HOH HOH A . 
E 5 HOH 68  368 53  HOH HOH A . 
E 5 HOH 69  369 70  HOH HOH A . 
E 5 HOH 70  370 125 HOH HOH A . 
E 5 HOH 71  371 42  HOH HOH A . 
E 5 HOH 72  372 17  HOH HOH A . 
E 5 HOH 73  373 38  HOH HOH A . 
E 5 HOH 74  374 119 HOH HOH A . 
E 5 HOH 75  375 45  HOH HOH A . 
E 5 HOH 76  376 43  HOH HOH A . 
E 5 HOH 77  377 87  HOH HOH A . 
E 5 HOH 78  378 73  HOH HOH A . 
E 5 HOH 79  379 139 HOH HOH A . 
E 5 HOH 80  380 152 HOH HOH A . 
E 5 HOH 81  381 166 HOH HOH A . 
E 5 HOH 82  382 59  HOH HOH A . 
E 5 HOH 83  383 196 HOH HOH A . 
E 5 HOH 84  384 122 HOH HOH A . 
E 5 HOH 85  385 94  HOH HOH A . 
E 5 HOH 86  386 141 HOH HOH A . 
E 5 HOH 87  387 178 HOH HOH A . 
E 5 HOH 88  388 135 HOH HOH A . 
E 5 HOH 89  389 133 HOH HOH A . 
E 5 HOH 90  390 154 HOH HOH A . 
E 5 HOH 91  391 104 HOH HOH A . 
E 5 HOH 92  392 106 HOH HOH A . 
E 5 HOH 93  393 86  HOH HOH A . 
E 5 HOH 94  394 1   HOH HOH A . 
E 5 HOH 95  395 142 HOH HOH A . 
E 5 HOH 96  396 93  HOH HOH A . 
E 5 HOH 97  397 105 HOH HOH A . 
E 5 HOH 98  398 102 HOH HOH A . 
E 5 HOH 99  399 27  HOH HOH A . 
E 5 HOH 100 400 130 HOH HOH A . 
E 5 HOH 101 401 199 HOH HOH A . 
E 5 HOH 102 402 48  HOH HOH A . 
E 5 HOH 103 403 92  HOH HOH A . 
E 5 HOH 104 404 39  HOH HOH A . 
E 5 HOH 105 405 31  HOH HOH A . 
E 5 HOH 106 406 134 HOH HOH A . 
E 5 HOH 107 407 81  HOH HOH A . 
E 5 HOH 108 408 205 HOH HOH A . 
E 5 HOH 109 409 30  HOH HOH A . 
E 5 HOH 110 410 197 HOH HOH A . 
E 5 HOH 111 411 131 HOH HOH A . 
E 5 HOH 112 412 184 HOH HOH A . 
E 5 HOH 113 413 202 HOH HOH A . 
E 5 HOH 114 414 129 HOH HOH A . 
E 5 HOH 115 415 117 HOH HOH A . 
E 5 HOH 116 416 118 HOH HOH A . 
E 5 HOH 117 417 136 HOH HOH A . 
E 5 HOH 118 418 98  HOH HOH A . 
E 5 HOH 119 419 3   HOH HOH A . 
E 5 HOH 120 420 4   HOH HOH A . 
E 5 HOH 121 421 6   HOH HOH A . 
E 5 HOH 122 422 7   HOH HOH A . 
E 5 HOH 123 423 9   HOH HOH A . 
E 5 HOH 124 424 12  HOH HOH A . 
E 5 HOH 125 425 13  HOH HOH A . 
E 5 HOH 126 426 15  HOH HOH A . 
E 5 HOH 127 427 16  HOH HOH A . 
E 5 HOH 128 428 18  HOH HOH A . 
E 5 HOH 129 429 19  HOH HOH A . 
E 5 HOH 130 430 21  HOH HOH A . 
E 5 HOH 131 431 25  HOH HOH A . 
E 5 HOH 132 432 37  HOH HOH A . 
E 5 HOH 133 433 40  HOH HOH A . 
E 5 HOH 134 434 44  HOH HOH A . 
E 5 HOH 135 435 47  HOH HOH A . 
E 5 HOH 136 436 49  HOH HOH A . 
E 5 HOH 137 437 57  HOH HOH A . 
E 5 HOH 138 438 58  HOH HOH A . 
E 5 HOH 139 439 60  HOH HOH A . 
E 5 HOH 140 440 61  HOH HOH A . 
E 5 HOH 141 441 62  HOH HOH A . 
E 5 HOH 142 442 63  HOH HOH A . 
E 5 HOH 143 443 64  HOH HOH A . 
E 5 HOH 144 444 65  HOH HOH A . 
E 5 HOH 145 445 66  HOH HOH A . 
E 5 HOH 146 446 69  HOH HOH A . 
E 5 HOH 147 447 74  HOH HOH A . 
E 5 HOH 148 448 79  HOH HOH A . 
E 5 HOH 149 449 80  HOH HOH A . 
E 5 HOH 150 450 82  HOH HOH A . 
E 5 HOH 151 451 84  HOH HOH A . 
E 5 HOH 152 452 85  HOH HOH A . 
E 5 HOH 153 453 88  HOH HOH A . 
E 5 HOH 154 454 90  HOH HOH A . 
E 5 HOH 155 455 100 HOH HOH A . 
E 5 HOH 156 456 101 HOH HOH A . 
E 5 HOH 157 457 103 HOH HOH A . 
E 5 HOH 158 458 107 HOH HOH A . 
E 5 HOH 159 459 110 HOH HOH A . 
E 5 HOH 160 460 112 HOH HOH A . 
E 5 HOH 161 461 115 HOH HOH A . 
E 5 HOH 162 462 120 HOH HOH A . 
E 5 HOH 163 463 124 HOH HOH A . 
E 5 HOH 164 464 137 HOH HOH A . 
E 5 HOH 165 465 140 HOH HOH A . 
E 5 HOH 166 466 144 HOH HOH A . 
E 5 HOH 167 467 146 HOH HOH A . 
E 5 HOH 168 468 149 HOH HOH A . 
E 5 HOH 169 469 151 HOH HOH A . 
E 5 HOH 170 470 153 HOH HOH A . 
E 5 HOH 171 471 155 HOH HOH A . 
E 5 HOH 172 472 159 HOH HOH A . 
E 5 HOH 173 473 161 HOH HOH A . 
E 5 HOH 174 474 162 HOH HOH A . 
E 5 HOH 175 475 163 HOH HOH A . 
E 5 HOH 176 476 165 HOH HOH A . 
E 5 HOH 177 477 169 HOH HOH A . 
E 5 HOH 178 478 174 HOH HOH A . 
E 5 HOH 179 479 177 HOH HOH A . 
E 5 HOH 180 480 179 HOH HOH A . 
E 5 HOH 181 481 180 HOH HOH A . 
E 5 HOH 182 482 182 HOH HOH A . 
E 5 HOH 183 483 185 HOH HOH A . 
E 5 HOH 184 484 186 HOH HOH A . 
E 5 HOH 185 485 187 HOH HOH A . 
E 5 HOH 186 486 188 HOH HOH A . 
E 5 HOH 187 487 189 HOH HOH A . 
E 5 HOH 188 488 191 HOH HOH A . 
E 5 HOH 189 489 195 HOH HOH A . 
E 5 HOH 190 490 200 HOH HOH A . 
E 5 HOH 191 491 203 HOH HOH A . 
E 5 HOH 192 492 204 HOH HOH A . 
# 
_pdbx_struct_assembly.id                   1 
_pdbx_struct_assembly.details              software_defined_assembly 
_pdbx_struct_assembly.method_details       PISA 
_pdbx_struct_assembly.oligomeric_details   monomeric 
_pdbx_struct_assembly.oligomeric_count     1 
# 
_pdbx_struct_assembly_gen.assembly_id       1 
_pdbx_struct_assembly_gen.oper_expression   1 
_pdbx_struct_assembly_gen.asym_id_list      A,B,C,D,E 
# 
loop_
_pdbx_struct_assembly_prop.biol_id 
_pdbx_struct_assembly_prop.type 
_pdbx_struct_assembly_prop.value 
_pdbx_struct_assembly_prop.details 
1 'ABSA (A^2)' 360  ? 
1 MORE         -6   ? 
1 'SSA (A^2)'  6790 ? 
# 
_pdbx_struct_oper_list.id                   1 
_pdbx_struct_oper_list.type                 'identity operation' 
_pdbx_struct_oper_list.name                 1_555 
_pdbx_struct_oper_list.symmetry_operation   x,y,z 
_pdbx_struct_oper_list.matrix[1][1]         1.0000000000 
_pdbx_struct_oper_list.matrix[1][2]         0.0000000000 
_pdbx_struct_oper_list.matrix[1][3]         0.0000000000 
_pdbx_struct_oper_list.vector[1]            0.0000000000 
_pdbx_struct_oper_list.matrix[2][1]         0.0000000000 
_pdbx_struct_oper_list.matrix[2][2]         1.0000000000 
_pdbx_struct_oper_list.matrix[2][3]         0.0000000000 
_pdbx_struct_oper_list.vector[2]            0.0000000000 
_pdbx_struct_oper_list.matrix[3][1]         0.0000000000 
_pdbx_struct_oper_list.matrix[3][2]         0.0000000000 
_pdbx_struct_oper_list.matrix[3][3]         1.0000000000 
_pdbx_struct_oper_list.vector[3]            0.0000000000 
# 
loop_
_pdbx_struct_conn_angle.id 
_pdbx_struct_conn_angle.ptnr1_label_atom_id 
_pdbx_struct_conn_angle.ptnr1_label_alt_id 
_pdbx_struct_conn_angle.ptnr1_label_asym_id 
_pdbx_struct_conn_angle.ptnr1_label_comp_id 
_pdbx_struct_conn_angle.ptnr1_label_seq_id 
_pdbx_struct_conn_angle.ptnr1_auth_atom_id 
_pdbx_struct_conn_angle.ptnr1_auth_asym_id 
_pdbx_struct_conn_angle.ptnr1_auth_comp_id 
_pdbx_struct_conn_angle.ptnr1_auth_seq_id 
_pdbx_struct_conn_angle.ptnr1_PDB_ins_code 
_pdbx_struct_conn_angle.ptnr1_symmetry 
_pdbx_struct_conn_angle.ptnr2_label_atom_id 
_pdbx_struct_conn_angle.ptnr2_label_alt_id 
_pdbx_struct_conn_angle.ptnr2_label_asym_id 
_pdbx_struct_conn_angle.ptnr2_label_comp_id 
_pdbx_struct_conn_angle.ptnr2_label_seq_id 
_pdbx_struct_conn_angle.ptnr2_auth_atom_id 
_pdbx_struct_conn_angle.ptnr2_auth_asym_id 
_pdbx_struct_conn_angle.ptnr2_auth_comp_id 
_pdbx_struct_conn_angle.ptnr2_auth_seq_id 
_pdbx_struct_conn_angle.ptnr2_PDB_ins_code 
_pdbx_struct_conn_angle.ptnr2_symmetry 
_pdbx_struct_conn_angle.ptnr3_label_atom_id 
_pdbx_struct_conn_angle.ptnr3_label_alt_id 
_pdbx_struct_conn_angle.ptnr3_label_asym_id 
_pdbx_struct_conn_angle.ptnr3_label_comp_id 
_pdbx_struct_conn_angle.ptnr3_label_seq_id 
_pdbx_struct_conn_angle.ptnr3_auth_atom_id 
_pdbx_struct_conn_angle.ptnr3_auth_asym_id 
_pdbx_struct_conn_angle.ptnr3_auth_comp_id 
_pdbx_struct_conn_angle.ptnr3_auth_seq_id 
_pdbx_struct_conn_angle.ptnr3_PDB_ins_code 
_pdbx_struct_conn_angle.ptnr3_symmetry 
_pdbx_struct_conn_angle.value 
_pdbx_struct_conn_angle.value_esd 
1 O ? E HOH . ? A HOH 333 ? 1_555 NA ? D NA . ? A NA 203 ? 1_555 O ? E HOH . ? A HOH 394 ? 2_455 88.9  ? 
2 O ? E HOH . ? A HOH 333 ? 1_555 NA ? D NA . ? A NA 203 ? 1_555 O ? E HOH . ? A HOH 402 ? 1_555 158.8 ? 
3 O ? E HOH . ? A HOH 394 ? 2_455 NA ? D NA . ? A NA 203 ? 1_555 O ? E HOH . ? A HOH 402 ? 1_555 84.1  ? 
# 
loop_
_pdbx_audit_revision_history.ordinal 
_pdbx_audit_revision_history.data_content_type 
_pdbx_audit_revision_history.major_revision 
_pdbx_audit_revision_history.minor_revision 
_pdbx_audit_revision_history.revision_date 
1 'Structure model' 1 0 2014-11-26 
2 'Structure model' 1 1 2014-12-10 
3 'Structure model' 1 2 2014-12-24 
4 'Structure model' 1 3 2023-12-20 
# 
_pdbx_audit_revision_details.ordinal             1 
_pdbx_audit_revision_details.revision_ordinal    1 
_pdbx_audit_revision_details.data_content_type   'Structure model' 
_pdbx_audit_revision_details.provider            repository 
_pdbx_audit_revision_details.type                'Initial release' 
_pdbx_audit_revision_details.description         ? 
_pdbx_audit_revision_details.details             ? 
# 
loop_
_pdbx_audit_revision_group.ordinal 
_pdbx_audit_revision_group.revision_ordinal 
_pdbx_audit_revision_group.data_content_type 
_pdbx_audit_revision_group.group 
1 2 'Structure model' 'Database references'    
2 3 'Structure model' 'Database references'    
3 4 'Structure model' 'Data collection'        
4 4 'Structure model' 'Database references'    
5 4 'Structure model' 'Derived calculations'   
6 4 'Structure model' 'Refinement description' 
# 
loop_
_pdbx_audit_revision_category.ordinal 
_pdbx_audit_revision_category.revision_ordinal 
_pdbx_audit_revision_category.data_content_type 
_pdbx_audit_revision_category.category 
1 4 'Structure model' chem_comp_atom                
2 4 'Structure model' chem_comp_bond                
3 4 'Structure model' database_2                    
4 4 'Structure model' pdbx_initial_refinement_model 
5 4 'Structure model' pdbx_struct_conn_angle        
6 4 'Structure model' struct_conn                   
# 
loop_
_pdbx_audit_revision_item.ordinal 
_pdbx_audit_revision_item.revision_ordinal 
_pdbx_audit_revision_item.data_content_type 
_pdbx_audit_revision_item.item 
1  4 'Structure model' '_database_2.pdbx_DOI'                      
2  4 'Structure model' '_database_2.pdbx_database_accession'       
3  4 'Structure model' '_pdbx_struct_conn_angle.ptnr1_auth_seq_id' 
4  4 'Structure model' '_pdbx_struct_conn_angle.ptnr1_symmetry'    
5  4 'Structure model' '_pdbx_struct_conn_angle.ptnr3_auth_seq_id' 
6  4 'Structure model' '_pdbx_struct_conn_angle.ptnr3_symmetry'    
7  4 'Structure model' '_pdbx_struct_conn_angle.value'             
8  4 'Structure model' '_struct_conn.pdbx_dist_value'              
9  4 'Structure model' '_struct_conn.ptnr2_auth_seq_id'            
10 4 'Structure model' '_struct_conn.ptnr2_symmetry'               
# 
_pdbx_phasing_MR.entry_id                     4TW6 
_pdbx_phasing_MR.method_rotation              ? 
_pdbx_phasing_MR.method_translation           ? 
_pdbx_phasing_MR.model_details                ? 
_pdbx_phasing_MR.R_factor                     ? 
_pdbx_phasing_MR.R_rigid_body                 ? 
_pdbx_phasing_MR.correlation_coeff_Fo_to_Fc   ? 
_pdbx_phasing_MR.correlation_coeff_Io_to_Ic   ? 
_pdbx_phasing_MR.d_res_high_rotation          2.500 
_pdbx_phasing_MR.d_res_low_rotation           36.870 
_pdbx_phasing_MR.d_res_high_translation       2.500 
_pdbx_phasing_MR.d_res_low_translation        36.870 
_pdbx_phasing_MR.packing                      ? 
_pdbx_phasing_MR.reflns_percent_rotation      ? 
_pdbx_phasing_MR.reflns_percent_translation   ? 
_pdbx_phasing_MR.sigma_F_rotation             ? 
_pdbx_phasing_MR.sigma_F_translation          ? 
_pdbx_phasing_MR.sigma_I_rotation             ? 
_pdbx_phasing_MR.sigma_I_translation          ? 
# 
_phasing.method   MR 
# 
loop_
_software.citation_id 
_software.classification 
_software.compiler_name 
_software.compiler_version 
_software.contact_author 
_software.contact_author_email 
_software.date 
_software.description 
_software.dependencies 
_software.hardware 
_software.language 
_software.location 
_software.mods 
_software.name 
_software.os 
_software.os_version 
_software.type 
_software.version 
_software.pdbx_ordinal 
? 'data scaling'    ? ? ? ? ? ? ? ? ? ? ? SCALA       ? ? ? 3.2.25   1 
? phasing           ? ? ? ? ? ? ? ? ? ? ? MOLREP      ? ? ? 6.0      2 
? 'data extraction' ? ? ? ? ? ? ? ? ? ? ? PDB_EXTRACT ? ? ? 3.14     3 
? refinement        ? ? ? ? ? ? ? ? ? ? ? REFMAC      ? ? ? 5.7.0029 4 
? 'data reduction'  ? ? ? ? ? ? ? ? ? ? ? XDS         ? ? ? .        5 
? 'data reduction'  ? ? ? ? ? ? ? ? ? ? ? XSCALE      ? ? ? .        6 
# 
loop_
_pdbx_validate_close_contact.id 
_pdbx_validate_close_contact.PDB_model_num 
_pdbx_validate_close_contact.auth_atom_id_1 
_pdbx_validate_close_contact.auth_asym_id_1 
_pdbx_validate_close_contact.auth_comp_id_1 
_pdbx_validate_close_contact.auth_seq_id_1 
_pdbx_validate_close_contact.PDB_ins_code_1 
_pdbx_validate_close_contact.label_alt_id_1 
_pdbx_validate_close_contact.auth_atom_id_2 
_pdbx_validate_close_contact.auth_asym_id_2 
_pdbx_validate_close_contact.auth_comp_id_2 
_pdbx_validate_close_contact.auth_seq_id_2 
_pdbx_validate_close_contact.PDB_ins_code_2 
_pdbx_validate_close_contact.label_alt_id_2 
_pdbx_validate_close_contact.dist 
1 1 OG A SER 27  ? ? O A HOH 301 ? ? 2.04 
2 1 O  A HOH 472 ? ? O A HOH 475 ? ? 2.05 
3 1 NZ A LYS 83  ? ? O A HOH 302 ? ? 2.06 
4 1 O  A HOH 434 ? ? O A HOH 492 ? ? 2.08 
5 1 O  A HOH 349 ? ? O A HOH 387 ? ? 2.08 
# 
_pdbx_validate_symm_contact.id                1 
_pdbx_validate_symm_contact.PDB_model_num     1 
_pdbx_validate_symm_contact.auth_atom_id_1    O 
_pdbx_validate_symm_contact.auth_asym_id_1    A 
_pdbx_validate_symm_contact.auth_comp_id_1    HOH 
_pdbx_validate_symm_contact.auth_seq_id_1     344 
_pdbx_validate_symm_contact.PDB_ins_code_1    ? 
_pdbx_validate_symm_contact.label_alt_id_1    ? 
_pdbx_validate_symm_contact.site_symmetry_1   1_555 
_pdbx_validate_symm_contact.auth_atom_id_2    O 
_pdbx_validate_symm_contact.auth_asym_id_2    A 
_pdbx_validate_symm_contact.auth_comp_id_2    HOH 
_pdbx_validate_symm_contact.auth_seq_id_2     397 
_pdbx_validate_symm_contact.PDB_ins_code_2    ? 
_pdbx_validate_symm_contact.label_alt_id_2    ? 
_pdbx_validate_symm_contact.site_symmetry_2   2_454 
_pdbx_validate_symm_contact.dist              2.16 
# 
loop_
_pdbx_validate_rmsd_bond.id 
_pdbx_validate_rmsd_bond.PDB_model_num 
_pdbx_validate_rmsd_bond.auth_atom_id_1 
_pdbx_validate_rmsd_bond.auth_asym_id_1 
_pdbx_validate_rmsd_bond.auth_comp_id_1 
_pdbx_validate_rmsd_bond.auth_seq_id_1 
_pdbx_validate_rmsd_bond.PDB_ins_code_1 
_pdbx_validate_rmsd_bond.label_alt_id_1 
_pdbx_validate_rmsd_bond.auth_atom_id_2 
_pdbx_validate_rmsd_bond.auth_asym_id_2 
_pdbx_validate_rmsd_bond.auth_comp_id_2 
_pdbx_validate_rmsd_bond.auth_seq_id_2 
_pdbx_validate_rmsd_bond.PDB_ins_code_2 
_pdbx_validate_rmsd_bond.label_alt_id_2 
_pdbx_validate_rmsd_bond.bond_value 
_pdbx_validate_rmsd_bond.bond_target_value 
_pdbx_validate_rmsd_bond.bond_deviation 
_pdbx_validate_rmsd_bond.bond_standard_deviation 
_pdbx_validate_rmsd_bond.linker_flag 
1 1 CE1 A TYR 54  ? ? CZ  A TYR 54  ? ? 1.280 1.381 -0.101 0.013 N 
2 1 CD  A GLU 110 ? ? OE1 A GLU 110 ? ? 1.347 1.252 0.095  0.011 N 
# 
loop_
_pdbx_validate_rmsd_angle.id 
_pdbx_validate_rmsd_angle.PDB_model_num 
_pdbx_validate_rmsd_angle.auth_atom_id_1 
_pdbx_validate_rmsd_angle.auth_asym_id_1 
_pdbx_validate_rmsd_angle.auth_comp_id_1 
_pdbx_validate_rmsd_angle.auth_seq_id_1 
_pdbx_validate_rmsd_angle.PDB_ins_code_1 
_pdbx_validate_rmsd_angle.label_alt_id_1 
_pdbx_validate_rmsd_angle.auth_atom_id_2 
_pdbx_validate_rmsd_angle.auth_asym_id_2 
_pdbx_validate_rmsd_angle.auth_comp_id_2 
_pdbx_validate_rmsd_angle.auth_seq_id_2 
_pdbx_validate_rmsd_angle.PDB_ins_code_2 
_pdbx_validate_rmsd_angle.label_alt_id_2 
_pdbx_validate_rmsd_angle.auth_atom_id_3 
_pdbx_validate_rmsd_angle.auth_asym_id_3 
_pdbx_validate_rmsd_angle.auth_comp_id_3 
_pdbx_validate_rmsd_angle.auth_seq_id_3 
_pdbx_validate_rmsd_angle.PDB_ins_code_3 
_pdbx_validate_rmsd_angle.label_alt_id_3 
_pdbx_validate_rmsd_angle.angle_value 
_pdbx_validate_rmsd_angle.angle_target_value 
_pdbx_validate_rmsd_angle.angle_deviation 
_pdbx_validate_rmsd_angle.angle_standard_deviation 
_pdbx_validate_rmsd_angle.linker_flag 
1 1 NE A ARG 73  ? ? CZ A ARG 73  ? ? NH2 A ARG 73  ? ? 125.01 120.30 4.71  0.50 N 
2 1 CB A ASP 136 ? ? CG A ASP 136 ? ? OD1 A ASP 136 ? ? 123.84 118.30 5.54  0.90 N 
3 1 CB A ASP 136 ? ? CG A ASP 136 ? ? OD2 A ASP 136 ? ? 109.78 118.30 -8.52 0.90 N 
# 
loop_
_pdbx_validate_torsion.id 
_pdbx_validate_torsion.PDB_model_num 
_pdbx_validate_torsion.auth_comp_id 
_pdbx_validate_torsion.auth_asym_id 
_pdbx_validate_torsion.auth_seq_id 
_pdbx_validate_torsion.PDB_ins_code 
_pdbx_validate_torsion.label_alt_id 
_pdbx_validate_torsion.phi 
_pdbx_validate_torsion.psi 
1 1 ARG A 73  ? ? 83.65   -4.24   
2 1 ASN A 74  ? ? -90.36  -75.41  
3 1 ALA A 112 ? ? -137.54 -114.72 
# 
loop_
_pdbx_unobs_or_zero_occ_atoms.id 
_pdbx_unobs_or_zero_occ_atoms.PDB_model_num 
_pdbx_unobs_or_zero_occ_atoms.polymer_flag 
_pdbx_unobs_or_zero_occ_atoms.occupancy_flag 
_pdbx_unobs_or_zero_occ_atoms.auth_asym_id 
_pdbx_unobs_or_zero_occ_atoms.auth_comp_id 
_pdbx_unobs_or_zero_occ_atoms.auth_seq_id 
_pdbx_unobs_or_zero_occ_atoms.PDB_ins_code 
_pdbx_unobs_or_zero_occ_atoms.auth_atom_id 
_pdbx_unobs_or_zero_occ_atoms.label_alt_id 
_pdbx_unobs_or_zero_occ_atoms.label_asym_id 
_pdbx_unobs_or_zero_occ_atoms.label_comp_id 
_pdbx_unobs_or_zero_occ_atoms.label_seq_id 
_pdbx_unobs_or_zero_occ_atoms.label_atom_id 
1 1 Y 1 A LYS 65 ? CG ? A LYS 53 CG 
2 1 Y 1 A LYS 65 ? CD ? A LYS 53 CD 
3 1 Y 1 A LYS 65 ? CE ? A LYS 53 CE 
4 1 Y 1 A LYS 65 ? NZ ? A LYS 53 NZ 
# 
loop_
_chem_comp_atom.comp_id 
_chem_comp_atom.atom_id 
_chem_comp_atom.type_symbol 
_chem_comp_atom.pdbx_aromatic_flag 
_chem_comp_atom.pdbx_stereo_config 
_chem_comp_atom.pdbx_ordinal 
37L CAD  C  N N 1   
37L OBE  O  N N 2   
37L CBS  C  Y N 3   
37L CAS  C  Y N 4   
37L CBU  C  Y N 5   
37L OBG  O  N N 6   
37L CAF  C  N N 7   
37L CBT  C  Y N 8   
37L OBF  O  N N 9   
37L CAE  C  N N 10  
37L CAT  C  Y N 11  
37L CBP  C  Y N 12  
37L CBW  C  N S 13  
37L CAW  C  N N 14  
37L CAK  C  N N 15  
37L CAA  C  N N 16  
37L CBL  C  N N 17  
37L OAI  O  N N 18  
37L N    N  N N 19  
37L CBB  C  N N 20  
37L CAV  C  N N 21  
37L CAU  C  N N 22  
37L CB   C  N N 23  
37L CA   C  N S 24  
37L C    C  N N 25  
37L O    O  N N 26  
37L OBI  O  N N 27  
37L CBV  C  N R 28  
37L CBA  C  N N 29  
37L CAY  C  N N 30  
37L CBM  C  Y N 31  
37L CAQ  C  Y N 32  
37L CAO  C  Y N 33  
37L CAP  C  Y N 34  
37L CBQ  C  Y N 35  
37L OBC  O  N N 36  
37L CAB  C  N N 37  
37L CBR  C  Y N 38  
37L OBD  O  N N 39  
37L CAC  C  N N 40  
37L CBO  C  Y N 41  
37L CAR  C  Y N 42  
37L CAN  C  Y N 43  
37L CAL  C  Y N 44  
37L CAM  C  Y N 45  
37L CBN  C  Y N 46  
37L OBH  O  N N 47  
37L CAX  C  N N 48  
37L CBJ  C  N N 49  
37L OAJ  O  N N 50  
37L OAG  O  N N 51  
37L H1   H  N N 52  
37L H2   H  N N 53  
37L H3   H  N N 54  
37L H4   H  N N 55  
37L H5   H  N N 56  
37L H6   H  N N 57  
37L H7   H  N N 58  
37L H8   H  N N 59  
37L H9   H  N N 60  
37L H10  H  N N 61  
37L H11  H  N N 62  
37L H12  H  N N 63  
37L H13  H  N N 64  
37L H14  H  N N 65  
37L H15  H  N N 66  
37L H16  H  N N 67  
37L H17  H  N N 68  
37L H18  H  N N 69  
37L H19  H  N N 70  
37L H20  H  N N 71  
37L H21  H  N N 72  
37L H22  H  N N 73  
37L H23  H  N N 74  
37L H24  H  N N 75  
37L H25  H  N N 76  
37L H26  H  N N 77  
37L H27  H  N N 78  
37L H28  H  N N 79  
37L H29  H  N N 80  
37L H30  H  N N 81  
37L H31  H  N N 82  
37L H32  H  N N 83  
37L H33  H  N N 84  
37L H34  H  N N 85  
37L H35  H  N N 86  
37L H36  H  N N 87  
37L H37  H  N N 88  
37L H38  H  N N 89  
37L H39  H  N N 90  
37L H40  H  N N 91  
37L H41  H  N N 92  
37L H42  H  N N 93  
37L H43  H  N N 94  
37L H44  H  N N 95  
37L H45  H  N N 96  
37L H46  H  N N 97  
37L H47  H  N N 98  
ALA N    N  N N 99  
ALA CA   C  N S 100 
ALA C    C  N N 101 
ALA O    O  N N 102 
ALA CB   C  N N 103 
ALA OXT  O  N N 104 
ALA H    H  N N 105 
ALA H2   H  N N 106 
ALA HA   H  N N 107 
ALA HB1  H  N N 108 
ALA HB2  H  N N 109 
ALA HB3  H  N N 110 
ALA HXT  H  N N 111 
ARG N    N  N N 112 
ARG CA   C  N S 113 
ARG C    C  N N 114 
ARG O    O  N N 115 
ARG CB   C  N N 116 
ARG CG   C  N N 117 
ARG CD   C  N N 118 
ARG NE   N  N N 119 
ARG CZ   C  N N 120 
ARG NH1  N  N N 121 
ARG NH2  N  N N 122 
ARG OXT  O  N N 123 
ARG H    H  N N 124 
ARG H2   H  N N 125 
ARG HA   H  N N 126 
ARG HB2  H  N N 127 
ARG HB3  H  N N 128 
ARG HG2  H  N N 129 
ARG HG3  H  N N 130 
ARG HD2  H  N N 131 
ARG HD3  H  N N 132 
ARG HE   H  N N 133 
ARG HH11 H  N N 134 
ARG HH12 H  N N 135 
ARG HH21 H  N N 136 
ARG HH22 H  N N 137 
ARG HXT  H  N N 138 
ASN N    N  N N 139 
ASN CA   C  N S 140 
ASN C    C  N N 141 
ASN O    O  N N 142 
ASN CB   C  N N 143 
ASN CG   C  N N 144 
ASN OD1  O  N N 145 
ASN ND2  N  N N 146 
ASN OXT  O  N N 147 
ASN H    H  N N 148 
ASN H2   H  N N 149 
ASN HA   H  N N 150 
ASN HB2  H  N N 151 
ASN HB3  H  N N 152 
ASN HD21 H  N N 153 
ASN HD22 H  N N 154 
ASN HXT  H  N N 155 
ASP N    N  N N 156 
ASP CA   C  N S 157 
ASP C    C  N N 158 
ASP O    O  N N 159 
ASP CB   C  N N 160 
ASP CG   C  N N 161 
ASP OD1  O  N N 162 
ASP OD2  O  N N 163 
ASP OXT  O  N N 164 
ASP H    H  N N 165 
ASP H2   H  N N 166 
ASP HA   H  N N 167 
ASP HB2  H  N N 168 
ASP HB3  H  N N 169 
ASP HD2  H  N N 170 
ASP HXT  H  N N 171 
CYS N    N  N N 172 
CYS CA   C  N R 173 
CYS C    C  N N 174 
CYS O    O  N N 175 
CYS CB   C  N N 176 
CYS SG   S  N N 177 
CYS OXT  O  N N 178 
CYS H    H  N N 179 
CYS H2   H  N N 180 
CYS HA   H  N N 181 
CYS HB2  H  N N 182 
CYS HB3  H  N N 183 
CYS HG   H  N N 184 
CYS HXT  H  N N 185 
GLN N    N  N N 186 
GLN CA   C  N S 187 
GLN C    C  N N 188 
GLN O    O  N N 189 
GLN CB   C  N N 190 
GLN CG   C  N N 191 
GLN CD   C  N N 192 
GLN OE1  O  N N 193 
GLN NE2  N  N N 194 
GLN OXT  O  N N 195 
GLN H    H  N N 196 
GLN H2   H  N N 197 
GLN HA   H  N N 198 
GLN HB2  H  N N 199 
GLN HB3  H  N N 200 
GLN HG2  H  N N 201 
GLN HG3  H  N N 202 
GLN HE21 H  N N 203 
GLN HE22 H  N N 204 
GLN HXT  H  N N 205 
GLU N    N  N N 206 
GLU CA   C  N S 207 
GLU C    C  N N 208 
GLU O    O  N N 209 
GLU CB   C  N N 210 
GLU CG   C  N N 211 
GLU CD   C  N N 212 
GLU OE1  O  N N 213 
GLU OE2  O  N N 214 
GLU OXT  O  N N 215 
GLU H    H  N N 216 
GLU H2   H  N N 217 
GLU HA   H  N N 218 
GLU HB2  H  N N 219 
GLU HB3  H  N N 220 
GLU HG2  H  N N 221 
GLU HG3  H  N N 222 
GLU HE2  H  N N 223 
GLU HXT  H  N N 224 
GLY N    N  N N 225 
GLY CA   C  N N 226 
GLY C    C  N N 227 
GLY O    O  N N 228 
GLY OXT  O  N N 229 
GLY H    H  N N 230 
GLY H2   H  N N 231 
GLY HA2  H  N N 232 
GLY HA3  H  N N 233 
GLY HXT  H  N N 234 
GOL C1   C  N N 235 
GOL O1   O  N N 236 
GOL C2   C  N N 237 
GOL O2   O  N N 238 
GOL C3   C  N N 239 
GOL O3   O  N N 240 
GOL H11  H  N N 241 
GOL H12  H  N N 242 
GOL HO1  H  N N 243 
GOL H2   H  N N 244 
GOL HO2  H  N N 245 
GOL H31  H  N N 246 
GOL H32  H  N N 247 
GOL HO3  H  N N 248 
HIS N    N  N N 249 
HIS CA   C  N S 250 
HIS C    C  N N 251 
HIS O    O  N N 252 
HIS CB   C  N N 253 
HIS CG   C  Y N 254 
HIS ND1  N  Y N 255 
HIS CD2  C  Y N 256 
HIS CE1  C  Y N 257 
HIS NE2  N  Y N 258 
HIS OXT  O  N N 259 
HIS H    H  N N 260 
HIS H2   H  N N 261 
HIS HA   H  N N 262 
HIS HB2  H  N N 263 
HIS HB3  H  N N 264 
HIS HD1  H  N N 265 
HIS HD2  H  N N 266 
HIS HE1  H  N N 267 
HIS HE2  H  N N 268 
HIS HXT  H  N N 269 
HOH O    O  N N 270 
HOH H1   H  N N 271 
HOH H2   H  N N 272 
ILE N    N  N N 273 
ILE CA   C  N S 274 
ILE C    C  N N 275 
ILE O    O  N N 276 
ILE CB   C  N S 277 
ILE CG1  C  N N 278 
ILE CG2  C  N N 279 
ILE CD1  C  N N 280 
ILE OXT  O  N N 281 
ILE H    H  N N 282 
ILE H2   H  N N 283 
ILE HA   H  N N 284 
ILE HB   H  N N 285 
ILE HG12 H  N N 286 
ILE HG13 H  N N 287 
ILE HG21 H  N N 288 
ILE HG22 H  N N 289 
ILE HG23 H  N N 290 
ILE HD11 H  N N 291 
ILE HD12 H  N N 292 
ILE HD13 H  N N 293 
ILE HXT  H  N N 294 
LEU N    N  N N 295 
LEU CA   C  N S 296 
LEU C    C  N N 297 
LEU O    O  N N 298 
LEU CB   C  N N 299 
LEU CG   C  N N 300 
LEU CD1  C  N N 301 
LEU CD2  C  N N 302 
LEU OXT  O  N N 303 
LEU H    H  N N 304 
LEU H2   H  N N 305 
LEU HA   H  N N 306 
LEU HB2  H  N N 307 
LEU HB3  H  N N 308 
LEU HG   H  N N 309 
LEU HD11 H  N N 310 
LEU HD12 H  N N 311 
LEU HD13 H  N N 312 
LEU HD21 H  N N 313 
LEU HD22 H  N N 314 
LEU HD23 H  N N 315 
LEU HXT  H  N N 316 
LYS N    N  N N 317 
LYS CA   C  N S 318 
LYS C    C  N N 319 
LYS O    O  N N 320 
LYS CB   C  N N 321 
LYS CG   C  N N 322 
LYS CD   C  N N 323 
LYS CE   C  N N 324 
LYS NZ   N  N N 325 
LYS OXT  O  N N 326 
LYS H    H  N N 327 
LYS H2   H  N N 328 
LYS HA   H  N N 329 
LYS HB2  H  N N 330 
LYS HB3  H  N N 331 
LYS HG2  H  N N 332 
LYS HG3  H  N N 333 
LYS HD2  H  N N 334 
LYS HD3  H  N N 335 
LYS HE2  H  N N 336 
LYS HE3  H  N N 337 
LYS HZ1  H  N N 338 
LYS HZ2  H  N N 339 
LYS HZ3  H  N N 340 
LYS HXT  H  N N 341 
MET N    N  N N 342 
MET CA   C  N S 343 
MET C    C  N N 344 
MET O    O  N N 345 
MET CB   C  N N 346 
MET CG   C  N N 347 
MET SD   S  N N 348 
MET CE   C  N N 349 
MET OXT  O  N N 350 
MET H    H  N N 351 
MET H2   H  N N 352 
MET HA   H  N N 353 
MET HB2  H  N N 354 
MET HB3  H  N N 355 
MET HG2  H  N N 356 
MET HG3  H  N N 357 
MET HE1  H  N N 358 
MET HE2  H  N N 359 
MET HE3  H  N N 360 
MET HXT  H  N N 361 
NA  NA   NA N N 362 
PHE N    N  N N 363 
PHE CA   C  N S 364 
PHE C    C  N N 365 
PHE O    O  N N 366 
PHE CB   C  N N 367 
PHE CG   C  Y N 368 
PHE CD1  C  Y N 369 
PHE CD2  C  Y N 370 
PHE CE1  C  Y N 371 
PHE CE2  C  Y N 372 
PHE CZ   C  Y N 373 
PHE OXT  O  N N 374 
PHE H    H  N N 375 
PHE H2   H  N N 376 
PHE HA   H  N N 377 
PHE HB2  H  N N 378 
PHE HB3  H  N N 379 
PHE HD1  H  N N 380 
PHE HD2  H  N N 381 
PHE HE1  H  N N 382 
PHE HE2  H  N N 383 
PHE HZ   H  N N 384 
PHE HXT  H  N N 385 
PRO N    N  N N 386 
PRO CA   C  N S 387 
PRO C    C  N N 388 
PRO O    O  N N 389 
PRO CB   C  N N 390 
PRO CG   C  N N 391 
PRO CD   C  N N 392 
PRO OXT  O  N N 393 
PRO H    H  N N 394 
PRO HA   H  N N 395 
PRO HB2  H  N N 396 
PRO HB3  H  N N 397 
PRO HG2  H  N N 398 
PRO HG3  H  N N 399 
PRO HD2  H  N N 400 
PRO HD3  H  N N 401 
PRO HXT  H  N N 402 
SER N    N  N N 403 
SER CA   C  N S 404 
SER C    C  N N 405 
SER O    O  N N 406 
SER CB   C  N N 407 
SER OG   O  N N 408 
SER OXT  O  N N 409 
SER H    H  N N 410 
SER H2   H  N N 411 
SER HA   H  N N 412 
SER HB2  H  N N 413 
SER HB3  H  N N 414 
SER HG   H  N N 415 
SER HXT  H  N N 416 
THR N    N  N N 417 
THR CA   C  N S 418 
THR C    C  N N 419 
THR O    O  N N 420 
THR CB   C  N R 421 
THR OG1  O  N N 422 
THR CG2  C  N N 423 
THR OXT  O  N N 424 
THR H    H  N N 425 
THR H2   H  N N 426 
THR HA   H  N N 427 
THR HB   H  N N 428 
THR HG1  H  N N 429 
THR HG21 H  N N 430 
THR HG22 H  N N 431 
THR HG23 H  N N 432 
THR HXT  H  N N 433 
TRP N    N  N N 434 
TRP CA   C  N S 435 
TRP C    C  N N 436 
TRP O    O  N N 437 
TRP CB   C  N N 438 
TRP CG   C  Y N 439 
TRP CD1  C  Y N 440 
TRP CD2  C  Y N 441 
TRP NE1  N  Y N 442 
TRP CE2  C  Y N 443 
TRP CE3  C  Y N 444 
TRP CZ2  C  Y N 445 
TRP CZ3  C  Y N 446 
TRP CH2  C  Y N 447 
TRP OXT  O  N N 448 
TRP H    H  N N 449 
TRP H2   H  N N 450 
TRP HA   H  N N 451 
TRP HB2  H  N N 452 
TRP HB3  H  N N 453 
TRP HD1  H  N N 454 
TRP HE1  H  N N 455 
TRP HE3  H  N N 456 
TRP HZ2  H  N N 457 
TRP HZ3  H  N N 458 
TRP HH2  H  N N 459 
TRP HXT  H  N N 460 
TYR N    N  N N 461 
TYR CA   C  N S 462 
TYR C    C  N N 463 
TYR O    O  N N 464 
TYR CB   C  N N 465 
TYR CG   C  Y N 466 
TYR CD1  C  Y N 467 
TYR CD2  C  Y N 468 
TYR CE1  C  Y N 469 
TYR CE2  C  Y N 470 
TYR CZ   C  Y N 471 
TYR OH   O  N N 472 
TYR OXT  O  N N 473 
TYR H    H  N N 474 
TYR H2   H  N N 475 
TYR HA   H  N N 476 
TYR HB2  H  N N 477 
TYR HB3  H  N N 478 
TYR HD1  H  N N 479 
TYR HD2  H  N N 480 
TYR HE1  H  N N 481 
TYR HE2  H  N N 482 
TYR HH   H  N N 483 
TYR HXT  H  N N 484 
VAL N    N  N N 485 
VAL CA   C  N S 486 
VAL C    C  N N 487 
VAL O    O  N N 488 
VAL CB   C  N N 489 
VAL CG1  C  N N 490 
VAL CG2  C  N N 491 
VAL OXT  O  N N 492 
VAL H    H  N N 493 
VAL H2   H  N N 494 
VAL HA   H  N N 495 
VAL HB   H  N N 496 
VAL HG11 H  N N 497 
VAL HG12 H  N N 498 
VAL HG13 H  N N 499 
VAL HG21 H  N N 500 
VAL HG22 H  N N 501 
VAL HG23 H  N N 502 
VAL HXT  H  N N 503 
# 
loop_
_chem_comp_bond.comp_id 
_chem_comp_bond.atom_id_1 
_chem_comp_bond.atom_id_2 
_chem_comp_bond.value_order 
_chem_comp_bond.pdbx_aromatic_flag 
_chem_comp_bond.pdbx_stereo_config 
_chem_comp_bond.pdbx_ordinal 
37L CAA CAK  doub N N 1   
37L CAK CAW  sing N N 2   
37L CAW CBW  sing N N 3   
37L OAI CBL  doub N N 4   
37L CBL CBW  sing N N 5   
37L CBL N    sing N N 6   
37L CB  CA   sing N N 7   
37L CB  CAU  sing N N 8   
37L CA  N    sing N N 9   
37L CA  C    sing N N 10  
37L CBW CBP  sing N N 11  
37L N   CBB  sing N N 12  
37L CAU CAV  sing N N 13  
37L CAV CBB  sing N N 14  
37L C   O    doub N N 15  
37L C   OBI  sing N N 16  
37L CBP CAT  doub Y N 17  
37L CBP CAS  sing Y N 18  
37L CAT CBT  sing Y N 19  
37L OBD CAC  sing N N 20  
37L OBD CBR  sing N N 21  
37L CAE OBF  sing N N 22  
37L OBI CBV  sing N N 23  
37L OBC CAB  sing N N 24  
37L OBC CBQ  sing N N 25  
37L CAS CBS  doub Y N 26  
37L CBR CBQ  doub Y N 27  
37L CBR CAQ  sing Y N 28  
37L CBT OBF  sing N N 29  
37L CBT CBU  doub Y N 30  
37L CBQ CAP  sing Y N 31  
37L CAQ CBM  doub Y N 32  
37L CBV CBA  sing N N 33  
37L CBV CBO  sing N N 34  
37L CBA CAY  sing N N 35  
37L CBS CBU  sing Y N 36  
37L CBS OBE  sing N N 37  
37L CAP CAO  doub Y N 38  
37L CBU OBG  sing N N 39  
37L CBM CAO  sing Y N 40  
37L CBM CAY  sing N N 41  
37L CBO CAN  doub Y N 42  
37L CBO CAR  sing Y N 43  
37L CAD OBE  sing N N 44  
37L CAN CAL  sing Y N 45  
37L CAR CBN  doub Y N 46  
37L OBG CAF  sing N N 47  
37L CAL CAM  doub Y N 48  
37L CBN CAM  sing Y N 49  
37L CBN OBH  sing N N 50  
37L OBH CAX  sing N N 51  
37L CAX CBJ  sing N N 52  
37L CBJ OAG  doub N N 53  
37L CBJ OAJ  sing N N 54  
37L CAD H1   sing N N 55  
37L CAD H2   sing N N 56  
37L CAD H3   sing N N 57  
37L CAS H4   sing N N 58  
37L CAF H5   sing N N 59  
37L CAF H6   sing N N 60  
37L CAF H7   sing N N 61  
37L CAE H8   sing N N 62  
37L CAE H9   sing N N 63  
37L CAE H10  sing N N 64  
37L CAT H11  sing N N 65  
37L CBW H12  sing N N 66  
37L CAW H13  sing N N 67  
37L CAW H14  sing N N 68  
37L CAK H15  sing N N 69  
37L CAA H16  sing N N 70  
37L CAA H17  sing N N 71  
37L CBB H18  sing N N 72  
37L CBB H19  sing N N 73  
37L CAV H20  sing N N 74  
37L CAV H21  sing N N 75  
37L CAU H22  sing N N 76  
37L CAU H23  sing N N 77  
37L CB  H24  sing N N 78  
37L CB  H25  sing N N 79  
37L CA  H26  sing N N 80  
37L CBV H27  sing N N 81  
37L CBA H28  sing N N 82  
37L CBA H29  sing N N 83  
37L CAY H30  sing N N 84  
37L CAY H31  sing N N 85  
37L CAQ H32  sing N N 86  
37L CAO H33  sing N N 87  
37L CAP H34  sing N N 88  
37L CAB H35  sing N N 89  
37L CAB H36  sing N N 90  
37L CAB H37  sing N N 91  
37L CAC H38  sing N N 92  
37L CAC H39  sing N N 93  
37L CAC H40  sing N N 94  
37L CAR H41  sing N N 95  
37L CAN H42  sing N N 96  
37L CAL H43  sing N N 97  
37L CAM H44  sing N N 98  
37L CAX H45  sing N N 99  
37L CAX H46  sing N N 100 
37L OAJ H47  sing N N 101 
ALA N   CA   sing N N 102 
ALA N   H    sing N N 103 
ALA N   H2   sing N N 104 
ALA CA  C    sing N N 105 
ALA CA  CB   sing N N 106 
ALA CA  HA   sing N N 107 
ALA C   O    doub N N 108 
ALA C   OXT  sing N N 109 
ALA CB  HB1  sing N N 110 
ALA CB  HB2  sing N N 111 
ALA CB  HB3  sing N N 112 
ALA OXT HXT  sing N N 113 
ARG N   CA   sing N N 114 
ARG N   H    sing N N 115 
ARG N   H2   sing N N 116 
ARG CA  C    sing N N 117 
ARG CA  CB   sing N N 118 
ARG CA  HA   sing N N 119 
ARG C   O    doub N N 120 
ARG C   OXT  sing N N 121 
ARG CB  CG   sing N N 122 
ARG CB  HB2  sing N N 123 
ARG CB  HB3  sing N N 124 
ARG CG  CD   sing N N 125 
ARG CG  HG2  sing N N 126 
ARG CG  HG3  sing N N 127 
ARG CD  NE   sing N N 128 
ARG CD  HD2  sing N N 129 
ARG CD  HD3  sing N N 130 
ARG NE  CZ   sing N N 131 
ARG NE  HE   sing N N 132 
ARG CZ  NH1  sing N N 133 
ARG CZ  NH2  doub N N 134 
ARG NH1 HH11 sing N N 135 
ARG NH1 HH12 sing N N 136 
ARG NH2 HH21 sing N N 137 
ARG NH2 HH22 sing N N 138 
ARG OXT HXT  sing N N 139 
ASN N   CA   sing N N 140 
ASN N   H    sing N N 141 
ASN N   H2   sing N N 142 
ASN CA  C    sing N N 143 
ASN CA  CB   sing N N 144 
ASN CA  HA   sing N N 145 
ASN C   O    doub N N 146 
ASN C   OXT  sing N N 147 
ASN CB  CG   sing N N 148 
ASN CB  HB2  sing N N 149 
ASN CB  HB3  sing N N 150 
ASN CG  OD1  doub N N 151 
ASN CG  ND2  sing N N 152 
ASN ND2 HD21 sing N N 153 
ASN ND2 HD22 sing N N 154 
ASN OXT HXT  sing N N 155 
ASP N   CA   sing N N 156 
ASP N   H    sing N N 157 
ASP N   H2   sing N N 158 
ASP CA  C    sing N N 159 
ASP CA  CB   sing N N 160 
ASP CA  HA   sing N N 161 
ASP C   O    doub N N 162 
ASP C   OXT  sing N N 163 
ASP CB  CG   sing N N 164 
ASP CB  HB2  sing N N 165 
ASP CB  HB3  sing N N 166 
ASP CG  OD1  doub N N 167 
ASP CG  OD2  sing N N 168 
ASP OD2 HD2  sing N N 169 
ASP OXT HXT  sing N N 170 
CYS N   CA   sing N N 171 
CYS N   H    sing N N 172 
CYS N   H2   sing N N 173 
CYS CA  C    sing N N 174 
CYS CA  CB   sing N N 175 
CYS CA  HA   sing N N 176 
CYS C   O    doub N N 177 
CYS C   OXT  sing N N 178 
CYS CB  SG   sing N N 179 
CYS CB  HB2  sing N N 180 
CYS CB  HB3  sing N N 181 
CYS SG  HG   sing N N 182 
CYS OXT HXT  sing N N 183 
GLN N   CA   sing N N 184 
GLN N   H    sing N N 185 
GLN N   H2   sing N N 186 
GLN CA  C    sing N N 187 
GLN CA  CB   sing N N 188 
GLN CA  HA   sing N N 189 
GLN C   O    doub N N 190 
GLN C   OXT  sing N N 191 
GLN CB  CG   sing N N 192 
GLN CB  HB2  sing N N 193 
GLN CB  HB3  sing N N 194 
GLN CG  CD   sing N N 195 
GLN CG  HG2  sing N N 196 
GLN CG  HG3  sing N N 197 
GLN CD  OE1  doub N N 198 
GLN CD  NE2  sing N N 199 
GLN NE2 HE21 sing N N 200 
GLN NE2 HE22 sing N N 201 
GLN OXT HXT  sing N N 202 
GLU N   CA   sing N N 203 
GLU N   H    sing N N 204 
GLU N   H2   sing N N 205 
GLU CA  C    sing N N 206 
GLU CA  CB   sing N N 207 
GLU CA  HA   sing N N 208 
GLU C   O    doub N N 209 
GLU C   OXT  sing N N 210 
GLU CB  CG   sing N N 211 
GLU CB  HB2  sing N N 212 
GLU CB  HB3  sing N N 213 
GLU CG  CD   sing N N 214 
GLU CG  HG2  sing N N 215 
GLU CG  HG3  sing N N 216 
GLU CD  OE1  doub N N 217 
GLU CD  OE2  sing N N 218 
GLU OE2 HE2  sing N N 219 
GLU OXT HXT  sing N N 220 
GLY N   CA   sing N N 221 
GLY N   H    sing N N 222 
GLY N   H2   sing N N 223 
GLY CA  C    sing N N 224 
GLY CA  HA2  sing N N 225 
GLY CA  HA3  sing N N 226 
GLY C   O    doub N N 227 
GLY C   OXT  sing N N 228 
GLY OXT HXT  sing N N 229 
GOL C1  O1   sing N N 230 
GOL C1  C2   sing N N 231 
GOL C1  H11  sing N N 232 
GOL C1  H12  sing N N 233 
GOL O1  HO1  sing N N 234 
GOL C2  O2   sing N N 235 
GOL C2  C3   sing N N 236 
GOL C2  H2   sing N N 237 
GOL O2  HO2  sing N N 238 
GOL C3  O3   sing N N 239 
GOL C3  H31  sing N N 240 
GOL C3  H32  sing N N 241 
GOL O3  HO3  sing N N 242 
HIS N   CA   sing N N 243 
HIS N   H    sing N N 244 
HIS N   H2   sing N N 245 
HIS CA  C    sing N N 246 
HIS CA  CB   sing N N 247 
HIS CA  HA   sing N N 248 
HIS C   O    doub N N 249 
HIS C   OXT  sing N N 250 
HIS CB  CG   sing N N 251 
HIS CB  HB2  sing N N 252 
HIS CB  HB3  sing N N 253 
HIS CG  ND1  sing Y N 254 
HIS CG  CD2  doub Y N 255 
HIS ND1 CE1  doub Y N 256 
HIS ND1 HD1  sing N N 257 
HIS CD2 NE2  sing Y N 258 
HIS CD2 HD2  sing N N 259 
HIS CE1 NE2  sing Y N 260 
HIS CE1 HE1  sing N N 261 
HIS NE2 HE2  sing N N 262 
HIS OXT HXT  sing N N 263 
HOH O   H1   sing N N 264 
HOH O   H2   sing N N 265 
ILE N   CA   sing N N 266 
ILE N   H    sing N N 267 
ILE N   H2   sing N N 268 
ILE CA  C    sing N N 269 
ILE CA  CB   sing N N 270 
ILE CA  HA   sing N N 271 
ILE C   O    doub N N 272 
ILE C   OXT  sing N N 273 
ILE CB  CG1  sing N N 274 
ILE CB  CG2  sing N N 275 
ILE CB  HB   sing N N 276 
ILE CG1 CD1  sing N N 277 
ILE CG1 HG12 sing N N 278 
ILE CG1 HG13 sing N N 279 
ILE CG2 HG21 sing N N 280 
ILE CG2 HG22 sing N N 281 
ILE CG2 HG23 sing N N 282 
ILE CD1 HD11 sing N N 283 
ILE CD1 HD12 sing N N 284 
ILE CD1 HD13 sing N N 285 
ILE OXT HXT  sing N N 286 
LEU N   CA   sing N N 287 
LEU N   H    sing N N 288 
LEU N   H2   sing N N 289 
LEU CA  C    sing N N 290 
LEU CA  CB   sing N N 291 
LEU CA  HA   sing N N 292 
LEU C   O    doub N N 293 
LEU C   OXT  sing N N 294 
LEU CB  CG   sing N N 295 
LEU CB  HB2  sing N N 296 
LEU CB  HB3  sing N N 297 
LEU CG  CD1  sing N N 298 
LEU CG  CD2  sing N N 299 
LEU CG  HG   sing N N 300 
LEU CD1 HD11 sing N N 301 
LEU CD1 HD12 sing N N 302 
LEU CD1 HD13 sing N N 303 
LEU CD2 HD21 sing N N 304 
LEU CD2 HD22 sing N N 305 
LEU CD2 HD23 sing N N 306 
LEU OXT HXT  sing N N 307 
LYS N   CA   sing N N 308 
LYS N   H    sing N N 309 
LYS N   H2   sing N N 310 
LYS CA  C    sing N N 311 
LYS CA  CB   sing N N 312 
LYS CA  HA   sing N N 313 
LYS C   O    doub N N 314 
LYS C   OXT  sing N N 315 
LYS CB  CG   sing N N 316 
LYS CB  HB2  sing N N 317 
LYS CB  HB3  sing N N 318 
LYS CG  CD   sing N N 319 
LYS CG  HG2  sing N N 320 
LYS CG  HG3  sing N N 321 
LYS CD  CE   sing N N 322 
LYS CD  HD2  sing N N 323 
LYS CD  HD3  sing N N 324 
LYS CE  NZ   sing N N 325 
LYS CE  HE2  sing N N 326 
LYS CE  HE3  sing N N 327 
LYS NZ  HZ1  sing N N 328 
LYS NZ  HZ2  sing N N 329 
LYS NZ  HZ3  sing N N 330 
LYS OXT HXT  sing N N 331 
MET N   CA   sing N N 332 
MET N   H    sing N N 333 
MET N   H2   sing N N 334 
MET CA  C    sing N N 335 
MET CA  CB   sing N N 336 
MET CA  HA   sing N N 337 
MET C   O    doub N N 338 
MET C   OXT  sing N N 339 
MET CB  CG   sing N N 340 
MET CB  HB2  sing N N 341 
MET CB  HB3  sing N N 342 
MET CG  SD   sing N N 343 
MET CG  HG2  sing N N 344 
MET CG  HG3  sing N N 345 
MET SD  CE   sing N N 346 
MET CE  HE1  sing N N 347 
MET CE  HE2  sing N N 348 
MET CE  HE3  sing N N 349 
MET OXT HXT  sing N N 350 
PHE N   CA   sing N N 351 
PHE N   H    sing N N 352 
PHE N   H2   sing N N 353 
PHE CA  C    sing N N 354 
PHE CA  CB   sing N N 355 
PHE CA  HA   sing N N 356 
PHE C   O    doub N N 357 
PHE C   OXT  sing N N 358 
PHE CB  CG   sing N N 359 
PHE CB  HB2  sing N N 360 
PHE CB  HB3  sing N N 361 
PHE CG  CD1  doub Y N 362 
PHE CG  CD2  sing Y N 363 
PHE CD1 CE1  sing Y N 364 
PHE CD1 HD1  sing N N 365 
PHE CD2 CE2  doub Y N 366 
PHE CD2 HD2  sing N N 367 
PHE CE1 CZ   doub Y N 368 
PHE CE1 HE1  sing N N 369 
PHE CE2 CZ   sing Y N 370 
PHE CE2 HE2  sing N N 371 
PHE CZ  HZ   sing N N 372 
PHE OXT HXT  sing N N 373 
PRO N   CA   sing N N 374 
PRO N   CD   sing N N 375 
PRO N   H    sing N N 376 
PRO CA  C    sing N N 377 
PRO CA  CB   sing N N 378 
PRO CA  HA   sing N N 379 
PRO C   O    doub N N 380 
PRO C   OXT  sing N N 381 
PRO CB  CG   sing N N 382 
PRO CB  HB2  sing N N 383 
PRO CB  HB3  sing N N 384 
PRO CG  CD   sing N N 385 
PRO CG  HG2  sing N N 386 
PRO CG  HG3  sing N N 387 
PRO CD  HD2  sing N N 388 
PRO CD  HD3  sing N N 389 
PRO OXT HXT  sing N N 390 
SER N   CA   sing N N 391 
SER N   H    sing N N 392 
SER N   H2   sing N N 393 
SER CA  C    sing N N 394 
SER CA  CB   sing N N 395 
SER CA  HA   sing N N 396 
SER C   O    doub N N 397 
SER C   OXT  sing N N 398 
SER CB  OG   sing N N 399 
SER CB  HB2  sing N N 400 
SER CB  HB3  sing N N 401 
SER OG  HG   sing N N 402 
SER OXT HXT  sing N N 403 
THR N   CA   sing N N 404 
THR N   H    sing N N 405 
THR N   H2   sing N N 406 
THR CA  C    sing N N 407 
THR CA  CB   sing N N 408 
THR CA  HA   sing N N 409 
THR C   O    doub N N 410 
THR C   OXT  sing N N 411 
THR CB  OG1  sing N N 412 
THR CB  CG2  sing N N 413 
THR CB  HB   sing N N 414 
THR OG1 HG1  sing N N 415 
THR CG2 HG21 sing N N 416 
THR CG2 HG22 sing N N 417 
THR CG2 HG23 sing N N 418 
THR OXT HXT  sing N N 419 
TRP N   CA   sing N N 420 
TRP N   H    sing N N 421 
TRP N   H2   sing N N 422 
TRP CA  C    sing N N 423 
TRP CA  CB   sing N N 424 
TRP CA  HA   sing N N 425 
TRP C   O    doub N N 426 
TRP C   OXT  sing N N 427 
TRP CB  CG   sing N N 428 
TRP CB  HB2  sing N N 429 
TRP CB  HB3  sing N N 430 
TRP CG  CD1  doub Y N 431 
TRP CG  CD2  sing Y N 432 
TRP CD1 NE1  sing Y N 433 
TRP CD1 HD1  sing N N 434 
TRP CD2 CE2  doub Y N 435 
TRP CD2 CE3  sing Y N 436 
TRP NE1 CE2  sing Y N 437 
TRP NE1 HE1  sing N N 438 
TRP CE2 CZ2  sing Y N 439 
TRP CE3 CZ3  doub Y N 440 
TRP CE3 HE3  sing N N 441 
TRP CZ2 CH2  doub Y N 442 
TRP CZ2 HZ2  sing N N 443 
TRP CZ3 CH2  sing Y N 444 
TRP CZ3 HZ3  sing N N 445 
TRP CH2 HH2  sing N N 446 
TRP OXT HXT  sing N N 447 
TYR N   CA   sing N N 448 
TYR N   H    sing N N 449 
TYR N   H2   sing N N 450 
TYR CA  C    sing N N 451 
TYR CA  CB   sing N N 452 
TYR CA  HA   sing N N 453 
TYR C   O    doub N N 454 
TYR C   OXT  sing N N 455 
TYR CB  CG   sing N N 456 
TYR CB  HB2  sing N N 457 
TYR CB  HB3  sing N N 458 
TYR CG  CD1  doub Y N 459 
TYR CG  CD2  sing Y N 460 
TYR CD1 CE1  sing Y N 461 
TYR CD1 HD1  sing N N 462 
TYR CD2 CE2  doub Y N 463 
TYR CD2 HD2  sing N N 464 
TYR CE1 CZ   doub Y N 465 
TYR CE1 HE1  sing N N 466 
TYR CE2 CZ   sing Y N 467 
TYR CE2 HE2  sing N N 468 
TYR CZ  OH   sing N N 469 
TYR OH  HH   sing N N 470 
TYR OXT HXT  sing N N 471 
VAL N   CA   sing N N 472 
VAL N   H    sing N N 473 
VAL N   H2   sing N N 474 
VAL CA  C    sing N N 475 
VAL CA  CB   sing N N 476 
VAL CA  HA   sing N N 477 
VAL C   O    doub N N 478 
VAL C   OXT  sing N N 479 
VAL CB  CG1  sing N N 480 
VAL CB  CG2  sing N N 481 
VAL CB  HB   sing N N 482 
VAL CG1 HG11 sing N N 483 
VAL CG1 HG12 sing N N 484 
VAL CG1 HG13 sing N N 485 
VAL CG2 HG21 sing N N 486 
VAL CG2 HG22 sing N N 487 
VAL CG2 HG23 sing N N 488 
VAL OXT HXT  sing N N 489 
# 
loop_
_pdbx_entity_nonpoly.entity_id 
_pdbx_entity_nonpoly.name 
_pdbx_entity_nonpoly.comp_id 
2 
;(3-{(1R)-3-(3,4-dimethoxyphenyl)-1-[({(2S)-1-[(2S)-2-(3,4,5-trimethoxyphenyl)pent-4-enoyl]piperidin-2-yl}carbonyl)oxy]propyl}phenoxy)acetic acid
;
37L 
3 GLYCEROL GOL 
4 'SODIUM ION' NA  
5 water HOH 
# 
_pdbx_initial_refinement_model.id               1 
_pdbx_initial_refinement_model.entity_id_list   ? 
_pdbx_initial_refinement_model.type             'experimental model' 
_pdbx_initial_refinement_model.source_name      PDB 
_pdbx_initial_refinement_model.accession_code   3O5P 
_pdbx_initial_refinement_model.details          ? 
# 
